data_8S9B
#
_entry.id   8S9B
#
_cell.length_a   1.00
_cell.length_b   1.00
_cell.length_c   1.00
_cell.angle_alpha   90.00
_cell.angle_beta   90.00
_cell.angle_gamma   90.00
#
_symmetry.space_group_name_H-M   'P 1'
#
loop_
_entity.id
_entity.type
_entity.pdbx_description
1 polymer 'Sodium channel protein type 9 subunit alpha'
2 polymer 'Sodium channel subunit beta-1'
3 polymer 'Sodium channel subunit beta-2'
4 branched 2-acetamido-2-deoxy-beta-D-glucopyranose-(1-4)-2-acetamido-2-deoxy-beta-D-glucopyranose
5 non-polymer 2-acetamido-2-deoxy-beta-D-glucopyranose
6 non-polymer lacosamide
7 non-polymer O-[(R)-{[(2R)-2,3-bis(octadecanoyloxy)propyl]oxy}(hydroxy)phosphoryl]-L-serine
8 non-polymer 'CHOLESTEROL HEMISUCCINATE'
9 non-polymer 1-O-OCTADECYL-SN-GLYCERO-3-PHOSPHOCHOLINE
10 non-polymer 1,2-DIOLEOYL-SN-GLYCERO-3-PHOSPHOCHOLINE
11 water water
#
loop_
_entity_poly.entity_id
_entity_poly.type
_entity_poly.pdbx_seq_one_letter_code
_entity_poly.pdbx_strand_id
1 'polypeptide(L)'
;MAMLPPPGPQSFVHFTKQSLALIEQRIAERKSKEPKEEKKDDDEEAPKPSSDLEAGKQLPFIYGDIPPGMVSEPLEDLDP
YYADKKTFIVLNKGKTIFRFNATPALYMLSPFSPLRRISIKILVHSLFSMLIMCTILTNCIFMTMNNPPDWTKNVEYTFT
GIYTFESLVKILARGFCVGEFTFLRDPWNWLDFVVIVFAYLTEFVNLGNVSALRTFRVLRALKTISVIPGLKTIVGALIQ
SVKKLSDVMILTVFCLSVFALIGLQLFMGNLKHKCFRNSLENNETLESIMNTLESEEDFRKYFYYLEGSKDALLCGFSTD
SGQCPEGYTCVKIGRNPDYGYTSFDTFSWAFLALFRLMTQDYWENLYQQTLRAAGKTYMIFFVVVIFLGSFYLINLILAV
VAMAYEEQNQANIEEAKQKELEFQQMLDRLKKEQEEAEAIAAAAAEYTSIRRSRIMGLSESSSETSKLSSKSAKERRNRR
KKKNQKKLSSGEEKGDAEKLSKSESEDSIRRKSFHLGVEGHRRAHEKRLSTPNQSPLSIRGSLFSARRSSRTSLFSFKGR
GRDIGSETEFADDEHSIFGDNESRRGSLFVPHRPQERRSSNISQASRSPPMLPVNGKMHSAVDCNGVVSLVDGRSALMLP
NGQLLPEVIIDKATSDDSGTTNQIHKKRRCSSYLLSEDMLNDPNLRQRAMSRASILTNTVEELEESRQKCPPWWYRFAHK
FLIWNCSPYWIKFKKCIYFIVMDPFVDLAITICIVLNTLFMAMEHHPMTEEFKNVLAIGNLVFTGIFAAEMVLKLIAMDP
YEYFQVGWNIFDSLIVTLSLVELFLADVEGLSVLRSFRLLRVFKLAKSWPTLNMLIKIIGNSVGALGNLTLVLAIIVFIF
AVVGMQLFGKSYKECVCKINDDCTLPRWHMNDFFHSFLIVFRVLCGEWIETMWDCMEVAGQAMCLIVYMMVMVIGNLVVL
NLFLALLLSSFSSDNLTAIEEDPDANNLQIAVTRIKKGINYVKQTLREFILKAFSKKPKISREIRQAEDLNTKKENYISN
HTLAEMSKGHNFLKEKDKISGFGSSVDKHLMEDSDGQSFIHNPSLTVTVPIAPGESDLENMNAEELSSDSDSEYSKVRLN
RSSSSECSTVDNPLPGEGEEAEAEPMNSDEPEACFTDGCVWRFSCCQVNIESGKGKIWWNIRKTCYKIVEHSWFESFIVL
MILLSSGALAFEDIYIERKKTIKIILEYADKIFTYIFILEMLLKWIAYGYKTYFTNAWCWLDFLIVDVSLVTLVANTLGY
SDLGPIKSLRTLRALRPLRALSRFEGMRVVVNALIGAIPSIMNVLLVCLIFWLIFSIMGVNLFAGKFYECINTTDGSRFP
ASQVPNRSECFALMNVSQNVRWKNLKVNFDNVGLGYLSLLQVATFKGWTIIMYAAVDSVNVDKQPKYEYSLYMYIYFVVF
IIFGSFFTLNLFIGVIIDNFNQQKKKLGGQDIFMTEEQKKYYNAMKKLGSKKPQKPIPRPGNKIQGCIFDLVTNQAFDIS
IMVLICLNMVTMMVEKEGQSQHMTEVLYWINVVFIILFTGECVLKLISLRHYYFTVGWNIFDFVVVIISIVGMFLADLIE
TYFVSPTLFRVIRLARIGRILRLVKGAKGIRTLLFALMMSLPALFNIGLLLFLVMFIYAIFGMSNFAYVKKEDGINDMFN
FETFGNSMICLFQITTSAGWDGLLAPILNSKPPDCDPKKVHPGSSVEGDCGNPSVGIFYFVSYIIISFLVVVNMYIAVIL
ENFSVATEESTEPLSEDDFEMFYEVWEKFDPDATQFIEFSKLSDFAAALDPPLLIAKPNKVQLIAMDLPMVSGDRIHCLD
ILFAFTKRVLGESGEMDSLRSQMEERFMSANPSKVSYEPITTTLKRKQEDVSATVIQRAYRRYRLRQNVKNISSIYIKDG
DRDDDLLNKKDMAFDNVNENSSPEKTDATSSTTSPPSYDSVTKPDKEKYEQDRTEKEDKGKDSKESKK
;
A
2 'polypeptide(L)'
;MGRLLALVVGAALVSSACGGCVEVDSETEAVYGMTFKILCISCKRRSETNAETFTEWTFRQKGTEEFVKILRYENEVLQL
EEDERFEGRVVWNGSRGTKDLQDLSIFITNVTYNHSGDYECHVYRLLFFENYEHNTSVVKKIHIEVVDKANRDMASIVSE
IMMYVLIVVLTIWLVAEMIYCYKKIAAATETAAQENASEYLAITSESKENCTGVQVAE
;
B
3 'polypeptide(L)'
;MHRDAWLPRPAFSLTGLSLFFSLVPPGRSMEVTVPATLNVLNGSDARLPCTFNSCYTVNHKQFSLNWTYQECNNCSEEMF
LQFRMKIINLKLERFQDRVEFSGNPSKYDVSVMLRNVQPEDEGIYNCYIMNPPDRHRGHGKIHLQVLMEEPPERDSTVAV
IVGASVGGFLAVVILVLMVVKCVRRKKEQKLSTDDLKTEEEGKTDGEGNPDDGAK
;
C
#
# COMPACT_ATOMS: atom_id res chain seq x y z
N GLY A 8 -16.53 -56.61 -17.32
CA GLY A 8 -15.67 -57.81 -17.46
C GLY A 8 -14.69 -57.70 -18.63
N PRO A 9 -13.57 -58.41 -18.54
CA PRO A 9 -12.56 -58.31 -19.61
C PRO A 9 -13.05 -58.78 -20.96
N GLN A 10 -14.12 -59.59 -21.01
CA GLN A 10 -14.71 -59.97 -22.29
C GLN A 10 -15.45 -58.81 -22.95
N SER A 11 -15.61 -57.70 -22.23
CA SER A 11 -16.21 -56.50 -22.86
C SER A 11 -15.23 -55.93 -23.88
N PHE A 12 -13.95 -56.30 -23.77
CA PHE A 12 -12.94 -55.81 -24.69
C PHE A 12 -13.06 -56.53 -26.04
N VAL A 13 -13.72 -55.86 -26.97
CA VAL A 13 -13.86 -56.37 -28.33
C VAL A 13 -13.65 -55.22 -29.30
N HIS A 14 -13.02 -55.53 -30.43
CA HIS A 14 -12.65 -54.53 -31.42
C HIS A 14 -13.90 -53.92 -32.03
N PHE A 15 -13.76 -52.73 -32.60
CA PHE A 15 -14.87 -52.09 -33.29
C PHE A 15 -14.79 -52.38 -34.79
N THR A 16 -15.67 -53.24 -35.26
CA THR A 16 -15.69 -53.70 -36.64
C THR A 16 -16.93 -53.18 -37.33
N LYS A 17 -16.90 -53.21 -38.67
CA LYS A 17 -18.04 -52.73 -39.45
C LYS A 17 -19.34 -53.39 -39.03
N GLN A 18 -19.30 -54.68 -38.66
CA GLN A 18 -20.49 -55.33 -38.14
C GLN A 18 -20.95 -54.65 -36.85
N SER A 19 -20.01 -54.29 -35.98
CA SER A 19 -20.35 -53.57 -34.76
C SER A 19 -20.99 -52.23 -35.07
N LEU A 20 -20.47 -51.51 -36.07
CA LEU A 20 -21.09 -50.26 -36.47
C LEU A 20 -22.51 -50.47 -36.98
N ALA A 21 -22.73 -51.52 -37.77
CA ALA A 21 -24.09 -51.81 -38.24
C ALA A 21 -25.02 -52.12 -37.09
N LEU A 22 -24.55 -52.90 -36.12
CA LEU A 22 -25.38 -53.20 -34.95
C LEU A 22 -25.70 -51.93 -34.18
N ILE A 23 -24.72 -51.03 -34.03
CA ILE A 23 -24.96 -49.78 -33.33
C ILE A 23 -25.97 -48.92 -34.09
N GLU A 24 -25.92 -48.95 -35.42
CA GLU A 24 -26.92 -48.25 -36.21
C GLU A 24 -28.31 -48.84 -35.95
N GLN A 25 -28.39 -50.16 -35.86
CA GLN A 25 -29.68 -50.78 -35.53
C GLN A 25 -30.15 -50.32 -34.15
N ARG A 26 -29.22 -50.20 -33.20
CA ARG A 26 -29.58 -49.71 -31.88
C ARG A 26 -30.10 -48.28 -31.94
N ILE A 27 -29.49 -47.42 -32.76
CA ILE A 27 -30.02 -46.07 -32.87
C ILE A 27 -31.39 -46.09 -33.54
N ALA A 28 -31.63 -47.04 -34.45
CA ALA A 28 -32.97 -47.21 -35.00
C ALA A 28 -33.96 -47.55 -33.90
N GLU A 29 -33.55 -48.44 -32.98
CA GLU A 29 -34.39 -48.76 -31.84
C GLU A 29 -34.64 -47.52 -30.98
N ARG A 30 -33.61 -46.71 -30.78
CA ARG A 30 -33.77 -45.45 -30.03
C ARG A 30 -34.78 -44.54 -30.71
N LYS A 31 -34.70 -44.42 -32.04
CA LYS A 31 -35.66 -43.63 -32.77
C LYS A 31 -37.07 -44.18 -32.58
N SER A 32 -37.20 -45.50 -32.55
CA SER A 32 -38.50 -46.10 -32.25
C SER A 32 -38.97 -45.70 -30.86
N LYS A 33 -38.08 -45.69 -29.88
CA LYS A 33 -38.45 -45.31 -28.52
C LYS A 33 -38.94 -43.87 -28.47
N GLU A 34 -38.24 -42.97 -29.17
CA GLU A 34 -38.51 -41.52 -29.16
C GLU A 34 -39.90 -41.14 -28.65
N PRO A 47 -31.98 -41.34 -18.70
CA PRO A 47 -30.69 -41.99 -18.43
C PRO A 47 -29.55 -40.99 -18.24
N LYS A 48 -28.32 -41.50 -18.10
CA LYS A 48 -27.17 -40.64 -17.86
C LYS A 48 -25.90 -41.42 -18.17
N PRO A 49 -24.92 -40.82 -18.83
CA PRO A 49 -23.65 -41.54 -19.05
C PRO A 49 -22.94 -41.77 -17.73
N SER A 50 -22.24 -42.91 -17.66
CA SER A 50 -21.52 -43.26 -16.44
C SER A 50 -20.44 -42.22 -16.18
N SER A 51 -20.50 -41.58 -15.01
CA SER A 51 -19.48 -40.59 -14.66
C SER A 51 -18.09 -41.22 -14.60
N ASP A 52 -18.00 -42.41 -14.00
CA ASP A 52 -16.72 -43.09 -13.90
C ASP A 52 -16.17 -43.53 -15.25
N LEU A 53 -16.99 -43.50 -16.30
CA LEU A 53 -16.60 -43.98 -17.63
C LEU A 53 -16.49 -42.85 -18.64
N GLU A 54 -16.31 -41.60 -18.18
CA GLU A 54 -16.21 -40.48 -19.08
C GLU A 54 -14.80 -40.37 -19.65
N ALA A 55 -14.68 -39.62 -20.74
CA ALA A 55 -13.39 -39.41 -21.38
C ALA A 55 -12.46 -38.61 -20.49
N GLY A 56 -11.17 -38.88 -20.62
CA GLY A 56 -10.15 -38.22 -19.81
C GLY A 56 -9.93 -38.82 -18.45
N LYS A 57 -10.57 -39.95 -18.14
CA LYS A 57 -10.43 -40.62 -16.86
C LYS A 57 -9.98 -42.05 -17.08
N GLN A 58 -9.50 -42.65 -15.99
CA GLN A 58 -8.93 -44.02 -16.06
C GLN A 58 -10.06 -45.03 -15.91
N LEU A 59 -9.87 -46.24 -16.45
CA LEU A 59 -10.88 -47.27 -16.38
C LEU A 59 -11.10 -47.70 -14.94
N PRO A 60 -12.30 -48.15 -14.59
CA PRO A 60 -12.47 -48.89 -13.34
C PRO A 60 -11.64 -50.17 -13.38
N PHE A 61 -11.12 -50.56 -12.21
CA PHE A 61 -10.25 -51.71 -12.13
C PHE A 61 -10.98 -53.03 -12.37
N ILE A 62 -12.31 -53.02 -12.44
CA ILE A 62 -13.05 -54.25 -12.72
C ILE A 62 -12.65 -54.81 -14.08
N TYR A 63 -12.10 -53.97 -14.95
CA TYR A 63 -11.69 -54.40 -16.28
C TYR A 63 -10.27 -54.94 -16.30
N GLY A 64 -9.53 -54.83 -15.21
CA GLY A 64 -8.21 -55.44 -15.16
C GLY A 64 -7.27 -54.86 -16.20
N ASP A 65 -6.62 -55.74 -16.94
CA ASP A 65 -5.56 -55.37 -17.85
C ASP A 65 -6.06 -55.32 -19.29
N ILE A 66 -5.24 -54.77 -20.17
CA ILE A 66 -5.59 -54.59 -21.58
C ILE A 66 -4.96 -55.73 -22.37
N PRO A 67 -5.68 -56.38 -23.28
CA PRO A 67 -5.05 -57.44 -24.08
C PRO A 67 -3.97 -56.87 -24.96
N PRO A 68 -2.91 -57.65 -25.25
CA PRO A 68 -1.77 -57.09 -25.97
C PRO A 68 -2.11 -56.50 -27.33
N GLY A 69 -3.02 -57.14 -28.07
CA GLY A 69 -3.34 -56.70 -29.41
C GLY A 69 -4.54 -55.76 -29.43
N MET A 70 -4.81 -55.12 -28.30
CA MET A 70 -6.00 -54.31 -28.14
C MET A 70 -5.71 -52.83 -27.94
N VAL A 71 -4.59 -52.49 -27.29
CA VAL A 71 -4.33 -51.09 -26.94
C VAL A 71 -4.29 -50.25 -28.20
N SER A 72 -4.75 -49.01 -28.08
CA SER A 72 -4.71 -47.99 -29.13
C SER A 72 -5.54 -48.37 -30.36
N GLU A 73 -6.38 -49.39 -30.27
CA GLU A 73 -7.24 -49.74 -31.40
C GLU A 73 -8.67 -49.29 -31.13
N PRO A 74 -9.44 -48.91 -32.16
CA PRO A 74 -10.84 -48.52 -31.92
C PRO A 74 -11.66 -49.67 -31.34
N LEU A 75 -11.82 -49.68 -30.02
CA LEU A 75 -12.61 -50.68 -29.35
C LEU A 75 -14.06 -50.24 -29.28
N GLU A 76 -14.96 -51.23 -29.33
CA GLU A 76 -16.38 -50.94 -29.18
C GLU A 76 -16.60 -50.14 -27.91
N ASP A 77 -17.70 -49.38 -27.89
CA ASP A 77 -18.00 -48.55 -26.73
C ASP A 77 -18.10 -49.42 -25.49
N LEU A 78 -17.54 -48.95 -24.39
CA LEU A 78 -17.64 -49.65 -23.12
C LEU A 78 -18.75 -49.11 -22.22
N ASP A 79 -19.46 -48.08 -22.68
CA ASP A 79 -20.56 -47.51 -21.92
C ASP A 79 -21.88 -48.01 -22.48
N PRO A 80 -22.75 -48.63 -21.67
CA PRO A 80 -24.09 -48.98 -22.17
C PRO A 80 -24.93 -47.76 -22.51
N TYR A 81 -24.59 -46.58 -21.98
CA TYR A 81 -25.36 -45.39 -22.28
C TYR A 81 -25.29 -45.03 -23.76
N TYR A 82 -24.10 -45.16 -24.35
CA TYR A 82 -23.88 -44.84 -25.76
C TYR A 82 -24.20 -46.01 -26.68
N ALA A 83 -24.71 -47.12 -26.14
CA ALA A 83 -24.99 -48.29 -26.96
C ALA A 83 -26.01 -48.00 -28.05
N ASP A 84 -26.84 -46.98 -27.87
CA ASP A 84 -27.79 -46.57 -28.91
C ASP A 84 -27.18 -45.64 -29.94
N LYS A 85 -26.00 -45.10 -29.67
CA LYS A 85 -25.42 -44.04 -30.50
C LYS A 85 -24.16 -44.55 -31.17
N LYS A 86 -23.87 -43.99 -32.34
CA LYS A 86 -22.61 -44.29 -33.02
C LYS A 86 -21.48 -43.62 -32.26
N THR A 87 -20.61 -44.41 -31.62
CA THR A 87 -19.48 -43.89 -30.83
C THR A 87 -18.59 -45.07 -30.49
N PHE A 88 -17.27 -44.94 -30.61
CA PHE A 88 -16.34 -45.98 -30.21
C PHE A 88 -15.36 -45.42 -29.20
N ILE A 89 -14.44 -46.26 -28.75
CA ILE A 89 -13.48 -45.84 -27.69
C ILE A 89 -12.08 -46.28 -28.11
N VAL A 90 -11.05 -45.59 -27.65
CA VAL A 90 -9.65 -45.97 -27.80
C VAL A 90 -9.01 -45.98 -26.42
N LEU A 91 -8.06 -46.87 -26.23
CA LEU A 91 -7.40 -47.05 -24.96
C LEU A 91 -5.91 -46.80 -25.15
N ASN A 92 -5.30 -46.10 -24.20
CA ASN A 92 -3.95 -45.58 -24.33
C ASN A 92 -3.07 -46.25 -23.28
N LYS A 93 -1.90 -46.73 -23.70
CA LYS A 93 -0.97 -47.34 -22.76
C LYS A 93 -0.76 -46.38 -21.60
N GLY A 94 -1.41 -46.67 -20.47
CA GLY A 94 -1.51 -45.72 -19.38
C GLY A 94 -2.90 -45.65 -18.78
N LYS A 95 -3.86 -46.45 -19.27
CA LYS A 95 -5.16 -46.60 -18.65
C LYS A 95 -5.98 -45.31 -18.70
N THR A 96 -6.08 -44.69 -19.86
CA THR A 96 -6.90 -43.49 -20.04
C THR A 96 -7.75 -43.65 -21.30
N ILE A 97 -9.03 -43.26 -21.17
CA ILE A 97 -10.05 -43.56 -22.16
C ILE A 97 -10.43 -42.28 -22.90
N PHE A 98 -10.58 -42.41 -24.22
CA PHE A 98 -11.03 -41.32 -25.08
C PHE A 98 -12.26 -41.78 -25.83
N ARG A 99 -13.18 -40.86 -26.09
CA ARG A 99 -14.48 -41.19 -26.66
C ARG A 99 -14.61 -40.50 -28.01
N PHE A 100 -14.37 -41.25 -29.08
CA PHE A 100 -14.38 -40.70 -30.42
C PHE A 100 -15.81 -40.72 -30.97
N ASN A 101 -15.94 -40.79 -32.29
CA ASN A 101 -17.24 -40.79 -32.95
C ASN A 101 -17.16 -41.70 -34.18
N ALA A 102 -18.14 -42.58 -34.32
CA ALA A 102 -18.11 -43.56 -35.40
C ALA A 102 -18.58 -43.01 -36.74
N THR A 103 -19.13 -41.80 -36.76
CA THR A 103 -19.45 -41.17 -38.03
C THR A 103 -18.17 -40.95 -38.83
N PRO A 104 -18.19 -41.14 -40.15
CA PRO A 104 -16.97 -40.87 -40.94
C PRO A 104 -16.56 -39.41 -40.82
N ALA A 105 -15.24 -39.18 -40.79
CA ALA A 105 -14.72 -37.84 -40.60
C ALA A 105 -14.81 -37.04 -41.89
N LEU A 106 -15.50 -35.90 -41.84
CA LEU A 106 -15.67 -35.03 -43.00
C LEU A 106 -16.52 -35.69 -44.08
N TYR A 107 -17.42 -36.59 -43.68
CA TYR A 107 -18.26 -37.35 -44.60
C TYR A 107 -17.46 -38.13 -45.62
N MET A 108 -16.21 -38.44 -45.31
CA MET A 108 -15.31 -39.06 -46.29
C MET A 108 -14.52 -40.19 -45.66
N LEU A 109 -13.92 -39.93 -44.50
CA LEU A 109 -12.99 -40.87 -43.86
C LEU A 109 -13.77 -41.75 -42.89
N SER A 110 -13.71 -43.07 -43.12
CA SER A 110 -14.40 -44.02 -42.28
C SER A 110 -13.56 -44.38 -41.06
N PRO A 111 -14.18 -44.94 -40.01
CA PRO A 111 -13.41 -45.32 -38.82
C PRO A 111 -12.48 -46.51 -39.05
N PHE A 112 -12.56 -47.16 -40.20
CA PHE A 112 -11.77 -48.36 -40.47
C PHE A 112 -10.68 -48.06 -41.50
N SER A 113 -10.45 -46.77 -41.71
CA SER A 113 -9.54 -46.31 -42.75
C SER A 113 -8.12 -46.20 -42.20
N PRO A 114 -7.11 -46.42 -43.04
CA PRO A 114 -5.73 -46.30 -42.53
C PRO A 114 -5.42 -44.93 -41.97
N LEU A 115 -5.90 -43.87 -42.63
CA LEU A 115 -5.62 -42.53 -42.16
C LEU A 115 -6.19 -42.31 -40.77
N ARG A 116 -7.46 -42.67 -40.56
CA ARG A 116 -8.07 -42.47 -39.26
C ARG A 116 -7.41 -43.35 -38.20
N ARG A 117 -7.05 -44.58 -38.56
CA ARG A 117 -6.39 -45.46 -37.60
C ARG A 117 -5.07 -44.86 -37.14
N ILE A 118 -4.22 -44.45 -38.09
CA ILE A 118 -2.91 -43.92 -37.73
C ILE A 118 -3.05 -42.60 -36.99
N SER A 119 -4.02 -41.77 -37.38
CA SER A 119 -4.20 -40.50 -36.71
C SER A 119 -4.65 -40.70 -35.26
N ILE A 120 -5.54 -41.66 -35.03
CA ILE A 120 -5.96 -41.95 -33.66
C ILE A 120 -4.80 -42.46 -32.83
N LYS A 121 -4.00 -43.38 -33.41
CA LYS A 121 -2.82 -43.86 -32.70
C LYS A 121 -1.91 -42.70 -32.32
N ILE A 122 -1.61 -41.82 -33.27
CA ILE A 122 -0.77 -40.66 -32.99
C ILE A 122 -1.39 -39.83 -31.88
N LEU A 123 -2.67 -39.49 -32.01
CA LEU A 123 -3.31 -38.59 -31.06
C LEU A 123 -3.19 -39.14 -29.64
N VAL A 124 -3.49 -40.43 -29.46
CA VAL A 124 -3.45 -40.99 -28.11
C VAL A 124 -2.03 -41.22 -27.62
N HIS A 125 -1.05 -41.33 -28.53
CA HIS A 125 0.33 -41.52 -28.09
C HIS A 125 0.77 -40.39 -27.18
N SER A 126 1.48 -40.73 -26.10
CA SER A 126 1.92 -39.74 -25.13
C SER A 126 3.11 -38.92 -25.63
N LEU A 127 3.96 -39.51 -26.49
CA LEU A 127 5.03 -38.74 -27.08
C LEU A 127 4.51 -37.54 -27.86
N PHE A 128 3.34 -37.69 -28.49
CA PHE A 128 2.72 -36.57 -29.20
C PHE A 128 2.50 -35.39 -28.25
N SER A 129 1.85 -35.64 -27.12
CA SER A 129 1.57 -34.58 -26.16
C SER A 129 2.86 -34.00 -25.60
N MET A 130 3.85 -34.86 -25.33
CA MET A 130 5.12 -34.36 -24.80
C MET A 130 5.79 -33.42 -25.79
N LEU A 131 5.77 -33.78 -27.08
CA LEU A 131 6.37 -32.91 -28.09
C LEU A 131 5.62 -31.60 -28.18
N ILE A 132 4.28 -31.63 -28.11
CA ILE A 132 3.52 -30.40 -28.19
C ILE A 132 3.84 -29.49 -27.00
N MET A 133 3.94 -30.08 -25.81
CA MET A 133 4.27 -29.28 -24.63
C MET A 133 5.66 -28.67 -24.76
N CYS A 134 6.64 -29.45 -25.24
CA CYS A 134 7.98 -28.90 -25.42
C CYS A 134 7.98 -27.77 -26.45
N THR A 135 7.21 -27.94 -27.53
CA THR A 135 7.12 -26.88 -28.53
C THR A 135 6.54 -25.61 -27.93
N ILE A 136 5.49 -25.74 -27.12
CA ILE A 136 4.90 -24.56 -26.49
C ILE A 136 5.91 -23.89 -25.57
N LEU A 137 6.64 -24.68 -24.79
CA LEU A 137 7.61 -24.09 -23.87
C LEU A 137 8.74 -23.39 -24.59
N THR A 138 9.15 -23.90 -25.76
CA THR A 138 10.19 -23.23 -26.51
C THR A 138 9.67 -21.95 -27.16
N ASN A 139 8.45 -21.99 -27.68
CA ASN A 139 7.86 -20.78 -28.25
C ASN A 139 7.69 -19.72 -27.19
N CYS A 140 7.38 -20.11 -25.95
CA CYS A 140 7.32 -19.13 -24.86
C CYS A 140 8.65 -18.44 -24.65
N ILE A 141 9.75 -19.19 -24.68
CA ILE A 141 11.07 -18.58 -24.56
C ILE A 141 11.30 -17.60 -25.71
N PHE A 142 10.88 -17.97 -26.91
CA PHE A 142 11.07 -17.06 -28.04
C PHE A 142 10.16 -15.84 -27.98
N MET A 143 9.06 -15.90 -27.23
CA MET A 143 8.19 -14.73 -27.12
C MET A 143 8.85 -13.59 -26.37
N THR A 144 9.88 -13.87 -25.57
CA THR A 144 10.47 -12.88 -24.68
C THR A 144 11.69 -12.22 -25.33
N MET A 145 11.44 -11.49 -26.42
CA MET A 145 12.50 -10.86 -27.20
C MET A 145 11.96 -9.59 -27.81
N ASN A 146 12.37 -8.44 -27.26
CA ASN A 146 11.81 -7.17 -27.71
C ASN A 146 12.06 -6.94 -29.18
N ASN A 147 13.29 -7.17 -29.65
CA ASN A 147 13.60 -7.16 -31.07
C ASN A 147 14.28 -8.48 -31.38
N PRO A 148 13.62 -9.41 -32.06
CA PRO A 148 14.26 -10.69 -32.36
C PRO A 148 15.18 -10.58 -33.57
N PRO A 149 16.21 -11.41 -33.64
CA PRO A 149 17.06 -11.39 -34.83
C PRO A 149 16.27 -11.73 -36.08
N ASP A 150 16.85 -11.40 -37.23
CA ASP A 150 16.19 -11.65 -38.50
C ASP A 150 15.92 -13.12 -38.76
N TRP A 151 16.83 -14.00 -38.36
CA TRP A 151 16.73 -15.42 -38.70
C TRP A 151 15.62 -16.15 -37.96
N THR A 152 15.02 -15.54 -36.94
CA THR A 152 14.00 -16.24 -36.16
C THR A 152 12.75 -16.56 -36.97
N LYS A 153 12.65 -16.09 -38.21
CA LYS A 153 11.49 -16.42 -39.01
C LYS A 153 11.46 -17.92 -39.32
N ASN A 154 12.63 -18.54 -39.45
CA ASN A 154 12.68 -19.98 -39.66
C ASN A 154 12.09 -20.72 -38.47
N VAL A 155 12.45 -20.32 -37.25
CA VAL A 155 11.90 -20.96 -36.06
C VAL A 155 10.41 -20.68 -35.95
N GLU A 156 9.99 -19.47 -36.33
CA GLU A 156 8.56 -19.17 -36.30
C GLU A 156 7.79 -20.09 -37.24
N TYR A 157 8.33 -20.32 -38.44
CA TYR A 157 7.66 -21.22 -39.37
C TYR A 157 7.68 -22.65 -38.86
N THR A 158 8.77 -23.06 -38.21
CA THR A 158 8.80 -24.38 -37.58
C THR A 158 7.65 -24.52 -36.58
N PHE A 159 7.49 -23.55 -35.70
CA PHE A 159 6.43 -23.62 -34.69
C PHE A 159 5.07 -23.63 -35.35
N THR A 160 4.86 -22.77 -36.35
CA THR A 160 3.57 -22.73 -37.02
C THR A 160 3.26 -24.07 -37.66
N GLY A 161 4.24 -24.67 -38.34
CA GLY A 161 4.01 -25.95 -38.98
C GLY A 161 3.72 -27.06 -37.99
N ILE A 162 4.40 -27.04 -36.83
CA ILE A 162 4.10 -28.04 -35.81
C ILE A 162 2.68 -27.88 -35.31
N TYR A 163 2.24 -26.65 -35.11
CA TYR A 163 0.85 -26.44 -34.71
C TYR A 163 -0.13 -26.93 -35.77
N THR A 164 0.17 -26.69 -37.05
CA THR A 164 -0.69 -27.21 -38.10
C THR A 164 -0.73 -28.72 -38.09
N PHE A 165 0.42 -29.37 -37.90
CA PHE A 165 0.42 -30.83 -37.86
C PHE A 165 -0.43 -31.34 -36.71
N GLU A 166 -0.31 -30.72 -35.54
CA GLU A 166 -1.14 -31.13 -34.40
C GLU A 166 -2.62 -30.98 -34.73
N SER A 167 -3.01 -29.82 -35.24
CA SER A 167 -4.43 -29.57 -35.52
C SER A 167 -4.94 -30.52 -36.59
N LEU A 168 -4.15 -30.78 -37.62
CA LEU A 168 -4.57 -31.69 -38.69
C LEU A 168 -4.73 -33.11 -38.17
N VAL A 169 -3.82 -33.54 -37.29
CA VAL A 169 -3.95 -34.86 -36.70
C VAL A 169 -5.23 -34.95 -35.90
N LYS A 170 -5.53 -33.92 -35.11
CA LYS A 170 -6.76 -33.94 -34.32
C LYS A 170 -7.99 -34.00 -35.22
N ILE A 171 -7.99 -33.22 -36.30
CA ILE A 171 -9.14 -33.22 -37.20
C ILE A 171 -9.30 -34.58 -37.88
N LEU A 172 -8.21 -35.14 -38.38
CA LEU A 172 -8.30 -36.46 -39.01
C LEU A 172 -8.74 -37.52 -38.02
N ALA A 173 -8.41 -37.34 -36.73
CA ALA A 173 -8.79 -38.34 -35.75
C ALA A 173 -10.26 -38.25 -35.38
N ARG A 174 -10.80 -37.04 -35.27
CA ARG A 174 -12.16 -36.92 -34.73
C ARG A 174 -12.99 -35.86 -35.45
N GLY A 175 -12.93 -35.81 -36.78
CA GLY A 175 -13.80 -34.93 -37.53
C GLY A 175 -13.62 -33.47 -37.17
N PHE A 176 -14.18 -32.58 -37.98
CA PHE A 176 -14.05 -31.14 -37.72
C PHE A 176 -15.20 -30.63 -36.86
N CYS A 177 -16.43 -30.98 -37.21
CA CYS A 177 -17.60 -30.56 -36.46
C CYS A 177 -18.81 -31.39 -36.84
N VAL A 178 -18.58 -32.66 -37.16
CA VAL A 178 -19.61 -33.55 -37.70
C VAL A 178 -20.21 -34.29 -36.52
N GLY A 179 -21.09 -33.62 -35.78
CA GLY A 179 -21.82 -34.27 -34.72
C GLY A 179 -21.25 -34.00 -33.34
N GLU A 180 -21.27 -35.04 -32.52
CA GLU A 180 -20.79 -34.97 -31.14
C GLU A 180 -19.45 -35.70 -31.02
N PHE A 181 -18.60 -35.16 -30.15
CA PHE A 181 -17.20 -35.61 -30.02
C PHE A 181 -16.44 -35.30 -31.30
N THR A 182 -16.32 -34.02 -31.61
CA THR A 182 -15.59 -33.55 -32.77
C THR A 182 -14.65 -32.42 -32.37
N PHE A 183 -13.68 -32.14 -33.24
CA PHE A 183 -12.61 -31.21 -32.91
C PHE A 183 -13.16 -29.89 -32.38
N LEU A 184 -14.16 -29.34 -33.07
CA LEU A 184 -14.68 -28.03 -32.69
C LEU A 184 -15.47 -28.05 -31.38
N ARG A 185 -15.93 -29.22 -30.93
CA ARG A 185 -16.75 -29.25 -29.74
C ARG A 185 -16.00 -28.77 -28.51
N ASP A 186 -14.76 -29.22 -28.32
CA ASP A 186 -14.01 -28.84 -27.12
C ASP A 186 -13.65 -27.36 -27.17
N PRO A 187 -13.89 -26.61 -26.11
CA PRO A 187 -13.57 -25.17 -26.15
C PRO A 187 -12.11 -24.88 -26.49
N TRP A 188 -11.17 -25.64 -25.94
CA TRP A 188 -9.76 -25.33 -26.16
C TRP A 188 -9.35 -25.52 -27.61
N ASN A 189 -10.03 -26.43 -28.32
CA ASN A 189 -9.80 -26.54 -29.75
C ASN A 189 -10.18 -25.26 -30.47
N TRP A 190 -11.13 -24.49 -29.92
CA TRP A 190 -11.42 -23.17 -30.52
C TRP A 190 -10.13 -22.36 -30.46
N LEU A 191 -9.56 -22.21 -29.26
CA LEU A 191 -8.30 -21.45 -29.09
C LEU A 191 -7.29 -21.95 -30.13
N ASP A 192 -7.07 -23.27 -30.20
CA ASP A 192 -6.05 -23.75 -31.14
C ASP A 192 -6.35 -23.26 -32.55
N PHE A 193 -7.61 -23.36 -32.98
CA PHE A 193 -7.97 -22.91 -34.31
C PHE A 193 -7.75 -21.41 -34.46
N VAL A 194 -8.15 -20.63 -33.45
CA VAL A 194 -7.96 -19.19 -33.52
C VAL A 194 -6.48 -18.87 -33.70
N VAL A 195 -5.63 -19.55 -32.93
CA VAL A 195 -4.19 -19.30 -33.02
C VAL A 195 -3.69 -19.62 -34.42
N ILE A 196 -4.12 -20.75 -34.98
CA ILE A 196 -3.61 -21.16 -36.29
C ILE A 196 -4.04 -20.17 -37.36
N VAL A 197 -5.33 -19.81 -37.39
CA VAL A 197 -5.79 -18.88 -38.42
C VAL A 197 -5.15 -17.52 -38.25
N PHE A 198 -4.95 -17.06 -37.02
CA PHE A 198 -4.27 -15.78 -36.83
C PHE A 198 -2.82 -15.83 -37.30
N ALA A 199 -2.11 -16.92 -37.01
CA ALA A 199 -0.74 -17.06 -37.47
C ALA A 199 -0.66 -17.07 -38.99
N TYR A 200 -1.62 -17.73 -39.65
CA TYR A 200 -1.64 -17.70 -41.11
C TYR A 200 -1.99 -16.33 -41.67
N LEU A 201 -3.00 -15.68 -41.09
CA LEU A 201 -3.49 -14.40 -41.60
C LEU A 201 -2.44 -13.31 -41.47
N THR A 202 -1.73 -13.26 -40.34
CA THR A 202 -0.72 -12.24 -40.18
C THR A 202 0.39 -12.38 -41.23
N GLU A 203 0.83 -13.62 -41.48
CA GLU A 203 1.84 -13.84 -42.51
C GLU A 203 1.32 -13.45 -43.88
N PHE A 204 0.10 -13.86 -44.21
CA PHE A 204 -0.44 -13.56 -45.54
C PHE A 204 -0.59 -12.06 -45.75
N VAL A 205 -1.08 -11.33 -44.75
CA VAL A 205 -1.18 -9.88 -44.86
C VAL A 205 0.20 -9.26 -44.99
N ASN A 206 1.15 -9.71 -44.20
CA ASN A 206 2.51 -9.19 -44.25
C ASN A 206 3.12 -9.38 -45.63
N ASN A 209 -1.70 -3.29 -37.65
CA ASN A 209 -0.72 -2.98 -36.62
C ASN A 209 -0.04 -4.25 -36.13
N VAL A 210 1.29 -4.31 -36.28
CA VAL A 210 2.03 -5.50 -35.90
C VAL A 210 1.90 -5.77 -34.40
N SER A 211 1.73 -4.72 -33.60
CA SER A 211 1.64 -4.91 -32.15
C SER A 211 0.44 -5.79 -31.80
N ALA A 212 -0.71 -5.53 -32.42
CA ALA A 212 -1.88 -6.37 -32.18
C ALA A 212 -1.64 -7.79 -32.65
N LEU A 213 -1.00 -7.95 -33.80
CA LEU A 213 -0.73 -9.28 -34.31
C LEU A 213 0.12 -10.09 -33.34
N ARG A 214 1.18 -9.48 -32.80
CA ARG A 214 2.01 -10.18 -31.84
C ARG A 214 1.30 -10.41 -30.52
N THR A 215 0.54 -9.43 -30.05
CA THR A 215 -0.22 -9.61 -28.81
C THR A 215 -1.20 -10.77 -28.94
N PHE A 216 -1.73 -11.00 -30.15
CA PHE A 216 -2.55 -12.18 -30.36
C PHE A 216 -1.72 -13.44 -30.50
N ARG A 217 -0.49 -13.32 -31.01
CA ARG A 217 0.45 -14.47 -31.07
C ARG A 217 0.73 -14.93 -29.64
N VAL A 218 0.63 -14.04 -28.65
CA VAL A 218 0.82 -14.40 -27.25
C VAL A 218 -0.14 -15.48 -26.78
N LEU A 219 -1.26 -15.69 -27.47
CA LEU A 219 -2.26 -16.65 -27.01
C LEU A 219 -1.74 -18.08 -27.01
N ARG A 220 -0.66 -18.35 -27.74
CA ARG A 220 -0.14 -19.72 -27.79
C ARG A 220 0.22 -20.23 -26.40
N ALA A 221 0.61 -19.34 -25.48
CA ALA A 221 0.99 -19.76 -24.14
C ALA A 221 -0.18 -20.35 -23.37
N LEU A 222 -1.42 -20.01 -23.73
CA LEU A 222 -2.58 -20.57 -23.05
C LEU A 222 -2.83 -22.03 -23.39
N LYS A 223 -2.15 -22.57 -24.41
CA LYS A 223 -2.24 -23.99 -24.70
C LYS A 223 -1.52 -24.83 -23.66
N THR A 224 -0.65 -24.21 -22.85
CA THR A 224 -0.03 -24.94 -21.74
C THR A 224 -1.09 -25.51 -20.82
N ILE A 225 -2.17 -24.78 -20.59
CA ILE A 225 -3.23 -25.27 -19.72
C ILE A 225 -3.84 -26.53 -20.31
N SER A 226 -3.98 -26.58 -21.64
CA SER A 226 -4.55 -27.76 -22.27
C SER A 226 -3.60 -28.95 -22.20
N VAL A 227 -2.31 -28.72 -22.43
CA VAL A 227 -1.39 -29.85 -22.56
C VAL A 227 -1.01 -30.39 -21.18
N ILE A 228 -0.71 -29.51 -20.24
CA ILE A 228 -0.27 -29.97 -18.92
C ILE A 228 -1.47 -30.51 -18.14
N PRO A 229 -1.38 -31.70 -17.56
CA PRO A 229 -2.55 -32.25 -16.83
C PRO A 229 -2.89 -31.44 -15.60
N GLY A 230 -4.19 -31.37 -15.29
CA GLY A 230 -4.68 -30.75 -14.08
C GLY A 230 -4.95 -29.26 -14.19
N LEU A 231 -4.19 -28.53 -15.01
CA LEU A 231 -4.39 -27.10 -15.12
C LEU A 231 -5.80 -26.77 -15.56
N LYS A 232 -6.40 -27.62 -16.39
CA LYS A 232 -7.78 -27.38 -16.81
C LYS A 232 -8.73 -27.40 -15.63
N THR A 233 -8.59 -28.39 -14.74
CA THR A 233 -9.45 -28.44 -13.57
C THR A 233 -9.17 -27.27 -12.64
N ILE A 234 -7.91 -26.87 -12.52
CA ILE A 234 -7.60 -25.72 -11.67
C ILE A 234 -8.28 -24.46 -12.19
N VAL A 235 -8.22 -24.24 -13.49
CA VAL A 235 -8.85 -23.04 -14.06
C VAL A 235 -10.36 -23.11 -13.92
N GLY A 236 -10.94 -24.29 -14.10
CA GLY A 236 -12.36 -24.43 -13.85
C GLY A 236 -12.74 -24.09 -12.42
N ALA A 237 -11.90 -24.53 -11.47
CA ALA A 237 -12.15 -24.19 -10.07
C ALA A 237 -12.06 -22.68 -9.84
N LEU A 238 -11.09 -22.03 -10.47
CA LEU A 238 -10.97 -20.58 -10.32
C LEU A 238 -12.21 -19.87 -10.86
N ILE A 239 -12.70 -20.32 -12.01
CA ILE A 239 -13.90 -19.69 -12.59
C ILE A 239 -15.11 -19.92 -11.69
N GLN A 240 -15.24 -21.14 -11.15
CA GLN A 240 -16.35 -21.38 -10.23
C GLN A 240 -16.22 -20.50 -8.99
N SER A 241 -15.00 -20.28 -8.51
CA SER A 241 -14.80 -19.38 -7.38
C SER A 241 -15.24 -17.96 -7.71
N VAL A 242 -14.85 -17.45 -8.87
CA VAL A 242 -15.22 -16.08 -9.22
C VAL A 242 -16.72 -15.97 -9.50
N LYS A 243 -17.39 -17.07 -9.80
CA LYS A 243 -18.84 -17.02 -9.97
C LYS A 243 -19.58 -16.68 -8.69
N LYS A 244 -18.94 -16.80 -7.53
CA LYS A 244 -19.60 -16.59 -6.25
C LYS A 244 -19.48 -15.16 -5.74
N LEU A 245 -18.77 -14.29 -6.46
CA LEU A 245 -18.49 -12.93 -6.01
C LEU A 245 -19.45 -11.91 -6.60
N SER A 246 -20.59 -12.35 -7.14
CA SER A 246 -21.51 -11.42 -7.78
C SER A 246 -21.99 -10.36 -6.79
N ASP A 247 -22.49 -10.79 -5.63
CA ASP A 247 -23.02 -9.85 -4.66
C ASP A 247 -21.92 -8.93 -4.14
N VAL A 248 -20.73 -9.46 -3.89
CA VAL A 248 -19.65 -8.65 -3.36
C VAL A 248 -19.23 -7.59 -4.38
N MET A 249 -19.12 -7.97 -5.65
CA MET A 249 -18.74 -6.98 -6.66
C MET A 249 -19.82 -5.94 -6.84
N ILE A 250 -21.09 -6.33 -6.79
CA ILE A 250 -22.17 -5.35 -6.88
C ILE A 250 -22.06 -4.36 -5.72
N LEU A 251 -21.85 -4.87 -4.50
CA LEU A 251 -21.72 -3.99 -3.35
C LEU A 251 -20.52 -3.08 -3.48
N THR A 252 -19.40 -3.61 -3.97
CA THR A 252 -18.19 -2.80 -4.10
C THR A 252 -18.43 -1.67 -5.10
N VAL A 253 -19.05 -1.96 -6.23
CA VAL A 253 -19.33 -0.93 -7.21
C VAL A 253 -20.27 0.13 -6.64
N PHE A 254 -21.32 -0.31 -5.94
CA PHE A 254 -22.27 0.64 -5.35
C PHE A 254 -21.59 1.54 -4.33
N CYS A 255 -20.78 0.95 -3.45
CA CYS A 255 -20.12 1.75 -2.42
C CYS A 255 -19.11 2.71 -3.01
N LEU A 256 -18.31 2.24 -3.97
CA LEU A 256 -17.35 3.12 -4.63
C LEU A 256 -18.06 4.25 -5.35
N SER A 257 -19.22 3.96 -5.95
CA SER A 257 -19.98 5.01 -6.63
C SER A 257 -20.49 6.04 -5.64
N VAL A 258 -21.00 5.60 -4.49
CA VAL A 258 -21.52 6.54 -3.50
C VAL A 258 -20.39 7.42 -2.97
N PHE A 259 -19.26 6.81 -2.63
CA PHE A 259 -18.14 7.60 -2.14
C PHE A 259 -17.57 8.51 -3.23
N ALA A 260 -17.60 8.08 -4.48
CA ALA A 260 -17.18 8.93 -5.57
C ALA A 260 -18.09 10.14 -5.72
N LEU A 261 -19.40 9.93 -5.57
CA LEU A 261 -20.33 11.05 -5.61
C LEU A 261 -20.08 12.02 -4.47
N ILE A 262 -19.84 11.49 -3.26
CA ILE A 262 -19.57 12.36 -2.12
C ILE A 262 -18.29 13.16 -2.34
N GLY A 263 -17.23 12.49 -2.80
CA GLY A 263 -15.99 13.19 -3.04
C GLY A 263 -16.09 14.20 -4.16
N LEU A 264 -16.85 13.88 -5.21
CA LEU A 264 -17.06 14.81 -6.30
C LEU A 264 -17.81 16.04 -5.82
N GLN A 265 -18.80 15.86 -4.95
CA GLN A 265 -19.49 17.00 -4.37
C GLN A 265 -18.55 17.85 -3.53
N LEU A 266 -17.71 17.22 -2.71
CA LEU A 266 -16.91 17.98 -1.76
C LEU A 266 -15.73 18.67 -2.43
N PHE A 267 -14.91 17.91 -3.17
CA PHE A 267 -13.61 18.36 -3.63
C PHE A 267 -13.58 18.71 -5.11
N MET A 268 -14.71 19.08 -5.71
CA MET A 268 -14.72 19.36 -7.14
C MET A 268 -13.84 20.57 -7.44
N GLY A 269 -12.76 20.34 -8.19
CA GLY A 269 -11.89 21.41 -8.62
C GLY A 269 -10.91 21.90 -7.59
N ASN A 270 -10.87 21.30 -6.40
CA ASN A 270 -9.98 21.79 -5.34
C ASN A 270 -8.52 21.56 -5.67
N LEU A 271 -8.19 20.58 -6.49
CA LEU A 271 -6.81 20.24 -6.76
C LEU A 271 -6.19 21.10 -7.85
N LYS A 272 -6.94 22.05 -8.41
CA LYS A 272 -6.41 23.01 -9.36
C LYS A 272 -5.90 24.28 -8.70
N HIS A 273 -5.95 24.37 -7.38
CA HIS A 273 -5.45 25.55 -6.68
C HIS A 273 -3.94 25.67 -6.85
N LYS A 274 -3.46 26.90 -6.98
CA LYS A 274 -2.05 27.18 -7.10
C LYS A 274 -1.75 28.56 -6.53
N CYS A 275 -0.50 28.77 -6.15
CA CYS A 275 -0.04 30.08 -5.69
C CYS A 275 0.48 30.86 -6.90
N PHE A 276 -0.06 32.04 -7.12
CA PHE A 276 0.21 32.82 -8.32
C PHE A 276 0.80 34.18 -7.95
N ARG A 277 1.72 34.66 -8.79
CA ARG A 277 2.44 35.90 -8.52
C ARG A 277 1.49 37.05 -8.26
N ASN A 278 1.77 37.81 -7.20
CA ASN A 278 0.94 38.97 -6.88
C ASN A 278 1.23 40.13 -7.83
N SER A 279 2.50 40.39 -8.10
CA SER A 279 2.92 41.56 -8.86
C SER A 279 3.24 41.15 -10.28
N LEU A 280 2.40 41.57 -11.22
CA LEU A 280 2.53 41.20 -12.63
C LEU A 280 3.03 42.39 -13.44
N GLU A 281 4.08 42.15 -14.22
CA GLU A 281 4.69 43.20 -15.02
C GLU A 281 3.99 43.32 -16.37
N ASN A 282 4.30 44.42 -17.07
CA ASN A 282 3.75 44.70 -18.39
C ASN A 282 2.22 44.75 -18.38
N ASN A 283 1.63 45.11 -17.24
CA ASN A 283 0.18 45.18 -17.10
C ASN A 283 -0.48 43.89 -17.60
N GLU A 284 0.14 42.76 -17.28
CA GLU A 284 -0.39 41.47 -17.67
C GLU A 284 -1.58 41.09 -16.79
N THR A 285 -2.29 40.06 -17.20
CA THR A 285 -3.39 39.50 -16.45
C THR A 285 -3.23 37.98 -16.36
N LEU A 286 -3.97 37.37 -15.45
CA LEU A 286 -3.83 35.92 -15.27
C LEU A 286 -4.20 35.19 -16.54
N GLU A 287 -5.29 35.60 -17.21
CA GLU A 287 -5.69 34.95 -18.45
C GLU A 287 -4.64 35.12 -19.53
N SER A 288 -4.09 36.33 -19.66
CA SER A 288 -3.05 36.57 -20.65
C SER A 288 -1.84 35.70 -20.40
N ILE A 289 -1.43 35.57 -19.14
CA ILE A 289 -0.31 34.70 -18.81
C ILE A 289 -0.64 33.26 -19.18
N MET A 290 -1.81 32.78 -18.76
CA MET A 290 -2.12 31.36 -18.93
C MET A 290 -2.26 31.00 -20.41
N ASN A 291 -2.63 31.96 -21.25
CA ASN A 291 -2.78 31.66 -22.67
C ASN A 291 -1.47 31.45 -23.39
N THR A 292 -0.33 31.72 -22.74
CA THR A 292 0.97 31.65 -23.40
C THR A 292 1.87 30.54 -22.88
N LEU A 293 1.86 30.27 -21.58
CA LEU A 293 2.81 29.33 -21.00
C LEU A 293 2.63 27.94 -21.59
N GLU A 294 3.75 27.23 -21.76
CA GLU A 294 3.72 25.84 -22.22
C GLU A 294 4.67 24.95 -21.43
N SER A 295 5.88 25.41 -21.13
CA SER A 295 6.88 24.59 -20.47
C SER A 295 6.81 24.73 -18.96
N GLU A 296 7.38 23.74 -18.26
CA GLU A 296 7.47 23.83 -16.82
C GLU A 296 8.36 25.00 -16.41
N GLU A 297 9.38 25.32 -17.20
CA GLU A 297 10.20 26.48 -16.92
C GLU A 297 9.36 27.75 -17.03
N ASP A 298 8.50 27.84 -18.04
CA ASP A 298 7.62 28.98 -18.16
C ASP A 298 6.67 29.07 -16.97
N PHE A 299 6.13 27.93 -16.54
CA PHE A 299 5.20 27.93 -15.41
C PHE A 299 5.90 28.32 -14.12
N ARG A 300 7.15 27.90 -13.92
CA ARG A 300 7.83 28.14 -12.66
C ARG A 300 8.07 29.62 -12.38
N LYS A 301 7.99 30.47 -13.41
CA LYS A 301 8.19 31.89 -13.21
C LYS A 301 6.96 32.61 -12.64
N TYR A 302 5.78 31.98 -12.70
CA TYR A 302 4.55 32.60 -12.26
C TYR A 302 3.87 31.86 -11.12
N PHE A 303 4.17 30.59 -10.91
CA PHE A 303 3.59 29.82 -9.83
C PHE A 303 4.71 29.34 -8.91
N TYR A 304 4.35 29.07 -7.66
CA TYR A 304 5.33 28.62 -6.68
C TYR A 304 5.52 27.13 -6.77
N TYR A 305 6.74 26.70 -7.07
CA TYR A 305 7.12 25.31 -7.15
C TYR A 305 8.11 24.99 -6.04
N LEU A 306 7.89 23.89 -5.34
CA LEU A 306 8.90 23.39 -4.43
C LEU A 306 10.07 22.81 -5.22
N GLU A 307 11.26 22.92 -4.66
CA GLU A 307 12.47 22.53 -5.39
C GLU A 307 12.38 21.07 -5.80
N GLY A 308 12.69 20.80 -7.06
CA GLY A 308 12.65 19.43 -7.57
C GLY A 308 11.27 18.82 -7.56
N SER A 309 10.26 19.58 -7.99
CA SER A 309 8.89 19.11 -8.03
C SER A 309 8.33 19.33 -9.42
N LYS A 310 7.50 18.39 -9.88
CA LYS A 310 6.89 18.48 -11.20
C LYS A 310 5.55 19.19 -11.19
N ASP A 311 5.00 19.49 -10.02
CA ASP A 311 3.69 20.09 -9.89
C ASP A 311 3.77 21.36 -9.07
N ALA A 312 2.94 22.33 -9.41
CA ALA A 312 2.85 23.55 -8.61
C ALA A 312 2.29 23.22 -7.23
N LEU A 313 2.82 23.92 -6.23
CA LEU A 313 2.39 23.68 -4.86
C LEU A 313 0.91 24.00 -4.69
N LEU A 314 0.17 23.10 -4.05
CA LEU A 314 -1.24 23.31 -3.79
C LEU A 314 -1.44 24.21 -2.59
N CYS A 315 -2.43 25.09 -2.66
CA CYS A 315 -2.76 25.98 -1.57
C CYS A 315 -4.26 25.90 -1.30
N GLY A 316 -4.71 26.61 -0.29
CA GLY A 316 -6.13 26.64 0.04
C GLY A 316 -6.53 27.97 0.58
N PHE A 317 -7.84 28.23 0.54
CA PHE A 317 -8.40 29.47 1.03
C PHE A 317 -8.78 29.43 2.50
N SER A 318 -8.84 28.24 3.10
CA SER A 318 -9.18 28.11 4.50
C SER A 318 -7.97 28.44 5.37
N THR A 319 -8.21 28.48 6.68
CA THR A 319 -7.14 28.80 7.63
C THR A 319 -6.24 27.62 7.89
N ASP A 320 -6.75 26.40 7.73
CA ASP A 320 -5.97 25.19 7.99
C ASP A 320 -5.47 24.52 6.73
N SER A 321 -5.61 25.15 5.57
CA SER A 321 -5.07 24.62 4.34
C SER A 321 -3.61 25.06 4.19
N GLY A 322 -3.01 24.70 3.06
CA GLY A 322 -1.67 25.14 2.79
C GLY A 322 -1.60 26.65 2.63
N GLN A 323 -0.46 27.22 2.99
CA GLN A 323 -0.26 28.66 2.99
C GLN A 323 0.70 29.04 1.88
N CYS A 324 0.27 29.96 1.01
CA CYS A 324 1.15 30.45 -0.02
C CYS A 324 2.23 31.35 0.58
N PRO A 325 3.41 31.42 -0.03
CA PRO A 325 4.43 32.34 0.45
C PRO A 325 3.93 33.79 0.39
N GLU A 326 4.80 34.69 0.81
CA GLU A 326 4.50 36.11 0.67
C GLU A 326 4.72 36.53 -0.78
N GLY A 327 3.82 37.37 -1.28
CA GLY A 327 3.86 37.79 -2.66
C GLY A 327 3.21 36.83 -3.62
N TYR A 328 2.58 35.77 -3.12
CA TYR A 328 1.83 34.82 -3.92
C TYR A 328 0.42 34.73 -3.36
N THR A 329 -0.54 34.45 -4.24
CA THR A 329 -1.94 34.33 -3.84
C THR A 329 -2.55 33.08 -4.43
N CYS A 330 -3.47 32.47 -3.70
CA CYS A 330 -4.07 31.20 -4.12
C CYS A 330 -5.14 31.46 -5.16
N VAL A 331 -5.06 30.75 -6.29
CA VAL A 331 -6.00 30.90 -7.38
C VAL A 331 -6.27 29.53 -7.97
N LYS A 332 -7.52 29.30 -8.38
CA LYS A 332 -7.94 28.02 -8.97
C LYS A 332 -7.81 28.12 -10.48
N ILE A 333 -6.76 27.50 -11.02
CA ILE A 333 -6.48 27.56 -12.45
C ILE A 333 -5.50 26.45 -12.77
N GLY A 334 -5.35 26.15 -14.05
CA GLY A 334 -4.36 25.19 -14.49
C GLY A 334 -4.85 23.77 -14.54
N ARG A 335 -3.95 22.82 -14.34
CA ARG A 335 -4.25 21.40 -14.41
C ARG A 335 -4.03 20.73 -13.06
N ASN A 336 -4.68 19.58 -12.89
CA ASN A 336 -4.56 18.82 -11.66
C ASN A 336 -3.18 18.14 -11.59
N PRO A 337 -2.75 17.74 -10.41
CA PRO A 337 -1.43 17.13 -10.27
C PRO A 337 -1.41 15.72 -10.85
N ASP A 338 -0.19 15.19 -10.98
CA ASP A 338 0.05 13.84 -11.48
C ASP A 338 -0.34 13.73 -12.96
N TYR A 339 0.25 14.61 -13.76
CA TYR A 339 -0.02 14.68 -15.19
C TYR A 339 -1.46 15.07 -15.48
N GLY A 340 -2.23 15.36 -14.44
CA GLY A 340 -3.64 15.65 -14.58
C GLY A 340 -4.57 14.51 -14.27
N TYR A 341 -4.04 13.37 -13.79
CA TYR A 341 -4.85 12.19 -13.55
C TYR A 341 -5.43 12.13 -12.15
N THR A 342 -4.91 12.93 -11.21
CA THR A 342 -5.41 12.94 -9.84
C THR A 342 -6.36 14.12 -9.71
N SER A 343 -7.65 13.83 -9.58
CA SER A 343 -8.64 14.89 -9.48
C SER A 343 -9.98 14.30 -9.04
N PHE A 344 -10.89 15.20 -8.67
CA PHE A 344 -12.30 14.87 -8.45
C PHE A 344 -13.20 15.64 -9.39
N ASP A 345 -12.64 16.20 -10.47
CA ASP A 345 -13.39 17.10 -11.33
C ASP A 345 -14.53 16.41 -12.05
N THR A 346 -14.42 15.12 -12.33
CA THR A 346 -15.45 14.38 -13.03
C THR A 346 -15.70 13.08 -12.28
N PHE A 347 -16.87 12.47 -12.55
CA PHE A 347 -17.21 11.25 -11.83
C PHE A 347 -16.23 10.14 -12.14
N SER A 348 -15.75 10.07 -13.38
CA SER A 348 -14.79 9.03 -13.74
C SER A 348 -13.50 9.17 -12.94
N TRP A 349 -12.98 10.39 -12.84
CA TRP A 349 -11.74 10.59 -12.09
C TRP A 349 -11.97 10.40 -10.59
N ALA A 350 -13.13 10.80 -10.08
CA ALA A 350 -13.44 10.53 -8.68
C ALA A 350 -13.53 9.03 -8.42
N PHE A 351 -14.09 8.28 -9.37
CA PHE A 351 -14.15 6.83 -9.22
C PHE A 351 -12.76 6.22 -9.23
N LEU A 352 -11.88 6.70 -10.09
CA LEU A 352 -10.50 6.22 -10.06
C LEU A 352 -9.85 6.51 -8.71
N ALA A 353 -10.08 7.73 -8.19
CA ALA A 353 -9.49 8.08 -6.91
C ALA A 353 -10.01 7.19 -5.80
N LEU A 354 -11.32 6.90 -5.79
CA LEU A 354 -11.87 6.09 -4.71
C LEU A 354 -11.48 4.62 -4.85
N PHE A 355 -11.29 4.13 -6.07
CA PHE A 355 -10.74 2.79 -6.23
C PHE A 355 -9.31 2.73 -5.71
N ARG A 356 -8.53 3.78 -5.99
CA ARG A 356 -7.19 3.86 -5.45
C ARG A 356 -7.22 3.88 -3.92
N LEU A 357 -8.22 4.54 -3.34
CA LEU A 357 -8.33 4.58 -1.88
C LEU A 357 -8.72 3.20 -1.33
N MET A 358 -9.63 2.50 -2.01
CA MET A 358 -10.04 1.19 -1.55
C MET A 358 -8.86 0.22 -1.59
N THR A 359 -8.11 0.21 -2.68
CA THR A 359 -6.91 -0.63 -2.74
C THR A 359 -5.76 -0.06 -1.91
N GLN A 360 -5.85 1.14 -1.42
CA GLN A 360 -4.82 1.75 -0.56
C GLN A 360 -3.48 1.79 -1.25
N ASP A 361 -3.46 2.08 -2.54
CA ASP A 361 -2.20 2.16 -3.27
C ASP A 361 -1.79 3.64 -3.37
N TYR A 362 -0.74 4.01 -2.66
CA TYR A 362 -0.23 5.37 -2.70
C TYR A 362 -1.30 6.36 -2.26
N TRP A 363 -2.20 5.92 -1.40
CA TRP A 363 -3.28 6.78 -0.95
C TRP A 363 -2.81 7.91 -0.06
N GLU A 364 -1.60 7.83 0.50
CA GLU A 364 -1.14 8.89 1.37
C GLU A 364 -0.85 10.16 0.60
N ASN A 365 -0.41 10.03 -0.66
CA ASN A 365 -0.22 11.22 -1.49
C ASN A 365 -1.55 11.92 -1.73
N LEU A 366 -2.60 11.15 -2.05
CA LEU A 366 -3.92 11.74 -2.24
C LEU A 366 -4.41 12.37 -0.94
N TYR A 367 -4.19 11.69 0.17
CA TYR A 367 -4.56 12.22 1.48
C TYR A 367 -3.93 13.59 1.71
N GLN A 368 -2.60 13.68 1.52
CA GLN A 368 -1.91 14.92 1.79
C GLN A 368 -2.30 16.02 0.82
N GLN A 369 -2.44 15.68 -0.46
CA GLN A 369 -2.83 16.69 -1.45
C GLN A 369 -4.21 17.24 -1.14
N THR A 370 -5.17 16.36 -0.85
CA THR A 370 -6.52 16.81 -0.55
C THR A 370 -6.55 17.66 0.72
N LEU A 371 -5.82 17.25 1.75
CA LEU A 371 -5.80 18.04 2.97
C LEU A 371 -5.19 19.41 2.73
N ARG A 372 -4.09 19.47 1.98
CA ARG A 372 -3.47 20.75 1.68
C ARG A 372 -4.41 21.65 0.89
N ALA A 373 -5.14 21.08 -0.07
CA ALA A 373 -5.98 21.90 -0.94
C ALA A 373 -7.30 22.30 -0.28
N ALA A 374 -7.80 21.50 0.66
CA ALA A 374 -9.13 21.73 1.23
C ALA A 374 -9.09 22.16 2.69
N GLY A 375 -8.40 21.43 3.54
CA GLY A 375 -8.35 21.73 4.96
C GLY A 375 -8.19 20.46 5.76
N LYS A 376 -7.50 20.59 6.89
CA LYS A 376 -7.23 19.44 7.74
C LYS A 376 -8.47 18.85 8.37
N THR A 377 -9.57 19.60 8.43
CA THR A 377 -10.82 19.06 8.95
C THR A 377 -11.45 18.04 8.02
N TYR A 378 -10.94 17.88 6.82
CA TYR A 378 -11.45 16.93 5.85
C TYR A 378 -10.81 15.56 5.97
N MET A 379 -10.01 15.33 7.02
CA MET A 379 -9.51 13.99 7.27
C MET A 379 -10.61 13.05 7.73
N ILE A 380 -11.78 13.59 8.10
CA ILE A 380 -12.90 12.74 8.47
C ILE A 380 -13.37 11.93 7.28
N PHE A 381 -13.41 12.56 6.09
CA PHE A 381 -13.76 11.84 4.88
C PHE A 381 -12.85 10.64 4.68
N PHE A 382 -11.54 10.86 4.80
CA PHE A 382 -10.59 9.78 4.56
C PHE A 382 -10.69 8.72 5.64
N VAL A 383 -10.94 9.12 6.89
CA VAL A 383 -11.11 8.14 7.96
C VAL A 383 -12.28 7.23 7.66
N VAL A 384 -13.43 7.82 7.32
CA VAL A 384 -14.62 7.03 7.03
C VAL A 384 -14.37 6.11 5.84
N VAL A 385 -13.76 6.64 4.79
CA VAL A 385 -13.54 5.85 3.59
C VAL A 385 -12.60 4.69 3.88
N ILE A 386 -11.50 4.95 4.62
CA ILE A 386 -10.43 3.94 4.87
C ILE A 386 -10.94 2.79 5.75
N PHE A 387 -12.06 2.95 6.47
CA PHE A 387 -12.61 1.91 7.37
C PHE A 387 -13.86 1.29 6.75
N LEU A 388 -14.83 2.11 6.32
CA LEU A 388 -16.11 1.62 5.75
C LEU A 388 -15.89 0.96 4.39
N GLY A 389 -14.88 1.40 3.62
CA GLY A 389 -14.65 0.91 2.24
C GLY A 389 -13.38 0.10 2.07
N SER A 390 -12.21 0.62 2.45
CA SER A 390 -10.94 -0.06 2.18
C SER A 390 -10.85 -1.39 2.91
N PHE A 391 -11.13 -1.39 4.21
CA PHE A 391 -10.92 -2.59 5.00
C PHE A 391 -12.12 -3.52 4.99
N TYR A 392 -13.33 -2.98 5.18
CA TYR A 392 -14.50 -3.83 5.28
C TYR A 392 -14.78 -4.58 3.98
N LEU A 393 -14.71 -3.88 2.84
CA LEU A 393 -14.97 -4.55 1.56
C LEU A 393 -13.89 -5.58 1.26
N ILE A 394 -12.64 -5.27 1.56
CA ILE A 394 -11.57 -6.24 1.34
C ILE A 394 -11.79 -7.49 2.18
N ASN A 395 -12.16 -7.30 3.44
CA ASN A 395 -12.43 -8.46 4.29
C ASN A 395 -13.64 -9.23 3.80
N LEU A 396 -14.65 -8.55 3.25
CA LEU A 396 -15.78 -9.26 2.65
C LEU A 396 -15.32 -10.13 1.49
N ILE A 397 -14.46 -9.60 0.63
CA ILE A 397 -13.95 -10.37 -0.49
C ILE A 397 -13.21 -11.60 0.01
N LEU A 398 -12.34 -11.41 1.00
CA LEU A 398 -11.58 -12.53 1.54
C LEU A 398 -12.50 -13.57 2.14
N ALA A 399 -13.51 -13.14 2.89
CA ALA A 399 -14.41 -14.10 3.53
C ALA A 399 -15.20 -14.88 2.50
N VAL A 400 -15.68 -14.22 1.44
CA VAL A 400 -16.46 -14.93 0.44
C VAL A 400 -15.59 -15.93 -0.30
N VAL A 401 -14.36 -15.55 -0.66
CA VAL A 401 -13.48 -16.51 -1.31
C VAL A 401 -13.19 -17.67 -0.36
N ALA A 402 -13.04 -17.39 0.93
CA ALA A 402 -12.80 -18.46 1.89
C ALA A 402 -13.97 -19.44 1.92
N MET A 403 -15.18 -18.94 1.92
CA MET A 403 -16.37 -19.81 1.94
C MET A 403 -16.46 -20.60 0.65
N ALA A 404 -16.09 -20.06 -0.49
CA ALA A 404 -16.10 -20.81 -1.74
C ALA A 404 -15.08 -21.94 -1.70
N TYR A 405 -13.86 -21.62 -1.26
CA TYR A 405 -12.75 -22.62 -1.22
C TYR A 405 -13.06 -23.72 -0.20
N GLU A 406 -13.71 -23.39 0.91
CA GLU A 406 -14.08 -24.39 1.95
C GLU A 406 -15.16 -25.31 1.40
N GLU A 407 -16.16 -24.77 0.69
CA GLU A 407 -17.30 -25.57 0.15
C GLU A 407 -16.77 -26.47 -0.97
N GLN A 408 -15.77 -26.03 -1.72
CA GLN A 408 -15.13 -26.79 -2.82
C GLN A 408 -14.27 -27.91 -2.21
N ASN A 409 -13.63 -27.66 -1.06
CA ASN A 409 -12.84 -28.66 -0.35
C ASN A 409 -13.74 -29.73 0.25
N GLN A 410 -14.86 -29.33 0.85
CA GLN A 410 -15.77 -30.33 1.41
C GLN A 410 -16.31 -31.25 0.33
N ALA A 411 -16.65 -30.69 -0.83
CA ALA A 411 -17.13 -31.52 -1.94
C ALA A 411 -16.05 -32.50 -2.38
N ASN A 412 -14.80 -32.04 -2.49
CA ASN A 412 -13.72 -32.93 -2.90
C ASN A 412 -13.52 -34.06 -1.89
N ILE A 413 -13.52 -33.74 -0.60
CA ILE A 413 -13.36 -34.76 0.44
C ILE A 413 -14.51 -35.76 0.38
N GLU A 414 -15.75 -35.29 0.20
CA GLU A 414 -16.86 -36.23 0.12
C GLU A 414 -16.72 -37.16 -1.09
N GLU A 415 -16.33 -36.61 -2.24
CA GLU A 415 -16.15 -37.45 -3.41
C GLU A 415 -15.05 -38.47 -3.19
N ALA A 416 -13.93 -38.06 -2.57
CA ALA A 416 -12.86 -39.01 -2.31
C ALA A 416 -13.31 -40.10 -1.36
N LYS A 417 -14.09 -39.73 -0.34
CA LYS A 417 -14.61 -40.73 0.59
C LYS A 417 -15.51 -41.72 -0.13
N GLN A 418 -16.37 -41.24 -1.02
CA GLN A 418 -17.24 -42.16 -1.76
C GLN A 418 -16.42 -43.06 -2.67
N PRO A 728 35.56 -57.88 6.95
CA PRO A 728 36.21 -58.51 8.10
C PRO A 728 36.75 -57.49 9.10
N TYR A 729 37.76 -56.71 8.69
CA TYR A 729 38.22 -55.60 9.51
C TYR A 729 37.27 -54.41 9.44
N TRP A 730 36.54 -54.28 8.33
CA TRP A 730 35.64 -53.15 8.14
C TRP A 730 34.51 -53.12 9.16
N ILE A 731 33.95 -54.28 9.51
CA ILE A 731 32.83 -54.30 10.45
C ILE A 731 33.26 -53.74 11.80
N LYS A 732 34.53 -53.92 12.18
CA LYS A 732 35.00 -53.38 13.45
C LYS A 732 34.81 -51.87 13.48
N PHE A 733 35.34 -51.17 12.47
CA PHE A 733 35.21 -49.72 12.44
C PHE A 733 33.76 -49.31 12.21
N LYS A 734 33.02 -50.04 11.39
CA LYS A 734 31.61 -49.71 11.19
C LYS A 734 30.87 -49.72 12.52
N LYS A 735 31.03 -50.78 13.30
CA LYS A 735 30.34 -50.86 14.58
C LYS A 735 30.83 -49.79 15.55
N CYS A 736 32.15 -49.60 15.57
CA CYS A 736 32.70 -48.63 16.51
C CYS A 736 32.07 -47.26 16.21
N ILE A 737 32.24 -46.78 14.98
CA ILE A 737 31.72 -45.47 14.60
C ILE A 737 30.22 -45.41 14.75
N TYR A 738 29.49 -46.51 14.52
CA TYR A 738 28.06 -46.48 14.76
C TYR A 738 27.76 -46.20 16.22
N PHE A 739 28.58 -46.75 17.12
CA PHE A 739 28.41 -46.41 18.54
C PHE A 739 28.77 -44.96 18.80
N ILE A 740 29.76 -44.43 18.10
CA ILE A 740 30.30 -43.12 18.43
C ILE A 740 29.44 -41.98 17.87
N VAL A 741 29.03 -42.06 16.60
CA VAL A 741 28.46 -40.92 15.91
C VAL A 741 26.94 -40.99 15.76
N MET A 742 26.29 -41.98 16.36
CA MET A 742 24.83 -42.05 16.38
C MET A 742 24.26 -41.80 17.78
N ASP A 743 25.12 -41.53 18.76
CA ASP A 743 24.65 -41.26 20.10
C ASP A 743 23.81 -39.98 20.11
N PRO A 744 22.87 -39.85 21.04
CA PRO A 744 22.09 -38.61 21.08
C PRO A 744 22.94 -37.35 21.21
N PHE A 745 24.02 -37.41 21.99
CA PHE A 745 24.81 -36.19 22.23
C PHE A 745 25.44 -35.65 20.97
N VAL A 746 25.64 -36.49 19.95
CA VAL A 746 26.13 -36.00 18.67
C VAL A 746 25.13 -35.04 18.05
N ASP A 747 23.84 -35.39 18.09
CA ASP A 747 22.81 -34.52 17.54
C ASP A 747 22.75 -33.18 18.28
N LEU A 748 22.81 -33.23 19.60
CA LEU A 748 22.79 -31.99 20.38
C LEU A 748 24.02 -31.14 20.06
N ALA A 749 25.18 -31.78 19.95
CA ALA A 749 26.40 -31.04 19.63
C ALA A 749 26.30 -30.40 18.26
N ILE A 750 25.74 -31.10 17.28
CA ILE A 750 25.63 -30.54 15.94
C ILE A 750 24.64 -29.39 15.91
N THR A 751 23.54 -29.49 16.66
CA THR A 751 22.62 -28.38 16.76
C THR A 751 23.30 -27.15 17.37
N ILE A 752 24.07 -27.37 18.43
CA ILE A 752 24.80 -26.27 19.05
C ILE A 752 25.76 -25.66 18.04
N CYS A 753 26.44 -26.49 17.27
CA CYS A 753 27.40 -25.99 16.28
C CYS A 753 26.70 -25.17 15.21
N ILE A 754 25.54 -25.61 14.75
CA ILE A 754 24.81 -24.85 13.74
C ILE A 754 24.40 -23.49 14.28
N VAL A 755 23.86 -23.45 15.49
CA VAL A 755 23.45 -22.17 16.06
C VAL A 755 24.66 -21.25 16.23
N LEU A 756 25.77 -21.79 16.73
CA LEU A 756 26.97 -20.98 16.89
C LEU A 756 27.45 -20.45 15.56
N ASN A 757 27.42 -21.29 14.52
CA ASN A 757 27.89 -20.86 13.20
C ASN A 757 27.04 -19.73 12.66
N THR A 758 25.71 -19.83 12.82
CA THR A 758 24.85 -18.75 12.33
C THR A 758 25.10 -17.46 13.11
N LEU A 759 25.13 -17.54 14.43
CA LEU A 759 25.42 -16.34 15.23
C LEU A 759 26.79 -15.78 14.91
N PHE A 760 27.72 -16.64 14.47
CA PHE A 760 29.06 -16.17 14.14
C PHE A 760 29.07 -15.45 12.81
N MET A 761 28.28 -15.93 11.84
CA MET A 761 28.21 -15.27 10.55
C MET A 761 27.34 -14.03 10.57
N ALA A 762 26.52 -13.85 11.61
CA ALA A 762 25.77 -12.61 11.78
C ALA A 762 26.61 -11.51 12.42
N MET A 763 27.94 -11.64 12.42
CA MET A 763 28.83 -10.66 13.03
C MET A 763 29.63 -9.90 11.98
N GLU A 764 29.19 -9.93 10.73
CA GLU A 764 29.87 -9.21 9.66
C GLU A 764 29.23 -7.85 9.46
N HIS A 765 30.04 -6.84 9.15
CA HIS A 765 29.51 -5.46 8.90
C HIS A 765 30.42 -4.74 7.91
N HIS A 766 29.87 -3.76 7.16
CA HIS A 766 30.64 -3.00 6.16
C HIS A 766 31.92 -2.43 6.78
N PRO A 767 31.86 -1.74 7.94
CA PRO A 767 33.06 -1.12 8.53
C PRO A 767 33.82 -2.10 9.43
N MET A 768 34.20 -3.27 8.89
CA MET A 768 34.96 -4.31 9.66
C MET A 768 36.46 -4.04 9.51
N THR A 769 37.27 -4.52 10.47
CA THR A 769 38.76 -4.35 10.44
C THR A 769 39.38 -5.56 9.74
N GLU A 770 40.71 -5.63 9.66
CA GLU A 770 41.42 -6.74 8.97
C GLU A 770 41.54 -7.95 9.89
N GLU A 771 41.80 -7.75 11.20
CA GLU A 771 41.85 -8.82 12.18
C GLU A 771 40.48 -9.48 12.34
N PHE A 772 39.42 -8.66 12.35
CA PHE A 772 38.07 -9.21 12.46
C PHE A 772 37.74 -10.06 11.24
N LYS A 773 38.13 -9.61 10.05
CA LYS A 773 37.94 -10.42 8.86
C LYS A 773 38.67 -11.76 8.99
N ASN A 774 39.90 -11.72 9.51
CA ASN A 774 40.68 -12.94 9.65
C ASN A 774 40.00 -13.91 10.61
N VAL A 775 39.50 -13.41 11.75
CA VAL A 775 38.88 -14.33 12.71
C VAL A 775 37.59 -14.89 12.14
N LEU A 776 36.82 -14.09 11.40
CA LEU A 776 35.63 -14.64 10.77
C LEU A 776 35.99 -15.75 9.79
N ALA A 777 37.04 -15.54 8.98
CA ALA A 777 37.45 -16.58 8.04
C ALA A 777 37.88 -17.85 8.77
N ILE A 778 38.64 -17.70 9.85
CA ILE A 778 39.11 -18.86 10.60
C ILE A 778 37.93 -19.63 11.18
N GLY A 779 36.97 -18.92 11.76
CA GLY A 779 35.82 -19.60 12.33
C GLY A 779 34.98 -20.31 11.28
N ASN A 780 34.80 -19.67 10.13
CA ASN A 780 34.07 -20.33 9.04
C ASN A 780 34.78 -21.60 8.60
N LEU A 781 36.10 -21.55 8.49
CA LEU A 781 36.86 -22.74 8.12
C LEU A 781 36.68 -23.83 9.17
N VAL A 782 36.74 -23.47 10.44
CA VAL A 782 36.59 -24.47 11.51
C VAL A 782 35.22 -25.14 11.41
N PHE A 783 34.17 -24.34 11.23
CA PHE A 783 32.82 -24.91 11.22
C PHE A 783 32.59 -25.78 9.99
N THR A 784 33.05 -25.35 8.82
CA THR A 784 32.90 -26.19 7.65
C THR A 784 33.69 -27.48 7.79
N GLY A 785 34.88 -27.42 8.40
CA GLY A 785 35.62 -28.64 8.66
C GLY A 785 34.87 -29.57 9.58
N ILE A 786 34.28 -29.04 10.64
CA ILE A 786 33.51 -29.88 11.56
C ILE A 786 32.39 -30.58 10.81
N PHE A 787 31.63 -29.83 10.00
CA PHE A 787 30.51 -30.43 9.30
C PHE A 787 30.96 -31.48 8.29
N ALA A 788 32.05 -31.20 7.56
CA ALA A 788 32.55 -32.19 6.61
C ALA A 788 33.00 -33.46 7.32
N ALA A 789 33.71 -33.32 8.45
CA ALA A 789 34.13 -34.49 9.20
C ALA A 789 32.93 -35.29 9.68
N GLU A 790 31.89 -34.60 10.13
CA GLU A 790 30.69 -35.29 10.57
C GLU A 790 30.05 -36.07 9.42
N MET A 791 30.01 -35.47 8.22
CA MET A 791 29.45 -36.19 7.09
C MET A 791 30.28 -37.43 6.77
N VAL A 792 31.61 -37.29 6.77
CA VAL A 792 32.45 -38.43 6.45
C VAL A 792 32.24 -39.55 7.46
N LEU A 793 32.16 -39.20 8.74
CA LEU A 793 31.97 -40.23 9.76
C LEU A 793 30.60 -40.89 9.63
N LYS A 794 29.54 -40.09 9.45
CA LYS A 794 28.21 -40.67 9.32
C LYS A 794 28.04 -41.42 8.02
N LEU A 795 28.97 -41.27 7.08
CA LEU A 795 28.94 -42.09 5.87
C LEU A 795 29.71 -43.39 6.06
N ILE A 796 30.89 -43.36 6.69
CA ILE A 796 31.63 -44.60 6.89
C ILE A 796 30.95 -45.48 7.93
N ALA A 797 30.27 -44.91 8.92
CA ALA A 797 29.55 -45.73 9.88
C ALA A 797 28.52 -46.61 9.20
N MET A 798 27.71 -46.02 8.32
CA MET A 798 26.65 -46.73 7.62
C MET A 798 26.74 -46.36 6.15
N ASP A 799 26.64 -47.39 5.30
CA ASP A 799 27.05 -47.24 3.91
C ASP A 799 26.16 -46.24 3.18
N PRO A 800 26.63 -45.75 2.02
CA PRO A 800 25.82 -44.78 1.27
C PRO A 800 24.43 -45.28 0.92
N TYR A 801 24.29 -46.58 0.65
CA TYR A 801 22.99 -47.11 0.24
C TYR A 801 21.91 -46.83 1.27
N GLU A 802 22.30 -46.67 2.54
CA GLU A 802 21.36 -46.25 3.57
C GLU A 802 21.50 -44.77 3.91
N TYR A 803 22.70 -44.21 3.75
CA TYR A 803 22.88 -42.78 3.99
C TYR A 803 21.92 -41.96 3.14
N PHE A 804 21.91 -42.20 1.84
CA PHE A 804 21.15 -41.35 0.93
C PHE A 804 19.66 -41.62 0.94
N GLN A 805 19.18 -42.44 1.87
CA GLN A 805 17.77 -42.75 1.96
C GLN A 805 16.98 -41.74 2.79
N VAL A 806 17.66 -40.73 3.34
CA VAL A 806 17.03 -39.74 4.22
C VAL A 806 17.16 -38.37 3.57
N GLY A 807 16.04 -37.66 3.50
CA GLY A 807 16.07 -36.31 2.95
C GLY A 807 17.01 -35.40 3.70
N TRP A 808 17.04 -35.51 5.02
CA TRP A 808 17.96 -34.71 5.81
C TRP A 808 19.40 -35.05 5.50
N ASN A 809 19.70 -36.34 5.32
CA ASN A 809 21.07 -36.72 4.97
C ASN A 809 21.48 -36.14 3.62
N ILE A 810 20.62 -36.27 2.62
CA ILE A 810 21.00 -35.74 1.31
C ILE A 810 21.10 -34.23 1.36
N PHE A 811 20.26 -33.58 2.17
CA PHE A 811 20.30 -32.13 2.29
C PHE A 811 21.61 -31.68 2.92
N ASP A 812 22.02 -32.33 4.01
CA ASP A 812 23.31 -32.02 4.61
C ASP A 812 24.45 -32.29 3.64
N SER A 813 24.36 -33.36 2.86
CA SER A 813 25.41 -33.64 1.89
C SER A 813 25.52 -32.54 0.85
N LEU A 814 24.39 -32.07 0.31
CA LEU A 814 24.47 -30.97 -0.66
C LEU A 814 25.05 -29.71 -0.02
N ILE A 815 24.59 -29.37 1.19
CA ILE A 815 25.09 -28.14 1.82
C ILE A 815 26.59 -28.23 2.04
N VAL A 816 27.07 -29.36 2.55
CA VAL A 816 28.49 -29.46 2.89
C VAL A 816 29.35 -29.54 1.63
N THR A 817 28.90 -30.26 0.60
CA THR A 817 29.68 -30.29 -0.63
C THR A 817 29.73 -28.93 -1.29
N LEU A 818 28.62 -28.18 -1.28
CA LEU A 818 28.66 -26.81 -1.79
C LEU A 818 29.61 -25.94 -0.98
N SER A 819 29.62 -26.12 0.35
CA SER A 819 30.55 -25.36 1.18
C SER A 819 32.00 -25.68 0.82
N LEU A 820 32.30 -26.96 0.57
CA LEU A 820 33.65 -27.32 0.17
C LEU A 820 34.02 -26.75 -1.19
N VAL A 821 33.05 -26.72 -2.11
CA VAL A 821 33.29 -26.07 -3.39
C VAL A 821 33.61 -24.61 -3.18
N GLU A 822 32.86 -23.94 -2.31
CA GLU A 822 33.14 -22.55 -1.97
C GLU A 822 34.55 -22.39 -1.43
N LEU A 823 34.96 -23.29 -0.54
CA LEU A 823 36.30 -23.20 0.03
C LEU A 823 37.35 -23.34 -1.03
N PHE A 824 37.21 -24.33 -1.93
CA PHE A 824 38.21 -24.54 -2.96
C PHE A 824 38.29 -23.35 -3.90
N LEU A 825 37.15 -22.80 -4.29
CA LEU A 825 37.15 -21.62 -5.16
C LEU A 825 37.56 -20.38 -4.37
N LEU A 831 32.97 -17.24 -2.91
CA LEU A 831 32.04 -16.16 -3.20
C LEU A 831 31.11 -15.90 -2.03
N SER A 832 30.37 -14.79 -2.10
CA SER A 832 29.40 -14.48 -1.06
C SER A 832 28.24 -15.47 -1.08
N VAL A 833 27.67 -15.72 -2.25
CA VAL A 833 26.45 -16.52 -2.34
C VAL A 833 26.73 -17.94 -1.83
N LEU A 834 27.82 -18.53 -2.30
CA LEU A 834 28.16 -19.89 -1.86
C LEU A 834 28.36 -19.92 -0.36
N ARG A 835 28.94 -18.85 0.20
CA ARG A 835 29.14 -18.76 1.67
C ARG A 835 27.76 -18.66 2.34
N SER A 836 26.81 -17.91 1.76
CA SER A 836 25.51 -17.73 2.38
C SER A 836 24.66 -18.99 2.34
N PHE A 837 24.86 -19.85 1.34
CA PHE A 837 24.02 -21.04 1.22
C PHE A 837 24.15 -21.95 2.43
N ARG A 838 25.22 -21.81 3.22
CA ARG A 838 25.35 -22.55 4.47
C ARG A 838 24.26 -22.18 5.46
N LEU A 839 23.66 -21.00 5.32
CA LEU A 839 22.64 -20.54 6.24
C LEU A 839 21.46 -21.50 6.34
N LEU A 840 21.22 -22.30 5.30
CA LEU A 840 20.03 -23.13 5.25
C LEU A 840 20.06 -24.28 6.26
N ARG A 841 21.20 -24.55 6.89
CA ARG A 841 21.26 -25.57 7.92
C ARG A 841 20.37 -25.25 9.10
N VAL A 842 19.96 -23.98 9.26
CA VAL A 842 19.13 -23.60 10.39
C VAL A 842 17.83 -24.39 10.41
N PHE A 843 17.37 -24.85 9.25
CA PHE A 843 16.09 -25.56 9.19
C PHE A 843 16.16 -26.93 9.84
N LYS A 844 17.36 -27.40 10.22
CA LYS A 844 17.45 -28.68 10.91
C LYS A 844 16.78 -28.64 12.28
N LEU A 845 16.61 -27.47 12.87
CA LEU A 845 15.89 -27.35 14.13
C LEU A 845 14.40 -27.60 13.99
N ALA A 846 13.88 -27.68 12.77
CA ALA A 846 12.46 -27.90 12.59
C ALA A 846 12.00 -29.20 13.22
N LYS A 847 12.90 -30.18 13.38
CA LYS A 847 12.51 -31.43 14.00
C LYS A 847 12.05 -31.23 15.44
N SER A 848 12.74 -30.38 16.19
CA SER A 848 12.41 -30.10 17.58
C SER A 848 11.68 -28.79 17.77
N TRP A 849 11.34 -28.09 16.69
CA TRP A 849 10.62 -26.81 16.77
C TRP A 849 9.27 -26.97 16.09
N PRO A 850 8.18 -27.14 16.85
CA PRO A 850 6.88 -27.39 16.19
C PRO A 850 6.44 -26.30 15.24
N THR A 851 6.67 -25.04 15.57
CA THR A 851 6.15 -23.95 14.74
C THR A 851 7.11 -23.50 13.66
N LEU A 852 8.28 -24.12 13.56
CA LEU A 852 9.12 -23.97 12.38
C LEU A 852 8.88 -25.08 11.38
N ASN A 853 8.24 -26.17 11.79
CA ASN A 853 7.80 -27.18 10.84
C ASN A 853 6.55 -26.73 10.10
N MET A 854 5.74 -25.86 10.71
CA MET A 854 4.58 -25.32 10.01
C MET A 854 5.01 -24.54 8.78
N LEU A 855 6.07 -23.74 8.89
CA LEU A 855 6.54 -22.99 7.74
C LEU A 855 7.02 -23.92 6.62
N ILE A 856 7.73 -24.97 6.98
CA ILE A 856 8.20 -25.91 5.97
C ILE A 856 7.03 -26.63 5.32
N LYS A 857 5.99 -26.92 6.10
CA LYS A 857 4.80 -27.55 5.51
C LYS A 857 4.10 -26.60 4.55
N ILE A 858 4.01 -25.32 4.91
CA ILE A 858 3.43 -24.34 4.00
C ILE A 858 4.21 -24.30 2.69
N ILE A 859 5.52 -24.17 2.79
CA ILE A 859 6.36 -24.06 1.59
C ILE A 859 6.27 -25.33 0.76
N GLY A 860 6.19 -26.49 1.42
CA GLY A 860 6.07 -27.74 0.68
C GLY A 860 4.74 -27.87 -0.02
N ASN A 861 3.66 -27.44 0.62
CA ASN A 861 2.35 -27.46 -0.03
C ASN A 861 2.34 -26.55 -1.25
N SER A 862 3.00 -25.40 -1.17
CA SER A 862 2.99 -24.49 -2.31
C SER A 862 3.47 -25.16 -3.58
N VAL A 863 4.35 -26.16 -3.46
CA VAL A 863 4.85 -26.91 -4.61
C VAL A 863 4.49 -28.39 -4.53
N GLY A 864 3.61 -28.77 -3.62
CA GLY A 864 3.19 -30.15 -3.49
C GLY A 864 1.77 -30.35 -3.94
N ALA A 865 0.82 -30.23 -3.01
CA ALA A 865 -0.58 -30.33 -3.37
C ALA A 865 -1.00 -29.21 -4.31
N LEU A 866 -0.56 -27.99 -4.04
CA LEU A 866 -0.93 -26.82 -4.82
C LEU A 866 0.10 -26.48 -5.90
N GLY A 867 0.86 -27.47 -6.34
CA GLY A 867 1.80 -27.22 -7.42
C GLY A 867 1.11 -26.69 -8.67
N ASN A 868 -0.07 -27.23 -8.96
CA ASN A 868 -0.80 -26.77 -10.14
C ASN A 868 -1.24 -25.32 -9.98
N LEU A 869 -1.70 -24.93 -8.79
CA LEU A 869 -2.09 -23.54 -8.58
C LEU A 869 -0.89 -22.60 -8.73
N THR A 870 0.25 -22.99 -8.17
CA THR A 870 1.45 -22.17 -8.34
C THR A 870 1.85 -22.09 -9.81
N LEU A 871 1.72 -23.19 -10.54
CA LEU A 871 2.05 -23.19 -11.96
C LEU A 871 1.12 -22.27 -12.74
N VAL A 872 -0.17 -22.29 -12.40
CA VAL A 872 -1.11 -21.38 -13.06
C VAL A 872 -0.72 -19.93 -12.78
N LEU A 873 -0.34 -19.63 -11.54
CA LEU A 873 0.11 -18.28 -11.21
C LEU A 873 1.30 -17.89 -12.06
N ALA A 874 2.29 -18.77 -12.18
CA ALA A 874 3.48 -18.45 -12.97
C ALA A 874 3.12 -18.23 -14.43
N ILE A 875 2.26 -19.08 -14.98
CA ILE A 875 1.87 -18.93 -16.38
C ILE A 875 1.17 -17.60 -16.59
N ILE A 876 0.26 -17.23 -15.69
CA ILE A 876 -0.48 -15.98 -15.84
C ILE A 876 0.48 -14.80 -15.78
N VAL A 877 1.42 -14.82 -14.84
CA VAL A 877 2.35 -13.70 -14.73
C VAL A 877 3.20 -13.59 -16.00
N PHE A 878 3.65 -14.72 -16.53
CA PHE A 878 4.43 -14.69 -17.76
C PHE A 878 3.60 -14.11 -18.91
N ILE A 879 2.35 -14.52 -19.03
CA ILE A 879 1.50 -14.04 -20.10
C ILE A 879 1.31 -12.54 -19.99
N PHE A 880 1.05 -12.04 -18.78
CA PHE A 880 0.83 -10.61 -18.62
C PHE A 880 2.10 -9.83 -18.92
N ALA A 881 3.25 -10.32 -18.48
CA ALA A 881 4.50 -9.63 -18.78
C ALA A 881 4.72 -9.53 -20.28
N VAL A 882 4.51 -10.64 -21.01
CA VAL A 882 4.72 -10.62 -22.45
C VAL A 882 3.73 -9.69 -23.12
N VAL A 883 2.46 -9.72 -22.70
CA VAL A 883 1.46 -8.85 -23.30
C VAL A 883 1.82 -7.39 -23.11
N GLY A 884 2.20 -7.00 -21.89
CA GLY A 884 2.59 -5.63 -21.64
C GLY A 884 3.79 -5.22 -22.46
N MET A 885 4.81 -6.09 -22.52
CA MET A 885 5.99 -5.77 -23.32
C MET A 885 5.59 -5.51 -24.77
N GLN A 886 4.86 -6.45 -25.38
CA GLN A 886 4.51 -6.31 -26.78
C GLN A 886 3.69 -5.05 -27.03
N LEU A 887 2.75 -4.74 -26.14
CA LEU A 887 1.88 -3.60 -26.38
C LEU A 887 2.58 -2.26 -26.17
N PHE A 888 3.45 -2.15 -25.16
CA PHE A 888 3.92 -0.84 -24.72
C PHE A 888 5.42 -0.59 -24.81
N GLY A 889 6.22 -1.55 -25.30
CA GLY A 889 7.65 -1.32 -25.33
C GLY A 889 8.05 -0.19 -26.26
N LYS A 890 7.51 -0.19 -27.48
CA LYS A 890 7.85 0.84 -28.44
C LYS A 890 7.41 2.21 -27.95
N SER A 891 6.24 2.28 -27.32
CA SER A 891 5.78 3.55 -26.76
C SER A 891 6.73 4.04 -25.69
N TYR A 892 7.15 3.16 -24.78
CA TYR A 892 8.11 3.57 -23.76
C TYR A 892 9.40 4.08 -24.38
N LYS A 893 9.84 3.45 -25.46
CA LYS A 893 11.10 3.88 -26.08
C LYS A 893 10.95 5.21 -26.81
N GLU A 894 9.78 5.46 -27.41
CA GLU A 894 9.60 6.65 -28.23
C GLU A 894 9.21 7.86 -27.39
N CYS A 895 8.10 7.77 -26.68
CA CYS A 895 7.57 8.89 -25.91
C CYS A 895 8.24 8.98 -24.54
N VAL A 896 9.56 8.84 -24.50
CA VAL A 896 10.25 8.81 -23.22
C VAL A 896 10.39 10.21 -22.62
N CYS A 897 10.42 11.25 -23.46
CA CYS A 897 10.54 12.61 -22.96
C CYS A 897 9.25 13.13 -22.34
N LYS A 898 8.14 12.44 -22.54
CA LYS A 898 6.90 12.81 -21.86
C LYS A 898 6.87 12.37 -20.42
N ILE A 899 7.76 11.45 -20.03
CA ILE A 899 7.77 10.91 -18.67
C ILE A 899 9.11 11.08 -17.98
N ASN A 900 10.19 11.37 -18.70
CA ASN A 900 11.49 11.60 -18.09
C ASN A 900 12.09 12.86 -18.68
N ASP A 901 12.54 13.77 -17.80
CA ASP A 901 13.12 15.02 -18.27
C ASP A 901 14.42 14.76 -19.04
N ASP A 902 15.24 13.81 -18.58
CA ASP A 902 16.50 13.52 -19.24
C ASP A 902 16.31 12.83 -20.58
N CYS A 903 15.10 12.42 -20.92
CA CYS A 903 14.84 11.66 -22.14
C CYS A 903 15.62 10.35 -22.13
N THR A 904 15.56 9.64 -21.01
CA THR A 904 16.07 8.29 -20.88
C THR A 904 15.03 7.45 -20.16
N LEU A 905 15.09 6.14 -20.39
CA LEU A 905 14.05 5.27 -19.88
C LEU A 905 13.95 5.37 -18.37
N PRO A 906 12.75 5.48 -17.80
CA PRO A 906 12.63 5.59 -16.35
C PRO A 906 13.06 4.33 -15.62
N ARG A 907 12.90 4.31 -14.30
CA ARG A 907 13.29 3.14 -13.53
C ARG A 907 12.41 1.95 -13.85
N TRP A 908 11.11 2.17 -14.00
CA TRP A 908 10.15 1.11 -14.30
C TRP A 908 9.57 1.35 -15.69
N HIS A 909 9.67 0.36 -16.56
CA HIS A 909 9.14 0.45 -17.91
C HIS A 909 8.81 -0.95 -18.40
N MET A 910 8.22 -1.03 -19.60
CA MET A 910 7.87 -2.29 -20.23
C MET A 910 8.60 -2.47 -21.55
N ASN A 911 9.83 -1.96 -21.63
CA ASN A 911 10.58 -2.05 -22.87
C ASN A 911 11.27 -3.39 -23.09
N ASP A 912 11.47 -4.17 -22.03
CA ASP A 912 12.03 -5.51 -22.16
C ASP A 912 11.34 -6.43 -21.18
N PHE A 913 11.59 -7.73 -21.33
CA PHE A 913 10.83 -8.71 -20.57
C PHE A 913 11.09 -8.60 -19.08
N PHE A 914 12.33 -8.38 -18.68
CA PHE A 914 12.62 -8.33 -17.25
C PHE A 914 11.87 -7.19 -16.58
N HIS A 915 11.87 -6.01 -17.19
CA HIS A 915 11.18 -4.87 -16.60
C HIS A 915 9.67 -5.01 -16.69
N SER A 916 9.17 -5.63 -17.75
CA SER A 916 7.73 -5.92 -17.80
C SER A 916 7.32 -6.84 -16.66
N PHE A 917 8.11 -7.89 -16.44
CA PHE A 917 7.82 -8.80 -15.33
C PHE A 917 7.89 -8.08 -14.01
N LEU A 918 8.87 -7.19 -13.84
CA LEU A 918 8.98 -6.45 -12.59
C LEU A 918 7.77 -5.57 -12.37
N ILE A 919 7.26 -4.92 -13.43
CA ILE A 919 6.07 -4.11 -13.29
C ILE A 919 4.88 -4.97 -12.89
N VAL A 920 4.73 -6.14 -13.51
CA VAL A 920 3.60 -7.01 -13.17
C VAL A 920 3.72 -7.48 -11.71
N PHE A 921 4.93 -7.84 -11.29
CA PHE A 921 5.14 -8.26 -9.91
C PHE A 921 4.84 -7.15 -8.93
N ARG A 922 5.24 -5.92 -9.25
CA ARG A 922 4.93 -4.79 -8.40
C ARG A 922 3.43 -4.56 -8.30
N VAL A 923 2.73 -4.70 -9.42
CA VAL A 923 1.27 -4.56 -9.40
C VAL A 923 0.67 -5.60 -8.48
N LEU A 924 1.15 -6.84 -8.55
CA LEU A 924 0.65 -7.88 -7.65
C LEU A 924 0.94 -7.53 -6.20
N CYS A 925 2.14 -7.02 -5.93
CA CYS A 925 2.46 -6.58 -4.57
C CYS A 925 1.48 -5.52 -4.09
N GLY A 926 1.03 -4.65 -4.99
CA GLY A 926 -0.06 -3.74 -4.67
C GLY A 926 0.19 -2.30 -5.05
N GLU A 927 1.10 -2.07 -5.99
CA GLU A 927 1.45 -0.72 -6.44
C GLU A 927 1.24 -0.64 -7.94
N TRP A 928 0.20 0.07 -8.36
CA TRP A 928 -0.22 0.03 -9.75
C TRP A 928 -0.54 1.41 -10.33
N ILE A 929 -0.39 2.48 -9.56
CA ILE A 929 -0.81 3.81 -10.00
C ILE A 929 0.36 4.64 -10.50
N GLU A 930 1.49 4.62 -9.79
CA GLU A 930 2.61 5.45 -10.21
C GLU A 930 3.17 4.99 -11.55
N THR A 931 3.24 3.68 -11.79
CA THR A 931 3.67 3.18 -13.08
C THR A 931 2.56 3.34 -14.12
N MET A 932 1.30 3.24 -13.71
CA MET A 932 0.21 3.41 -14.66
C MET A 932 0.13 4.83 -15.18
N TRP A 933 0.56 5.81 -14.39
CA TRP A 933 0.56 7.19 -14.88
C TRP A 933 1.47 7.31 -16.10
N ASP A 934 2.70 6.80 -16.00
CA ASP A 934 3.60 6.84 -17.13
C ASP A 934 3.09 5.99 -18.28
N CYS A 935 2.49 4.84 -17.95
CA CYS A 935 1.88 4.02 -18.99
C CYS A 935 0.90 4.85 -19.80
N MET A 936 -0.03 5.53 -19.13
CA MET A 936 -1.01 6.32 -19.88
C MET A 936 -0.32 7.42 -20.66
N GLU A 937 0.60 8.15 -20.03
CA GLU A 937 1.28 9.24 -20.71
C GLU A 937 1.86 8.79 -22.03
N VAL A 938 2.52 7.64 -22.05
CA VAL A 938 3.18 7.21 -23.29
C VAL A 938 2.20 6.53 -24.24
N ALA A 939 1.24 5.74 -23.75
CA ALA A 939 0.53 4.81 -24.62
C ALA A 939 -0.98 4.82 -24.40
N GLY A 940 -1.58 5.96 -24.06
CA GLY A 940 -3.03 6.04 -24.14
C GLY A 940 -3.80 5.45 -22.98
N GLN A 941 -4.81 6.22 -22.55
CA GLN A 941 -5.56 5.87 -21.35
C GLN A 941 -6.33 4.57 -21.53
N ALA A 942 -7.00 4.39 -22.67
CA ALA A 942 -7.81 3.20 -22.84
C ALA A 942 -6.96 1.95 -22.71
N MET A 943 -5.87 1.87 -23.46
CA MET A 943 -5.04 0.67 -23.43
C MET A 943 -4.45 0.45 -22.05
N CYS A 944 -3.85 1.48 -21.46
CA CYS A 944 -3.19 1.26 -20.18
C CYS A 944 -4.20 0.88 -19.11
N LEU A 945 -5.33 1.57 -19.05
CA LEU A 945 -6.34 1.25 -18.04
C LEU A 945 -6.86 -0.16 -18.21
N ILE A 946 -7.16 -0.56 -19.45
CA ILE A 946 -7.70 -1.90 -19.67
C ILE A 946 -6.71 -2.96 -19.22
N VAL A 947 -5.46 -2.83 -19.67
CA VAL A 947 -4.46 -3.86 -19.34
C VAL A 947 -4.21 -3.90 -17.84
N TYR A 948 -4.09 -2.73 -17.21
CA TYR A 948 -3.78 -2.70 -15.78
C TYR A 948 -4.92 -3.25 -14.95
N MET A 949 -6.17 -2.92 -15.31
CA MET A 949 -7.30 -3.45 -14.57
C MET A 949 -7.39 -4.96 -14.74
N MET A 950 -7.17 -5.46 -15.96
CA MET A 950 -7.16 -6.91 -16.16
C MET A 950 -6.10 -7.57 -15.30
N VAL A 951 -4.88 -7.03 -15.34
CA VAL A 951 -3.78 -7.61 -14.56
C VAL A 951 -4.14 -7.62 -13.09
N MET A 952 -4.57 -6.48 -12.54
CA MET A 952 -4.90 -6.44 -11.13
C MET A 952 -5.98 -7.46 -10.78
N VAL A 953 -7.10 -7.41 -11.48
CA VAL A 953 -8.22 -8.26 -11.08
C VAL A 953 -7.82 -9.73 -11.12
N ILE A 954 -7.27 -10.18 -12.25
CA ILE A 954 -6.99 -11.60 -12.41
C ILE A 954 -5.86 -12.03 -11.49
N GLY A 955 -4.76 -11.27 -11.46
CA GLY A 955 -3.64 -11.65 -10.64
C GLY A 955 -3.98 -11.69 -9.17
N ASN A 956 -4.74 -10.70 -8.69
CA ASN A 956 -5.12 -10.69 -7.29
C ASN A 956 -6.08 -11.83 -6.98
N LEU A 957 -7.00 -12.14 -7.90
CA LEU A 957 -7.87 -13.28 -7.69
C LEU A 957 -7.05 -14.55 -7.50
N VAL A 958 -6.09 -14.79 -8.39
CA VAL A 958 -5.32 -16.03 -8.32
C VAL A 958 -4.43 -16.04 -7.08
N VAL A 959 -3.78 -14.91 -6.76
CA VAL A 959 -2.91 -14.86 -5.60
C VAL A 959 -3.69 -15.10 -4.33
N LEU A 960 -4.88 -14.49 -4.22
CA LEU A 960 -5.69 -14.68 -3.03
C LEU A 960 -6.19 -16.12 -2.94
N ASN A 961 -6.56 -16.72 -4.07
CA ASN A 961 -6.97 -18.12 -4.04
C ASN A 961 -5.84 -19.01 -3.53
N LEU A 962 -4.62 -18.78 -4.02
CA LEU A 962 -3.49 -19.58 -3.55
C LEU A 962 -3.23 -19.34 -2.08
N PHE A 963 -3.27 -18.09 -1.64
CA PHE A 963 -3.02 -17.76 -0.24
C PHE A 963 -4.02 -18.47 0.67
N LEU A 964 -5.30 -18.37 0.35
CA LEU A 964 -6.32 -19.00 1.18
C LEU A 964 -6.23 -20.52 1.13
N ALA A 965 -5.94 -21.08 -0.05
CA ALA A 965 -5.79 -22.54 -0.14
C ALA A 965 -4.64 -23.01 0.75
N LEU A 966 -3.50 -22.31 0.69
CA LEU A 966 -2.38 -22.69 1.54
C LEU A 966 -2.76 -22.59 3.01
N LEU A 967 -3.37 -21.47 3.40
CA LEU A 967 -3.73 -21.28 4.79
C LEU A 967 -4.64 -22.40 5.29
N LEU A 968 -5.73 -22.64 4.57
CA LEU A 968 -6.70 -23.64 5.03
C LEU A 968 -6.12 -25.04 5.00
N SER A 969 -5.40 -25.39 3.94
CA SER A 969 -4.78 -26.71 3.89
C SER A 969 -3.85 -26.92 5.08
N SER A 970 -2.95 -25.97 5.33
CA SER A 970 -1.96 -26.15 6.37
C SER A 970 -2.59 -26.17 7.75
N PHE A 971 -3.63 -25.36 7.99
CA PHE A 971 -4.21 -25.25 9.32
C PHE A 971 -5.48 -26.06 9.50
N SER A 972 -5.80 -26.95 8.56
CA SER A 972 -6.87 -27.92 8.75
C SER A 972 -6.46 -29.32 8.33
N SER A 973 -6.01 -29.51 7.09
CA SER A 973 -5.68 -30.85 6.62
C SER A 973 -4.53 -31.46 7.40
N ASP A 974 -3.52 -30.66 7.76
CA ASP A 974 -2.42 -31.18 8.54
C ASP A 974 -2.86 -31.77 9.87
N ASN A 975 -4.01 -31.33 10.39
CA ASN A 975 -4.54 -31.82 11.65
C ASN A 975 -5.39 -33.06 11.36
N LEU A 976 -4.77 -34.24 11.47
CA LEU A 976 -5.49 -35.49 11.29
C LEU A 976 -4.99 -36.62 12.18
N THR A 977 -4.01 -36.37 13.05
CA THR A 977 -3.50 -37.39 13.98
C THR A 977 -2.97 -38.61 13.21
N ALA A 978 -2.16 -38.31 12.19
CA ALA A 978 -1.61 -39.38 11.35
C ALA A 978 -0.73 -40.32 12.16
N ILE A 979 0.11 -39.76 13.04
CA ILE A 979 1.03 -40.55 13.84
C ILE A 979 1.08 -39.96 15.24
N GLU A 980 1.65 -40.73 16.17
CA GLU A 980 1.76 -40.29 17.55
C GLU A 980 2.77 -39.16 17.69
N GLU A 981 2.77 -38.52 18.85
CA GLU A 981 3.73 -37.45 19.14
C GLU A 981 5.08 -38.07 19.44
N ASP A 982 6.04 -37.88 18.53
CA ASP A 982 7.37 -38.46 18.60
C ASP A 982 7.34 -39.87 19.16
N PRO A 983 6.79 -40.84 18.42
CA PRO A 983 6.85 -42.23 18.90
C PRO A 983 8.27 -42.69 19.16
N ASP A 984 9.17 -42.44 18.21
CA ASP A 984 10.60 -42.61 18.42
C ASP A 984 11.17 -41.26 18.85
N ALA A 985 11.50 -41.15 20.13
CA ALA A 985 11.93 -39.87 20.68
C ALA A 985 13.10 -39.31 19.89
N ASN A 986 13.04 -38.02 19.59
CA ASN A 986 14.10 -37.37 18.84
C ASN A 986 15.41 -37.47 19.62
N ASN A 987 16.52 -37.53 18.87
CA ASN A 987 17.82 -37.64 19.52
C ASN A 987 18.04 -36.50 20.51
N LEU A 988 17.58 -35.29 20.15
CA LEU A 988 17.70 -34.16 21.08
C LEU A 988 16.88 -34.42 22.34
N GLN A 989 15.68 -34.98 22.19
CA GLN A 989 14.86 -35.28 23.36
C GLN A 989 15.55 -36.30 24.26
N ILE A 990 16.12 -37.35 23.67
CA ILE A 990 16.80 -38.36 24.46
C ILE A 990 18.01 -37.76 25.17
N ALA A 991 18.77 -36.93 24.46
CA ALA A 991 19.95 -36.31 25.06
C ALA A 991 19.58 -35.40 26.23
N VAL A 992 18.53 -34.59 26.06
CA VAL A 992 18.11 -33.72 27.16
C VAL A 992 17.57 -34.56 28.32
N THR A 993 16.89 -35.66 28.03
CA THR A 993 16.45 -36.57 29.09
C THR A 993 17.65 -37.09 29.88
N ARG A 994 18.70 -37.52 29.17
CA ARG A 994 19.90 -38.01 29.85
C ARG A 994 20.55 -36.90 30.66
N ILE A 995 20.59 -35.69 30.12
CA ILE A 995 21.21 -34.57 30.83
C ILE A 995 20.45 -34.28 32.12
N LYS A 996 19.12 -34.24 32.06
CA LYS A 996 18.35 -33.95 33.26
C LYS A 996 18.48 -35.07 34.27
N LYS A 997 18.51 -36.33 33.81
CA LYS A 997 18.73 -37.44 34.73
C LYS A 997 20.08 -37.31 35.42
N GLY A 998 21.13 -36.96 34.66
CA GLY A 998 22.43 -36.76 35.27
C GLY A 998 22.45 -35.60 36.25
N ILE A 999 21.71 -34.54 35.93
CA ILE A 999 21.63 -33.40 36.84
C ILE A 999 20.98 -33.81 38.16
N ASN A 1000 19.88 -34.57 38.07
CA ASN A 1000 19.22 -35.05 39.29
C ASN A 1000 20.13 -35.97 40.08
N TYR A 1001 20.86 -36.86 39.39
CA TYR A 1001 21.80 -37.74 40.06
C TYR A 1001 22.88 -36.95 40.79
N VAL A 1002 23.43 -35.93 40.12
CA VAL A 1002 24.46 -35.10 40.74
C VAL A 1002 23.88 -34.37 41.94
N LYS A 1003 22.66 -33.86 41.82
CA LYS A 1003 22.03 -33.15 42.93
C LYS A 1003 21.88 -34.07 44.14
N GLN A 1004 21.38 -35.28 43.91
CA GLN A 1004 21.20 -36.21 45.02
C GLN A 1004 22.54 -36.59 45.66
N THR A 1005 23.55 -36.86 44.82
CA THR A 1005 24.86 -37.23 45.36
C THR A 1005 25.46 -36.09 46.17
N LEU A 1006 25.35 -34.85 45.67
CA LEU A 1006 25.88 -33.71 46.40
C LEU A 1006 25.12 -33.50 47.70
N ARG A 1007 23.79 -33.67 47.69
CA ARG A 1007 23.03 -33.54 48.92
C ARG A 1007 23.48 -34.56 49.95
N GLU A 1008 23.65 -35.81 49.53
CA GLU A 1008 24.13 -36.84 50.44
C GLU A 1008 25.51 -36.50 50.98
N PHE A 1009 26.42 -36.05 50.10
CA PHE A 1009 27.78 -35.75 50.52
C PHE A 1009 27.80 -34.60 51.52
N ILE A 1010 27.05 -33.53 51.27
CA ILE A 1010 27.06 -32.39 52.18
C ILE A 1010 26.40 -32.76 53.51
N LEU A 1011 25.33 -33.56 53.46
CA LEU A 1011 24.70 -33.98 54.71
C LEU A 1011 25.66 -34.84 55.53
N LYS A 1012 26.40 -35.74 54.89
CA LYS A 1012 27.38 -36.53 55.61
C LYS A 1012 28.49 -35.65 56.19
N ALA A 1013 28.98 -34.69 55.40
CA ALA A 1013 30.07 -33.84 55.87
C ALA A 1013 29.64 -32.98 57.04
N PHE A 1014 28.44 -32.42 56.99
CA PHE A 1014 27.95 -31.55 58.05
C PHE A 1014 26.44 -31.68 58.21
N GLY A 1175 -9.34 -3.70 67.88
CA GLY A 1175 -9.28 -4.02 66.47
C GLY A 1175 -10.65 -4.00 65.83
N LYS A 1176 -11.67 -3.99 66.68
CA LYS A 1176 -13.05 -3.97 66.19
C LYS A 1176 -13.35 -2.72 65.40
N ILE A 1177 -12.64 -1.61 65.66
CA ILE A 1177 -12.89 -0.37 64.95
C ILE A 1177 -12.17 -0.35 63.61
N TRP A 1178 -10.92 -0.81 63.59
CA TRP A 1178 -10.17 -0.86 62.34
C TRP A 1178 -10.88 -1.73 61.30
N TRP A 1179 -11.47 -2.83 61.74
CA TRP A 1179 -12.20 -3.68 60.82
C TRP A 1179 -13.35 -2.91 60.19
N ASN A 1180 -14.08 -2.15 61.01
CA ASN A 1180 -15.15 -1.32 60.47
C ASN A 1180 -14.61 -0.27 59.52
N ILE A 1181 -13.42 0.26 59.82
CA ILE A 1181 -12.81 1.25 58.94
C ILE A 1181 -12.56 0.64 57.58
N ARG A 1182 -12.01 -0.57 57.55
CA ARG A 1182 -11.77 -1.25 56.29
C ARG A 1182 -13.07 -1.48 55.54
N LYS A 1183 -14.12 -1.87 56.26
CA LYS A 1183 -15.43 -2.02 55.62
C LYS A 1183 -15.88 -0.71 54.99
N THR A 1184 -15.69 0.41 55.70
CA THR A 1184 -16.14 1.75 55.21
C THR A 1184 -15.36 2.14 53.96
N CYS A 1185 -14.05 1.86 53.91
CA CYS A 1185 -13.26 2.19 52.73
C CYS A 1185 -13.65 1.32 51.55
N TYR A 1186 -13.94 0.04 51.81
CA TYR A 1186 -14.39 -0.84 50.75
C TYR A 1186 -15.71 -0.36 50.16
N LYS A 1187 -16.66 0.00 51.03
CA LYS A 1187 -18.00 0.49 50.59
C LYS A 1187 -17.80 1.73 49.73
N ILE A 1188 -16.90 2.64 50.14
CA ILE A 1188 -16.69 3.89 49.40
C ILE A 1188 -16.07 3.60 48.04
N VAL A 1189 -14.99 2.82 48.01
CA VAL A 1189 -14.25 2.63 46.76
C VAL A 1189 -14.96 1.67 45.80
N GLU A 1190 -16.03 1.03 46.26
CA GLU A 1190 -16.83 0.12 45.40
C GLU A 1190 -18.14 0.82 45.00
N HIS A 1191 -18.24 2.13 45.26
CA HIS A 1191 -19.48 2.90 44.94
C HIS A 1191 -19.39 3.46 43.52
N SER A 1192 -20.51 3.37 42.78
CA SER A 1192 -20.55 3.89 41.39
C SER A 1192 -20.12 5.36 41.37
N TRP A 1193 -20.74 6.21 42.19
CA TRP A 1193 -20.37 7.63 42.20
C TRP A 1193 -18.85 7.80 42.21
N PHE A 1194 -18.17 7.05 43.06
CA PHE A 1194 -16.71 7.14 43.13
C PHE A 1194 -16.07 6.70 41.83
N GLU A 1195 -16.55 5.58 41.26
CA GLU A 1195 -15.97 5.10 40.00
C GLU A 1195 -16.15 6.12 38.89
N SER A 1196 -17.33 6.74 38.80
CA SER A 1196 -17.57 7.72 37.74
C SER A 1196 -16.75 8.99 37.97
N PHE A 1197 -16.60 9.41 39.22
CA PHE A 1197 -15.74 10.56 39.50
C PHE A 1197 -14.31 10.28 39.08
N ILE A 1198 -13.81 9.09 39.38
CA ILE A 1198 -12.44 8.76 39.02
C ILE A 1198 -12.29 8.66 37.51
N VAL A 1199 -13.30 8.14 36.83
CA VAL A 1199 -13.23 8.07 35.37
C VAL A 1199 -13.20 9.47 34.78
N LEU A 1200 -14.02 10.38 35.30
CA LEU A 1200 -13.98 11.76 34.84
C LEU A 1200 -12.61 12.38 35.06
N MET A 1201 -12.02 12.14 36.23
CA MET A 1201 -10.69 12.68 36.51
C MET A 1201 -9.64 12.11 35.56
N ILE A 1202 -9.74 10.82 35.24
CA ILE A 1202 -8.82 10.21 34.30
C ILE A 1202 -8.96 10.88 32.93
N LEU A 1203 -10.20 11.09 32.48
CA LEU A 1203 -10.40 11.71 31.18
C LEU A 1203 -9.85 13.13 31.15
N LEU A 1204 -10.11 13.88 32.23
CA LEU A 1204 -9.67 15.30 32.36
C LEU A 1204 -8.14 15.38 32.32
N SER A 1205 -7.44 14.56 33.12
CA SER A 1205 -5.96 14.55 33.16
C SER A 1205 -5.42 14.09 31.82
N SER A 1206 -6.02 13.07 31.20
CA SER A 1206 -5.60 12.56 29.87
C SER A 1206 -5.69 13.69 28.85
N GLY A 1207 -6.80 14.44 28.80
CA GLY A 1207 -6.98 15.51 27.85
C GLY A 1207 -6.06 16.69 28.09
N ALA A 1208 -5.69 16.93 29.34
CA ALA A 1208 -4.81 18.05 29.65
C ALA A 1208 -3.44 17.91 29.00
N LEU A 1209 -3.07 16.71 28.55
CA LEU A 1209 -1.78 16.51 27.89
C LEU A 1209 -1.78 17.00 26.46
N ALA A 1210 -2.94 17.21 25.85
CA ALA A 1210 -3.03 17.58 24.45
C ALA A 1210 -2.79 19.07 24.21
N PHE A 1211 -2.62 19.86 25.27
CA PHE A 1211 -2.44 21.30 25.14
C PHE A 1211 -0.98 21.73 25.12
N GLU A 1212 -0.04 20.79 25.18
CA GLU A 1212 1.38 21.12 25.30
C GLU A 1212 2.07 21.08 23.93
N ASP A 1213 1.54 21.87 23.01
CA ASP A 1213 2.12 21.98 21.68
C ASP A 1213 3.44 22.74 21.78
N ILE A 1214 3.97 23.15 20.62
CA ILE A 1214 5.06 24.11 20.59
C ILE A 1214 4.58 25.54 20.81
N TYR A 1215 3.28 25.77 20.68
CA TYR A 1215 2.69 27.09 20.79
C TYR A 1215 2.27 27.44 22.21
N ILE A 1216 2.50 26.55 23.18
CA ILE A 1216 2.01 26.80 24.53
C ILE A 1216 2.62 28.05 25.13
N GLU A 1217 3.81 28.45 24.68
CA GLU A 1217 4.40 29.68 25.18
C GLU A 1217 3.56 30.91 24.82
N ARG A 1218 2.67 30.77 23.85
CA ARG A 1218 1.72 31.84 23.53
C ARG A 1218 0.48 31.79 24.40
N LYS A 1219 0.36 30.80 25.28
CA LYS A 1219 -0.81 30.62 26.14
C LYS A 1219 -0.30 30.47 27.57
N LYS A 1220 0.19 31.56 28.14
CA LYS A 1220 0.77 31.50 29.48
C LYS A 1220 -0.29 31.25 30.55
N THR A 1221 -1.50 31.82 30.38
CA THR A 1221 -2.56 31.52 31.32
C THR A 1221 -2.88 30.05 31.34
N ILE A 1222 -3.00 29.43 30.17
CA ILE A 1222 -3.25 28.00 30.11
C ILE A 1222 -2.07 27.23 30.70
N LYS A 1223 -0.85 27.72 30.50
CA LYS A 1223 0.30 27.08 31.14
C LYS A 1223 0.12 27.00 32.65
N ILE A 1224 -0.19 28.15 33.27
CA ILE A 1224 -0.32 28.17 34.73
C ILE A 1224 -1.45 27.24 35.17
N ILE A 1225 -2.60 27.35 34.50
CA ILE A 1225 -3.74 26.53 34.88
C ILE A 1225 -3.39 25.05 34.77
N LEU A 1226 -2.64 24.68 33.75
CA LEU A 1226 -2.31 23.27 33.55
C LEU A 1226 -1.35 22.78 34.63
N GLU A 1227 -0.38 23.59 35.03
CA GLU A 1227 0.50 23.17 36.12
C GLU A 1227 -0.29 22.90 37.39
N TYR A 1228 -1.18 23.83 37.74
CA TYR A 1228 -1.90 23.65 38.99
C TYR A 1228 -2.87 22.47 38.89
N ALA A 1229 -3.51 22.28 37.73
CA ALA A 1229 -4.37 21.12 37.56
C ALA A 1229 -3.57 19.83 37.67
N ASP A 1230 -2.33 19.82 37.18
CA ASP A 1230 -1.48 18.65 37.35
C ASP A 1230 -1.28 18.33 38.82
N LYS A 1231 -1.01 19.36 39.63
CA LYS A 1231 -0.86 19.12 41.06
C LYS A 1231 -2.14 18.52 41.66
N ILE A 1232 -3.29 19.06 41.29
CA ILE A 1232 -4.55 18.53 41.84
C ILE A 1232 -4.74 17.07 41.44
N PHE A 1233 -4.45 16.73 40.18
CA PHE A 1233 -4.63 15.36 39.73
C PHE A 1233 -3.72 14.41 40.52
N THR A 1234 -2.48 14.81 40.74
CA THR A 1234 -1.58 13.97 41.52
C THR A 1234 -2.14 13.72 42.91
N TYR A 1235 -2.63 14.78 43.55
CA TYR A 1235 -3.20 14.60 44.89
C TYR A 1235 -4.39 13.63 44.86
N ILE A 1236 -5.30 13.81 43.90
CA ILE A 1236 -6.50 12.98 43.85
C ILE A 1236 -6.11 11.52 43.68
N PHE A 1237 -5.18 11.23 42.77
CA PHE A 1237 -4.86 9.84 42.51
C PHE A 1237 -4.08 9.22 43.66
N ILE A 1238 -3.25 9.99 44.36
CA ILE A 1238 -2.61 9.46 45.55
C ILE A 1238 -3.65 9.07 46.59
N LEU A 1239 -4.64 9.94 46.81
CA LEU A 1239 -5.68 9.62 47.78
C LEU A 1239 -6.46 8.38 47.37
N GLU A 1240 -6.78 8.26 46.08
CA GLU A 1240 -7.50 7.07 45.61
C GLU A 1240 -6.69 5.81 45.85
N MET A 1241 -5.38 5.86 45.58
CA MET A 1241 -4.54 4.70 45.82
C MET A 1241 -4.50 4.34 47.30
N LEU A 1242 -4.42 5.33 48.18
CA LEU A 1242 -4.44 5.04 49.62
C LEU A 1242 -5.74 4.39 50.03
N LEU A 1243 -6.87 4.90 49.52
CA LEU A 1243 -8.15 4.29 49.86
C LEU A 1243 -8.22 2.85 49.38
N LYS A 1244 -7.76 2.59 48.16
CA LYS A 1244 -7.82 1.24 47.62
C LYS A 1244 -6.93 0.30 48.43
N TRP A 1245 -5.76 0.78 48.85
CA TRP A 1245 -4.97 0.00 49.80
C TRP A 1245 -5.80 -0.36 51.03
N ILE A 1246 -6.22 0.65 51.79
CA ILE A 1246 -6.90 0.37 53.06
C ILE A 1246 -8.12 -0.52 52.84
N ALA A 1247 -8.69 -0.52 51.65
CA ALA A 1247 -9.91 -1.28 51.41
C ALA A 1247 -9.61 -2.72 51.03
N TYR A 1248 -8.78 -2.93 50.00
CA TYR A 1248 -8.53 -4.27 49.50
C TYR A 1248 -7.52 -5.02 50.36
N GLY A 1249 -6.48 -4.36 50.81
CA GLY A 1249 -5.37 -5.06 51.43
C GLY A 1249 -4.17 -5.10 50.51
N TYR A 1250 -2.98 -5.15 51.10
CA TYR A 1250 -1.78 -5.16 50.30
C TYR A 1250 -1.73 -6.38 49.37
N LYS A 1251 -2.09 -7.55 49.90
CA LYS A 1251 -2.04 -8.76 49.09
C LYS A 1251 -2.98 -8.67 47.89
N THR A 1252 -4.24 -8.35 48.16
CA THR A 1252 -5.23 -8.29 47.08
C THR A 1252 -4.92 -7.16 46.10
N TYR A 1253 -4.31 -6.08 46.57
CA TYR A 1253 -4.00 -4.98 45.68
C TYR A 1253 -2.82 -5.32 44.78
N PHE A 1254 -1.79 -5.96 45.33
CA PHE A 1254 -0.58 -6.23 44.58
C PHE A 1254 -0.61 -7.58 43.87
N THR A 1255 -1.69 -8.34 44.00
CA THR A 1255 -1.95 -9.45 43.07
C THR A 1255 -3.02 -9.05 42.07
N ASN A 1256 -2.74 -7.98 41.32
CA ASN A 1256 -3.67 -7.48 40.32
C ASN A 1256 -2.92 -6.56 39.37
N ALA A 1257 -2.97 -6.86 38.07
CA ALA A 1257 -2.16 -6.13 37.10
C ALA A 1257 -2.67 -4.71 36.90
N TRP A 1258 -3.98 -4.51 36.92
CA TRP A 1258 -4.52 -3.16 36.79
C TRP A 1258 -4.09 -2.28 37.95
N CYS A 1259 -4.16 -2.82 39.17
CA CYS A 1259 -3.70 -2.06 40.33
C CYS A 1259 -2.20 -1.80 40.24
N TRP A 1260 -1.44 -2.78 39.76
CA TRP A 1260 0.00 -2.55 39.58
C TRP A 1260 0.26 -1.42 38.60
N LEU A 1261 -0.47 -1.38 37.50
CA LEU A 1261 -0.30 -0.33 36.51
C LEU A 1261 -0.62 1.04 37.10
N ASP A 1262 -1.75 1.14 37.80
CA ASP A 1262 -2.13 2.40 38.41
C ASP A 1262 -1.10 2.86 39.43
N PHE A 1263 -0.60 1.91 40.24
CA PHE A 1263 0.40 2.24 41.24
C PHE A 1263 1.69 2.72 40.60
N LEU A 1264 2.11 2.09 39.50
CA LEU A 1264 3.31 2.54 38.81
C LEU A 1264 3.14 3.95 38.25
N ILE A 1265 1.99 4.24 37.66
CA ILE A 1265 1.76 5.56 37.09
C ILE A 1265 1.80 6.62 38.19
N VAL A 1266 1.11 6.36 39.29
CA VAL A 1266 1.12 7.35 40.36
C VAL A 1266 2.51 7.46 40.98
N ASP A 1267 3.29 6.38 40.99
CA ASP A 1267 4.66 6.48 41.48
C ASP A 1267 5.48 7.42 40.63
N VAL A 1268 5.37 7.29 39.30
CA VAL A 1268 6.09 8.21 38.42
C VAL A 1268 5.66 9.64 38.69
N SER A 1269 4.34 9.86 38.81
CA SER A 1269 3.85 11.21 39.05
C SER A 1269 4.39 11.77 40.36
N LEU A 1270 4.38 10.96 41.42
CA LEU A 1270 4.86 11.43 42.72
C LEU A 1270 6.34 11.74 42.67
N VAL A 1271 7.12 10.91 41.98
CA VAL A 1271 8.56 11.16 41.90
C VAL A 1271 8.82 12.49 41.20
N THR A 1272 8.15 12.71 40.06
CA THR A 1272 8.38 13.98 39.35
C THR A 1272 7.92 15.16 40.17
N LEU A 1273 6.78 15.03 40.87
CA LEU A 1273 6.31 16.15 41.69
C LEU A 1273 7.30 16.47 42.80
N VAL A 1274 7.82 15.46 43.48
CA VAL A 1274 8.77 15.70 44.56
C VAL A 1274 10.04 16.33 44.01
N ALA A 1275 10.54 15.84 42.88
CA ALA A 1275 11.76 16.41 42.32
C ALA A 1275 11.54 17.87 41.94
N ASN A 1276 10.39 18.18 41.35
CA ASN A 1276 10.11 19.58 40.99
C ASN A 1276 10.01 20.45 42.23
N THR A 1277 9.38 19.94 43.29
CA THR A 1277 9.27 20.72 44.52
C THR A 1277 10.66 20.99 45.11
N LEU A 1278 11.53 19.99 45.11
CA LEU A 1278 12.88 20.18 45.62
C LEU A 1278 13.74 21.06 44.72
N GLY A 1279 13.25 21.40 43.52
CA GLY A 1279 13.95 22.30 42.64
C GLY A 1279 14.91 21.65 41.67
N TYR A 1280 15.08 20.33 41.72
CA TYR A 1280 15.98 19.63 40.81
C TYR A 1280 15.24 19.29 39.53
N SER A 1281 14.47 20.25 39.01
CA SER A 1281 13.59 20.02 37.88
C SER A 1281 14.31 19.96 36.54
N ASP A 1282 15.63 19.96 36.52
CA ASP A 1282 16.38 19.95 35.27
C ASP A 1282 17.62 19.06 35.35
N LEU A 1283 17.56 17.95 36.09
CA LEU A 1283 18.73 17.08 36.25
C LEU A 1283 18.56 15.91 35.30
N GLY A 1284 18.70 16.21 34.01
CA GLY A 1284 18.92 15.18 33.02
C GLY A 1284 17.87 14.09 33.01
N PRO A 1285 18.19 12.94 33.61
CA PRO A 1285 17.21 11.86 33.67
C PRO A 1285 15.88 12.25 34.29
N ILE A 1286 15.87 13.17 35.26
CA ILE A 1286 14.61 13.59 35.83
C ILE A 1286 13.79 14.34 34.80
N LYS A 1287 14.42 15.20 33.99
CA LYS A 1287 13.72 15.85 32.90
C LYS A 1287 13.18 14.83 31.91
N SER A 1288 14.00 13.84 31.58
CA SER A 1288 13.55 12.80 30.64
C SER A 1288 12.39 12.00 31.20
N LEU A 1289 12.37 11.79 32.52
CA LEU A 1289 11.27 11.07 33.16
C LEU A 1289 9.94 11.78 32.99
N ARG A 1290 9.95 13.09 32.78
CA ARG A 1290 8.71 13.82 32.60
C ARG A 1290 7.96 13.38 31.35
N THR A 1291 8.66 12.80 30.37
CA THR A 1291 8.00 12.32 29.16
C THR A 1291 7.11 11.12 29.42
N LEU A 1292 7.30 10.41 30.54
CA LEU A 1292 6.45 9.29 30.89
C LEU A 1292 5.04 9.71 31.28
N ARG A 1293 4.79 11.01 31.42
CA ARG A 1293 3.43 11.48 31.66
C ARG A 1293 2.51 11.09 30.52
N ALA A 1294 3.06 10.77 29.35
CA ALA A 1294 2.26 10.31 28.24
C ALA A 1294 1.59 8.96 28.51
N LEU A 1295 2.01 8.25 29.55
CA LEU A 1295 1.41 6.97 29.90
C LEU A 1295 0.16 7.12 30.77
N ARG A 1296 -0.18 8.33 31.19
CA ARG A 1296 -1.37 8.51 32.02
C ARG A 1296 -2.63 7.97 31.38
N PRO A 1297 -2.86 8.11 30.07
CA PRO A 1297 -4.12 7.60 29.50
C PRO A 1297 -4.34 6.12 29.72
N LEU A 1298 -3.28 5.36 30.05
CA LEU A 1298 -3.43 3.92 30.24
C LEU A 1298 -4.36 3.58 31.40
N ARG A 1299 -4.66 4.53 32.27
CA ARG A 1299 -5.53 4.26 33.41
C ARG A 1299 -6.98 4.01 32.99
N ALA A 1300 -7.34 4.28 31.74
CA ALA A 1300 -8.70 4.06 31.26
C ALA A 1300 -8.97 2.64 30.81
N LEU A 1301 -7.92 1.84 30.59
CA LEU A 1301 -8.12 0.46 30.15
C LEU A 1301 -8.91 -0.34 31.18
N SER A 1302 -8.52 -0.22 32.45
CA SER A 1302 -9.23 -0.94 33.50
C SER A 1302 -10.61 -0.37 33.77
N ARG A 1303 -10.87 0.86 33.32
CA ARG A 1303 -12.16 1.49 33.59
C ARG A 1303 -13.18 1.12 32.53
N PHE A 1304 -12.76 0.95 31.28
CA PHE A 1304 -13.69 0.71 30.18
C PHE A 1304 -13.75 -0.76 29.85
N GLU A 1305 -14.97 -1.32 29.93
CA GLU A 1305 -15.14 -2.77 29.83
C GLU A 1305 -14.79 -3.28 28.44
N GLY A 1306 -15.14 -2.54 27.38
CA GLY A 1306 -14.82 -2.99 26.04
C GLY A 1306 -13.33 -3.07 25.80
N MET A 1307 -12.61 -2.02 26.18
CA MET A 1307 -11.15 -2.04 26.05
C MET A 1307 -10.54 -3.15 26.89
N ARG A 1308 -11.10 -3.39 28.09
CA ARG A 1308 -10.61 -4.49 28.91
C ARG A 1308 -10.80 -5.83 28.21
N VAL A 1309 -11.95 -6.03 27.58
CA VAL A 1309 -12.20 -7.30 26.88
C VAL A 1309 -11.23 -7.48 25.72
N VAL A 1310 -11.04 -6.42 24.92
CA VAL A 1310 -10.16 -6.55 23.78
C VAL A 1310 -8.73 -6.80 24.22
N VAL A 1311 -8.28 -6.13 25.29
CA VAL A 1311 -6.92 -6.33 25.76
C VAL A 1311 -6.78 -7.73 26.36
N ASN A 1312 -7.85 -8.27 26.96
CA ASN A 1312 -7.81 -9.65 27.41
C ASN A 1312 -7.58 -10.60 26.24
N ALA A 1313 -8.28 -10.37 25.13
CA ALA A 1313 -8.06 -11.20 23.95
C ALA A 1313 -6.63 -11.11 23.47
N LEU A 1314 -6.09 -9.90 23.40
CA LEU A 1314 -4.70 -9.73 22.95
C LEU A 1314 -3.73 -10.45 23.86
N ILE A 1315 -3.96 -10.31 25.17
CA ILE A 1315 -3.09 -10.92 26.21
C ILE A 1315 -3.13 -12.43 26.07
N GLY A 1316 -4.31 -13.01 25.84
CA GLY A 1316 -4.47 -14.47 25.72
C GLY A 1316 -3.84 -14.99 24.44
N ALA A 1317 -3.73 -14.13 23.42
CA ALA A 1317 -3.19 -14.51 22.10
C ALA A 1317 -1.70 -14.16 22.02
N ILE A 1318 -1.14 -13.52 23.05
CA ILE A 1318 0.27 -13.03 23.05
C ILE A 1318 1.30 -14.18 22.97
N PRO A 1319 1.12 -15.40 23.54
CA PRO A 1319 2.16 -16.45 23.46
C PRO A 1319 2.41 -16.95 22.04
N SER A 1320 1.35 -17.21 21.28
CA SER A 1320 1.52 -17.65 19.90
C SER A 1320 2.11 -16.54 19.04
N ILE A 1321 1.77 -15.28 19.32
CA ILE A 1321 2.40 -14.18 18.62
C ILE A 1321 3.90 -14.21 18.84
N MET A 1322 4.34 -14.44 20.07
CA MET A 1322 5.77 -14.51 20.35
C MET A 1322 6.41 -15.69 19.64
N ASN A 1323 5.73 -16.84 19.63
CA ASN A 1323 6.27 -18.00 18.92
C ASN A 1323 6.52 -17.68 17.45
N VAL A 1324 5.50 -17.16 16.77
CA VAL A 1324 5.64 -16.90 15.34
C VAL A 1324 6.61 -15.75 15.10
N LEU A 1325 6.71 -14.80 16.03
CA LEU A 1325 7.67 -13.73 15.89
C LEU A 1325 9.10 -14.27 15.94
N LEU A 1326 9.35 -15.22 16.84
CA LEU A 1326 10.67 -15.85 16.88
C LEU A 1326 10.95 -16.60 15.58
N VAL A 1327 9.96 -17.35 15.08
CA VAL A 1327 10.17 -18.08 13.83
C VAL A 1327 10.49 -17.12 12.70
N CYS A 1328 9.75 -16.01 12.62
CA CYS A 1328 9.97 -15.04 11.55
C CYS A 1328 11.32 -14.35 11.69
N LEU A 1329 11.74 -14.05 12.92
CA LEU A 1329 13.05 -13.44 13.09
C LEU A 1329 14.15 -14.39 12.63
N ILE A 1330 14.03 -15.67 12.96
CA ILE A 1330 15.03 -16.63 12.52
C ILE A 1330 15.02 -16.73 11.00
N PHE A 1331 13.85 -16.77 10.40
CA PHE A 1331 13.76 -16.87 8.94
C PHE A 1331 14.36 -15.66 8.26
N TRP A 1332 14.11 -14.47 8.79
CA TRP A 1332 14.62 -13.24 8.21
C TRP A 1332 16.10 -13.02 8.48
N LEU A 1333 16.67 -13.69 9.50
CA LEU A 1333 18.10 -13.57 9.71
C LEU A 1333 18.88 -14.07 8.51
N ILE A 1334 18.41 -15.13 7.86
CA ILE A 1334 19.08 -15.63 6.66
C ILE A 1334 19.13 -14.56 5.59
N PHE A 1335 17.99 -13.95 5.31
CA PHE A 1335 17.94 -12.94 4.27
C PHE A 1335 18.77 -11.72 4.65
N SER A 1336 18.76 -11.36 5.93
CA SER A 1336 19.54 -10.21 6.37
C SER A 1336 21.04 -10.46 6.22
N ILE A 1337 21.49 -11.66 6.57
CA ILE A 1337 22.92 -11.97 6.42
C ILE A 1337 23.31 -12.01 4.95
N MET A 1338 22.45 -12.61 4.12
CA MET A 1338 22.77 -12.67 2.69
C MET A 1338 22.81 -11.27 2.10
N GLY A 1339 21.86 -10.42 2.49
CA GLY A 1339 21.87 -9.05 2.02
C GLY A 1339 23.08 -8.27 2.50
N VAL A 1340 23.52 -8.53 3.73
CA VAL A 1340 24.73 -7.87 4.22
C VAL A 1340 25.92 -8.30 3.36
N ASN A 1341 26.05 -9.59 3.11
CA ASN A 1341 27.16 -10.04 2.26
C ASN A 1341 27.09 -9.43 0.87
N LEU A 1342 25.89 -9.26 0.33
CA LEU A 1342 25.75 -8.71 -1.02
C LEU A 1342 26.02 -7.21 -1.07
N PHE A 1343 25.53 -6.44 -0.10
CA PHE A 1343 25.44 -4.99 -0.20
C PHE A 1343 26.10 -4.26 0.96
N ALA A 1344 27.06 -4.86 1.64
CA ALA A 1344 27.69 -4.19 2.78
C ALA A 1344 28.61 -3.09 2.27
N GLY A 1345 28.22 -1.84 2.50
CA GLY A 1345 29.08 -0.72 2.20
C GLY A 1345 29.13 -0.30 0.76
N LYS A 1346 28.14 -0.69 -0.04
CA LYS A 1346 28.12 -0.37 -1.47
C LYS A 1346 27.08 0.69 -1.82
N PHE A 1347 26.37 1.24 -0.84
CA PHE A 1347 25.38 2.26 -1.10
C PHE A 1347 25.93 3.68 -1.01
N TYR A 1348 27.20 3.83 -0.64
CA TYR A 1348 27.82 5.15 -0.62
C TYR A 1348 27.88 5.73 -2.02
N GLU A 1349 27.69 7.04 -2.12
CA GLU A 1349 27.74 7.71 -3.40
C GLU A 1349 28.18 9.15 -3.19
N CYS A 1350 28.70 9.75 -4.26
CA CYS A 1350 29.08 11.15 -4.27
C CYS A 1350 27.95 11.93 -4.93
N ILE A 1351 27.37 12.88 -4.20
CA ILE A 1351 26.20 13.60 -4.67
C ILE A 1351 26.49 15.08 -4.70
N ASN A 1352 25.64 15.81 -5.42
CA ASN A 1352 25.64 17.26 -5.44
C ASN A 1352 24.52 17.73 -4.53
N THR A 1353 24.88 18.30 -3.39
CA THR A 1353 23.89 18.57 -2.35
C THR A 1353 22.83 19.58 -2.77
N THR A 1354 23.15 20.49 -3.70
CA THR A 1354 22.14 21.45 -4.15
C THR A 1354 20.99 20.73 -4.84
N ASP A 1355 21.31 19.88 -5.82
CA ASP A 1355 20.31 19.12 -6.55
C ASP A 1355 20.06 17.74 -5.97
N GLY A 1356 21.01 17.20 -5.20
CA GLY A 1356 20.92 15.83 -4.76
C GLY A 1356 21.00 14.84 -5.90
N SER A 1357 21.87 15.10 -6.87
CA SER A 1357 22.00 14.27 -8.06
C SER A 1357 23.36 13.60 -8.08
N ARG A 1358 23.36 12.29 -8.31
CA ARG A 1358 24.59 11.52 -8.28
C ARG A 1358 25.49 11.92 -9.44
N PHE A 1359 26.76 12.15 -9.14
CA PHE A 1359 27.72 12.52 -10.18
C PHE A 1359 27.91 11.35 -11.14
N PRO A 1360 27.99 11.58 -12.44
CA PRO A 1360 28.19 10.46 -13.36
C PRO A 1360 29.50 9.76 -13.08
N ALA A 1361 29.49 8.44 -13.16
CA ALA A 1361 30.67 7.65 -12.78
C ALA A 1361 31.83 7.79 -13.74
N SER A 1362 31.72 8.60 -14.80
CA SER A 1362 32.89 8.90 -15.60
C SER A 1362 33.82 9.85 -14.85
N GLN A 1363 33.26 10.87 -14.23
CA GLN A 1363 33.97 11.72 -13.29
C GLN A 1363 33.57 11.33 -11.87
N VAL A 1364 34.57 11.23 -10.99
CA VAL A 1364 34.34 10.76 -9.63
C VAL A 1364 33.94 9.29 -9.70
N PRO A 1365 34.83 8.39 -10.12
CA PRO A 1365 34.52 6.96 -10.09
C PRO A 1365 34.65 6.30 -8.74
N ASN A 1366 35.36 6.90 -7.79
CA ASN A 1366 35.55 6.31 -6.48
C ASN A 1366 35.55 7.42 -5.43
N ARG A 1367 35.64 7.01 -4.16
CA ARG A 1367 35.55 7.97 -3.08
C ARG A 1367 36.77 8.88 -3.01
N SER A 1368 37.93 8.37 -3.41
CA SER A 1368 39.12 9.23 -3.43
C SER A 1368 38.90 10.41 -4.36
N GLU A 1369 38.33 10.17 -5.53
CA GLU A 1369 38.04 11.26 -6.45
C GLU A 1369 36.89 12.11 -5.93
N CYS A 1370 35.91 11.52 -5.23
CA CYS A 1370 34.88 12.34 -4.63
C CYS A 1370 35.48 13.33 -3.62
N PHE A 1371 36.45 12.88 -2.83
CA PHE A 1371 37.07 13.78 -1.86
C PHE A 1371 37.96 14.81 -2.54
N ALA A 1372 38.68 14.41 -3.58
CA ALA A 1372 39.43 15.39 -4.34
C ALA A 1372 38.51 16.45 -4.94
N LEU A 1373 37.27 16.06 -5.25
CA LEU A 1373 36.30 17.02 -5.78
C LEU A 1373 35.72 17.90 -4.68
N MET A 1374 35.50 17.36 -3.48
CA MET A 1374 35.04 18.22 -2.38
C MET A 1374 36.09 19.23 -2.00
N ASN A 1375 37.37 18.86 -2.03
CA ASN A 1375 38.42 19.81 -1.71
C ASN A 1375 38.46 20.97 -2.69
N VAL A 1376 37.82 20.83 -3.85
CA VAL A 1376 37.71 21.91 -4.82
C VAL A 1376 36.38 22.63 -4.68
N SER A 1377 35.28 21.95 -5.00
CA SER A 1377 33.95 22.55 -4.90
C SER A 1377 33.57 22.67 -3.42
N GLN A 1378 32.28 22.83 -3.15
CA GLN A 1378 31.78 22.98 -1.80
C GLN A 1378 30.49 22.23 -1.51
N ASN A 1379 29.61 22.07 -2.49
CA ASN A 1379 28.34 21.39 -2.30
C ASN A 1379 28.41 19.96 -2.79
N VAL A 1380 29.43 19.24 -2.36
CA VAL A 1380 29.66 17.85 -2.73
C VAL A 1380 29.75 17.04 -1.44
N ARG A 1381 29.27 15.80 -1.49
CA ARG A 1381 29.25 14.97 -0.29
C ARG A 1381 29.29 13.50 -0.67
N TRP A 1382 30.05 12.72 0.11
CA TRP A 1382 30.10 11.27 -0.05
C TRP A 1382 29.09 10.66 0.93
N LYS A 1383 27.83 10.65 0.49
CA LYS A 1383 26.71 10.32 1.35
C LYS A 1383 26.46 8.82 1.38
N ASN A 1384 25.63 8.38 2.34
CA ASN A 1384 25.26 6.95 2.46
C ASN A 1384 23.77 6.88 2.81
N LEU A 1385 23.06 5.86 2.32
CA LEU A 1385 21.65 5.68 2.59
C LEU A 1385 21.41 5.49 4.07
N LYS A 1386 20.29 6.03 4.57
CA LYS A 1386 20.03 5.96 6.01
C LYS A 1386 19.59 4.58 6.45
N VAL A 1387 18.96 3.82 5.56
CA VAL A 1387 18.54 2.46 5.84
C VAL A 1387 19.17 1.56 4.79
N ASN A 1388 20.22 0.85 5.17
CA ASN A 1388 21.02 0.09 4.22
C ASN A 1388 21.26 -1.30 4.82
N PHE A 1389 22.21 -2.04 4.25
CA PHE A 1389 22.61 -3.36 4.72
C PHE A 1389 24.03 -3.35 5.28
N ASP A 1390 24.34 -2.37 6.13
CA ASP A 1390 25.70 -2.27 6.64
C ASP A 1390 25.96 -3.29 7.74
N ASN A 1391 24.95 -3.60 8.56
CA ASN A 1391 25.05 -4.66 9.55
C ASN A 1391 23.67 -5.32 9.64
N VAL A 1392 23.55 -6.32 10.52
CA VAL A 1392 22.37 -7.16 10.50
C VAL A 1392 21.15 -6.42 11.03
N GLY A 1393 21.33 -5.50 11.98
CA GLY A 1393 20.20 -4.71 12.44
C GLY A 1393 19.64 -3.80 11.36
N LEU A 1394 20.52 -3.09 10.66
CA LEU A 1394 20.07 -2.27 9.54
C LEU A 1394 19.47 -3.13 8.44
N GLY A 1395 20.01 -4.33 8.25
CA GLY A 1395 19.39 -5.26 7.33
C GLY A 1395 17.98 -5.64 7.74
N TYR A 1396 17.77 -5.85 9.03
CA TYR A 1396 16.42 -6.13 9.52
C TYR A 1396 15.48 -4.99 9.21
N LEU A 1397 15.93 -3.75 9.45
CA LEU A 1397 15.09 -2.59 9.15
C LEU A 1397 14.79 -2.49 7.66
N SER A 1398 15.81 -2.70 6.82
CA SER A 1398 15.60 -2.65 5.38
C SER A 1398 14.63 -3.72 4.93
N LEU A 1399 14.75 -4.93 5.49
CA LEU A 1399 13.84 -6.01 5.13
C LEU A 1399 12.42 -5.69 5.57
N LEU A 1400 12.26 -5.05 6.73
CA LEU A 1400 10.92 -4.66 7.14
C LEU A 1400 10.33 -3.66 6.16
N GLN A 1401 11.13 -2.69 5.72
CA GLN A 1401 10.62 -1.74 4.74
C GLN A 1401 10.28 -2.43 3.42
N VAL A 1402 11.08 -3.40 3.02
CA VAL A 1402 10.81 -4.12 1.77
C VAL A 1402 9.56 -4.98 1.91
N ALA A 1403 9.35 -5.58 3.08
CA ALA A 1403 8.20 -6.47 3.26
C ALA A 1403 6.91 -5.70 3.39
N THR A 1404 6.96 -4.48 3.93
CA THR A 1404 5.76 -3.65 3.98
C THR A 1404 5.56 -2.84 2.70
N PHE A 1405 6.53 -2.84 1.79
CA PHE A 1405 6.42 -2.14 0.51
C PHE A 1405 6.40 -0.63 0.70
N LYS A 1406 7.06 -0.14 1.74
CA LYS A 1406 7.14 1.30 2.03
C LYS A 1406 8.61 1.70 2.06
N GLY A 1407 9.04 2.47 1.07
CA GLY A 1407 10.43 2.85 0.98
C GLY A 1407 11.32 1.81 0.36
N TRP A 1408 10.76 0.70 -0.11
CA TRP A 1408 11.55 -0.37 -0.71
C TRP A 1408 12.22 0.06 -2.00
N THR A 1409 11.64 1.02 -2.72
CA THR A 1409 12.17 1.41 -4.02
C THR A 1409 13.55 2.04 -3.91
N ILE A 1410 13.78 2.86 -2.88
CA ILE A 1410 15.08 3.50 -2.74
C ILE A 1410 16.16 2.44 -2.50
N ILE A 1411 15.87 1.48 -1.63
CA ILE A 1411 16.81 0.41 -1.37
C ILE A 1411 17.07 -0.39 -2.63
N MET A 1412 16.01 -0.69 -3.39
CA MET A 1412 16.19 -1.44 -4.63
C MET A 1412 17.06 -0.68 -5.61
N TYR A 1413 16.83 0.62 -5.76
CA TYR A 1413 17.62 1.39 -6.72
C TYR A 1413 19.08 1.39 -6.31
N ALA A 1414 19.36 1.62 -5.03
CA ALA A 1414 20.75 1.62 -4.57
C ALA A 1414 21.37 0.24 -4.78
N ALA A 1415 20.62 -0.82 -4.53
CA ALA A 1415 21.16 -2.18 -4.66
C ALA A 1415 21.50 -2.50 -6.11
N VAL A 1416 20.59 -2.19 -7.04
CA VAL A 1416 20.83 -2.52 -8.43
C VAL A 1416 21.85 -1.58 -9.06
N ASP A 1417 22.09 -0.41 -8.48
CA ASP A 1417 23.19 0.42 -8.93
C ASP A 1417 24.52 0.02 -8.32
N SER A 1418 24.51 -0.65 -7.18
CA SER A 1418 25.75 -0.89 -6.43
C SER A 1418 26.81 -1.53 -7.32
N VAL A 1419 28.02 -0.99 -7.25
CA VAL A 1419 29.17 -1.54 -7.95
C VAL A 1419 30.00 -2.36 -6.99
N ASN A 1420 30.71 -1.70 -6.09
CA ASN A 1420 31.61 -2.34 -5.14
C ASN A 1420 31.77 -1.41 -3.95
N VAL A 1421 32.69 -1.73 -3.06
CA VAL A 1421 32.93 -0.92 -1.88
C VAL A 1421 33.91 0.19 -2.24
N ASP A 1422 33.56 1.43 -1.91
CA ASP A 1422 34.36 2.61 -2.21
C ASP A 1422 34.41 2.88 -3.72
N LYS A 1423 33.33 2.56 -4.42
CA LYS A 1423 33.21 2.78 -5.85
C LYS A 1423 31.89 3.50 -6.13
N GLN A 1424 31.94 4.46 -7.03
CA GLN A 1424 30.76 5.24 -7.33
C GLN A 1424 29.71 4.36 -8.01
N PRO A 1425 28.47 4.35 -7.55
CA PRO A 1425 27.45 3.51 -8.18
C PRO A 1425 27.22 3.87 -9.63
N LYS A 1426 26.80 2.87 -10.40
CA LYS A 1426 26.44 3.03 -11.81
C LYS A 1426 24.99 2.63 -11.99
N TYR A 1427 24.39 3.06 -13.10
CA TYR A 1427 22.96 2.85 -13.31
C TYR A 1427 22.70 1.41 -13.70
N GLU A 1428 21.98 0.69 -12.84
CA GLU A 1428 21.59 -0.70 -13.09
C GLU A 1428 22.79 -1.54 -13.52
N TYR A 1429 23.92 -1.30 -12.84
CA TYR A 1429 25.11 -2.12 -13.06
C TYR A 1429 24.89 -3.53 -12.54
N SER A 1430 24.25 -3.66 -11.39
CA SER A 1430 23.86 -4.96 -10.85
C SER A 1430 22.36 -5.15 -11.04
N LEU A 1431 21.97 -5.20 -12.32
CA LEU A 1431 20.54 -5.16 -12.65
C LEU A 1431 19.81 -6.35 -12.06
N TYR A 1432 20.38 -7.53 -12.14
CA TYR A 1432 19.69 -8.75 -11.74
C TYR A 1432 19.76 -8.98 -10.23
N MET A 1433 19.97 -7.93 -9.45
CA MET A 1433 19.77 -7.98 -8.02
C MET A 1433 18.31 -7.89 -7.64
N TYR A 1434 17.44 -7.49 -8.58
CA TYR A 1434 16.01 -7.46 -8.30
C TYR A 1434 15.50 -8.83 -7.92
N ILE A 1435 16.19 -9.89 -8.33
CA ILE A 1435 15.76 -11.24 -8.01
C ILE A 1435 15.86 -11.49 -6.51
N TYR A 1436 16.87 -10.92 -5.85
CA TYR A 1436 16.99 -11.06 -4.41
C TYR A 1436 15.72 -10.56 -3.72
N PHE A 1437 15.27 -9.37 -4.10
CA PHE A 1437 14.08 -8.80 -3.49
C PHE A 1437 12.82 -9.55 -3.91
N VAL A 1438 12.79 -10.07 -5.13
CA VAL A 1438 11.64 -10.88 -5.56
C VAL A 1438 11.52 -12.12 -4.69
N VAL A 1439 12.63 -12.83 -4.50
CA VAL A 1439 12.60 -14.05 -3.70
C VAL A 1439 12.27 -13.74 -2.25
N PHE A 1440 12.84 -12.66 -1.70
CA PHE A 1440 12.51 -12.30 -0.33
C PHE A 1440 11.03 -11.98 -0.20
N ILE A 1441 10.49 -11.16 -1.11
CA ILE A 1441 9.09 -10.78 -1.03
C ILE A 1441 8.21 -12.03 -1.12
N ILE A 1442 8.55 -12.95 -2.00
CA ILE A 1442 7.79 -14.19 -2.07
C ILE A 1442 7.87 -14.86 -0.71
N PHE A 1443 9.03 -15.40 -0.36
CA PHE A 1443 9.12 -16.23 0.84
C PHE A 1443 8.79 -15.44 2.08
N GLY A 1444 9.70 -14.57 2.53
CA GLY A 1444 9.61 -13.94 3.81
C GLY A 1444 8.47 -12.95 3.97
N SER A 1445 7.75 -12.61 2.91
CA SER A 1445 6.62 -11.70 3.03
C SER A 1445 5.32 -12.28 2.51
N PHE A 1446 5.28 -13.53 2.07
CA PHE A 1446 4.04 -14.22 1.72
C PHE A 1446 3.84 -15.44 2.59
N PHE A 1447 4.84 -16.31 2.69
CA PHE A 1447 4.69 -17.49 3.54
C PHE A 1447 4.69 -17.12 5.02
N THR A 1448 5.56 -16.19 5.40
CA THR A 1448 5.51 -15.75 6.83
C THR A 1448 4.11 -15.21 7.12
N LEU A 1449 3.57 -14.38 6.22
CA LEU A 1449 2.22 -13.81 6.43
C LEU A 1449 1.21 -14.96 6.40
N ASN A 1450 1.49 -16.06 5.70
CA ASN A 1450 0.58 -17.24 5.76
C ASN A 1450 0.64 -17.73 7.21
N LEU A 1451 1.80 -18.23 7.66
CA LEU A 1451 2.00 -18.74 9.03
C LEU A 1451 1.39 -17.78 10.06
N PHE A 1452 1.82 -16.52 10.11
CA PHE A 1452 1.34 -15.51 11.09
C PHE A 1452 -0.19 -15.51 11.17
N ILE A 1453 -0.85 -15.22 10.05
CA ILE A 1453 -2.34 -15.11 10.03
C ILE A 1453 -2.92 -16.43 10.52
N GLY A 1454 -2.48 -17.55 9.95
CA GLY A 1454 -2.98 -18.89 10.33
C GLY A 1454 -2.93 -19.13 11.83
N VAL A 1455 -1.80 -18.82 12.50
CA VAL A 1455 -1.63 -19.11 13.96
C VAL A 1455 -2.45 -18.10 14.78
N ILE A 1456 -2.53 -16.84 14.37
CA ILE A 1456 -3.23 -15.80 15.20
C ILE A 1456 -4.73 -16.10 15.17
N ILE A 1457 -5.22 -16.69 14.09
CA ILE A 1457 -6.66 -17.01 13.89
C ILE A 1457 -7.00 -18.29 14.64
N ASP A 1458 -6.07 -19.22 14.76
CA ASP A 1458 -6.38 -20.37 15.65
C ASP A 1458 -6.42 -19.87 17.10
N ASN A 1459 -5.42 -19.11 17.52
CA ASN A 1459 -5.38 -18.68 18.92
C ASN A 1459 -6.67 -17.99 19.23
N PHE A 1460 -7.34 -17.40 18.25
CA PHE A 1460 -8.64 -16.80 18.59
C PHE A 1460 -9.74 -17.86 18.60
N ASN A 1461 -9.67 -18.83 17.69
CA ASN A 1461 -10.66 -19.90 17.71
C ASN A 1461 -10.55 -20.72 18.98
N GLN A 1462 -9.32 -21.01 19.41
CA GLN A 1462 -9.14 -21.71 20.68
C GLN A 1462 -9.68 -20.91 21.85
N GLN A 1463 -9.44 -19.60 21.86
CA GLN A 1463 -10.00 -18.77 22.93
C GLN A 1463 -11.51 -18.84 22.94
N LYS A 1464 -12.13 -18.74 21.76
CA LYS A 1464 -13.59 -18.79 21.67
C LYS A 1464 -14.11 -20.13 22.18
N LYS A 1465 -13.46 -21.23 21.80
CA LYS A 1465 -13.89 -22.55 22.27
C LYS A 1465 -13.70 -22.67 23.78
N LYS A 1466 -12.59 -22.16 24.30
CA LYS A 1466 -12.35 -22.26 25.75
C LYS A 1466 -13.40 -21.50 26.54
N LEU A 1467 -13.73 -20.28 26.10
CA LEU A 1467 -14.76 -19.51 26.78
C LEU A 1467 -16.13 -20.19 26.72
N GLY A 1468 -16.36 -21.06 25.74
CA GLY A 1468 -17.62 -21.75 25.62
C GLY A 1468 -18.44 -21.25 24.45
N GLY A 1469 -17.81 -21.13 23.28
CA GLY A 1469 -18.52 -20.65 22.10
C GLY A 1469 -19.08 -19.25 22.27
N GLN A 1470 -18.33 -18.37 22.96
CA GLN A 1470 -18.78 -17.03 23.26
C GLN A 1470 -17.86 -16.02 22.56
N ASP A 1471 -18.46 -14.95 22.05
CA ASP A 1471 -17.68 -13.92 21.39
C ASP A 1471 -16.66 -13.32 22.34
N ILE A 1472 -15.42 -13.19 21.85
CA ILE A 1472 -14.33 -12.72 22.71
C ILE A 1472 -14.08 -11.23 22.61
N PHE A 1473 -14.69 -10.55 21.64
CA PHE A 1473 -14.51 -9.11 21.45
C PHE A 1473 -15.72 -8.30 21.90
N MET A 1474 -16.72 -8.94 22.49
CA MET A 1474 -17.97 -8.29 22.86
C MET A 1474 -18.19 -8.44 24.36
N THR A 1475 -18.68 -7.38 24.98
CA THR A 1475 -18.93 -7.36 26.41
C THR A 1475 -20.25 -8.04 26.74
N GLU A 1476 -20.47 -8.28 28.03
CA GLU A 1476 -21.70 -8.95 28.44
C GLU A 1476 -22.92 -8.12 28.08
N GLU A 1477 -22.84 -6.79 28.25
CA GLU A 1477 -23.98 -5.90 27.93
C GLU A 1477 -24.19 -5.84 26.41
N GLN A 1478 -23.13 -6.01 25.59
CA GLN A 1478 -23.28 -6.03 24.15
C GLN A 1478 -23.80 -7.36 23.64
N LYS A 1479 -23.60 -8.44 24.39
CA LYS A 1479 -24.07 -9.74 23.93
C LYS A 1479 -25.58 -9.77 23.83
N LYS A 1480 -26.28 -9.13 24.77
CA LYS A 1480 -27.74 -9.09 24.70
C LYS A 1480 -28.21 -8.33 23.46
N TYR A 1481 -27.60 -7.18 23.19
CA TYR A 1481 -27.96 -6.42 21.99
C TYR A 1481 -27.70 -7.24 20.74
N TYR A 1482 -26.56 -7.94 20.68
CA TYR A 1482 -26.26 -8.77 19.53
C TYR A 1482 -27.30 -9.87 19.35
N ASN A 1483 -27.67 -10.54 20.44
CA ASN A 1483 -28.67 -11.61 20.33
C ASN A 1483 -30.02 -11.07 19.88
N ALA A 1484 -30.44 -9.93 20.42
CA ALA A 1484 -31.69 -9.33 19.98
C ALA A 1484 -31.63 -8.92 18.52
N MET A 1485 -30.49 -8.37 18.09
CA MET A 1485 -30.31 -7.94 16.71
C MET A 1485 -30.29 -9.11 15.74
N LYS A 1486 -29.93 -10.29 16.16
CA LYS A 1486 -29.80 -11.38 15.19
C LYS A 1486 -31.19 -11.70 14.67
N LYS A 1487 -32.27 -11.33 15.32
CA LYS A 1487 -33.61 -11.67 14.85
C LYS A 1487 -34.12 -10.75 13.75
N LEU A 1488 -33.43 -9.66 13.46
CA LEU A 1488 -33.84 -8.79 12.36
C LEU A 1488 -33.57 -9.42 11.00
N GLY A 1489 -32.66 -10.38 10.92
CA GLY A 1489 -32.35 -11.08 9.69
C GLY A 1489 -33.09 -12.37 9.48
N SER A 1490 -34.21 -12.59 10.17
CA SER A 1490 -34.92 -13.86 10.07
C SER A 1490 -36.42 -13.75 10.36
N LYS A 1491 -36.98 -12.56 10.55
CA LYS A 1491 -38.40 -12.44 10.81
C LYS A 1491 -39.21 -12.83 9.58
N LYS A 1492 -40.32 -13.52 9.81
CA LYS A 1492 -41.20 -13.89 8.71
C LYS A 1492 -42.03 -12.69 8.27
N PRO A 1493 -42.54 -12.69 7.04
CA PRO A 1493 -43.37 -11.59 6.58
C PRO A 1493 -44.62 -11.43 7.44
N GLN A 1494 -45.07 -10.18 7.59
CA GLN A 1494 -46.24 -9.88 8.38
C GLN A 1494 -47.50 -9.98 7.51
N LYS A 1495 -48.66 -9.93 8.15
CA LYS A 1495 -49.90 -9.99 7.41
C LYS A 1495 -50.05 -8.75 6.52
N PRO A 1496 -50.69 -8.88 5.37
CA PRO A 1496 -50.89 -7.71 4.51
C PRO A 1496 -51.67 -6.63 5.23
N ILE A 1497 -51.28 -5.38 4.99
CA ILE A 1497 -52.04 -4.27 5.58
C ILE A 1497 -53.45 -4.29 5.03
N PRO A 1498 -54.50 -4.22 5.85
CA PRO A 1498 -55.85 -4.29 5.31
C PRO A 1498 -56.16 -3.18 4.33
N ARG A 1499 -56.88 -3.53 3.27
CA ARG A 1499 -57.39 -2.53 2.36
C ARG A 1499 -58.23 -1.51 3.14
N PRO A 1500 -58.20 -0.24 2.74
CA PRO A 1500 -59.06 0.74 3.40
C PRO A 1500 -60.53 0.46 3.13
N GLY A 1501 -61.40 1.41 3.46
CA GLY A 1501 -62.81 1.25 3.19
C GLY A 1501 -63.23 1.91 1.89
N ASN A 1502 -62.70 3.10 1.64
CA ASN A 1502 -63.13 3.87 0.48
C ASN A 1502 -62.75 3.16 -0.82
N LYS A 1503 -63.59 3.35 -1.83
CA LYS A 1503 -63.32 2.80 -3.15
C LYS A 1503 -62.06 3.42 -3.76
N ILE A 1504 -61.92 4.73 -3.60
CA ILE A 1504 -60.75 5.48 -4.15
C ILE A 1504 -59.46 5.08 -3.40
N GLN A 1505 -59.43 5.36 -2.10
CA GLN A 1505 -58.23 5.02 -1.30
C GLN A 1505 -57.85 3.58 -1.66
N GLY A 1506 -58.85 2.69 -1.78
CA GLY A 1506 -58.62 1.26 -2.07
C GLY A 1506 -57.97 1.06 -3.42
N CYS A 1507 -58.31 1.88 -4.42
CA CYS A 1507 -57.70 1.84 -5.76
C CYS A 1507 -56.27 2.38 -5.64
N ILE A 1508 -56.05 3.35 -4.74
CA ILE A 1508 -54.70 3.92 -4.48
C ILE A 1508 -53.90 2.85 -3.74
N PHE A 1509 -54.57 1.93 -3.03
CA PHE A 1509 -53.91 0.80 -2.31
C PHE A 1509 -53.36 -0.19 -3.33
N ASP A 1510 -54.19 -0.68 -4.25
CA ASP A 1510 -53.77 -1.70 -5.23
C ASP A 1510 -52.52 -1.16 -5.90
N LEU A 1511 -52.51 0.08 -6.38
CA LEU A 1511 -51.29 0.53 -7.10
C LEU A 1511 -50.10 0.44 -6.14
N VAL A 1512 -50.10 1.22 -5.07
CA VAL A 1512 -48.93 1.25 -4.15
C VAL A 1512 -48.44 -0.16 -3.83
N THR A 1513 -49.28 -1.20 -3.89
CA THR A 1513 -48.82 -2.55 -3.42
C THR A 1513 -48.37 -3.48 -4.56
N ASN A 1514 -47.78 -2.94 -5.61
CA ASN A 1514 -47.51 -3.71 -6.82
C ASN A 1514 -46.02 -3.77 -7.09
N GLN A 1515 -45.59 -4.92 -7.63
CA GLN A 1515 -44.21 -5.05 -8.08
C GLN A 1515 -43.91 -4.05 -9.18
N ALA A 1516 -44.91 -3.70 -9.99
CA ALA A 1516 -44.71 -2.68 -11.01
C ALA A 1516 -44.35 -1.34 -10.37
N PHE A 1517 -45.08 -0.95 -9.33
CA PHE A 1517 -44.78 0.28 -8.62
C PHE A 1517 -43.38 0.24 -8.01
N ASP A 1518 -43.04 -0.88 -7.38
CA ASP A 1518 -41.72 -0.99 -6.76
C ASP A 1518 -40.61 -0.86 -7.80
N ILE A 1519 -40.76 -1.54 -8.93
CA ILE A 1519 -39.73 -1.49 -9.97
C ILE A 1519 -39.64 -0.08 -10.56
N SER A 1520 -40.78 0.57 -10.76
CA SER A 1520 -40.75 1.94 -11.29
C SER A 1520 -39.99 2.86 -10.35
N ILE A 1521 -40.24 2.74 -9.05
CA ILE A 1521 -39.52 3.58 -8.09
C ILE A 1521 -38.03 3.29 -8.13
N MET A 1522 -37.67 2.00 -8.24
CA MET A 1522 -36.24 1.67 -8.32
C MET A 1522 -35.60 2.31 -9.54
N VAL A 1523 -36.30 2.26 -10.68
CA VAL A 1523 -35.74 2.83 -11.91
C VAL A 1523 -35.60 4.34 -11.78
N LEU A 1524 -36.57 4.98 -11.14
CA LEU A 1524 -36.46 6.42 -10.91
C LEU A 1524 -35.26 6.74 -10.04
N ILE A 1525 -35.00 5.94 -9.01
CA ILE A 1525 -33.82 6.16 -8.18
C ILE A 1525 -32.55 6.03 -9.02
N CYS A 1526 -32.50 5.03 -9.89
CA CYS A 1526 -31.33 4.85 -10.74
C CYS A 1526 -31.14 6.07 -11.66
N LEU A 1527 -32.22 6.58 -12.23
CA LEU A 1527 -32.11 7.74 -13.10
C LEU A 1527 -31.62 8.96 -12.33
N ASN A 1528 -32.10 9.15 -11.10
CA ASN A 1528 -31.61 10.25 -10.29
C ASN A 1528 -30.11 10.10 -10.04
N MET A 1529 -29.66 8.88 -9.77
CA MET A 1529 -28.23 8.66 -9.54
C MET A 1529 -27.43 8.99 -10.80
N VAL A 1530 -27.97 8.66 -11.97
CA VAL A 1530 -27.30 9.00 -13.22
C VAL A 1530 -27.20 10.51 -13.40
N THR A 1531 -28.28 11.22 -13.08
CA THR A 1531 -28.23 12.68 -13.18
C THR A 1531 -27.21 13.27 -12.21
N MET A 1532 -27.06 12.69 -11.03
CA MET A 1532 -25.99 13.11 -10.14
C MET A 1532 -24.61 12.84 -10.73
N MET A 1533 -24.42 11.68 -11.36
CA MET A 1533 -23.12 11.38 -11.96
C MET A 1533 -22.77 12.36 -13.07
N VAL A 1534 -23.72 12.71 -13.93
CA VAL A 1534 -23.40 13.48 -15.13
C VAL A 1534 -22.74 14.82 -14.84
N GLU A 1535 -22.85 15.33 -13.62
CA GLU A 1535 -22.30 16.64 -13.28
C GLU A 1535 -20.77 16.60 -13.23
N LYS A 1536 -20.15 17.72 -13.56
CA LYS A 1536 -18.69 17.81 -13.60
C LYS A 1536 -18.26 19.23 -13.26
N GLU A 1537 -16.97 19.48 -13.40
CA GLU A 1537 -16.38 20.76 -13.03
C GLU A 1537 -16.17 21.63 -14.26
N GLY A 1538 -16.55 22.90 -14.16
CA GLY A 1538 -16.51 23.79 -15.29
C GLY A 1538 -17.71 23.69 -16.20
N GLN A 1539 -18.75 22.96 -15.80
CA GLN A 1539 -19.93 22.84 -16.62
C GLN A 1539 -20.60 24.20 -16.80
N SER A 1540 -21.23 24.38 -17.96
CA SER A 1540 -21.82 25.66 -18.29
C SER A 1540 -23.03 25.95 -17.40
N GLN A 1541 -23.36 27.24 -17.30
CA GLN A 1541 -24.51 27.63 -16.51
C GLN A 1541 -25.80 27.03 -17.04
N HIS A 1542 -25.88 26.82 -18.35
CA HIS A 1542 -27.04 26.16 -18.93
C HIS A 1542 -27.19 24.75 -18.36
N MET A 1543 -26.08 23.99 -18.36
CA MET A 1543 -26.13 22.64 -17.81
C MET A 1543 -26.46 22.67 -16.33
N THR A 1544 -25.91 23.64 -15.60
CA THR A 1544 -26.22 23.73 -14.18
C THR A 1544 -27.72 23.94 -13.95
N GLU A 1545 -28.33 24.85 -14.71
CA GLU A 1545 -29.76 25.12 -14.53
C GLU A 1545 -30.60 23.91 -14.90
N VAL A 1546 -30.28 23.25 -16.02
CA VAL A 1546 -31.09 22.10 -16.51
C VAL A 1546 -30.93 20.94 -15.52
N LEU A 1547 -29.77 20.76 -14.89
CA LEU A 1547 -29.61 19.73 -13.86
C LEU A 1547 -30.39 20.08 -12.60
N TYR A 1548 -30.38 21.36 -12.22
CA TYR A 1548 -31.18 21.77 -11.08
C TYR A 1548 -32.65 21.43 -11.27
N TRP A 1549 -33.20 21.75 -12.45
CA TRP A 1549 -34.62 21.51 -12.66
C TRP A 1549 -34.93 20.03 -12.73
N ILE A 1550 -34.04 19.23 -13.30
CA ILE A 1550 -34.25 17.79 -13.31
C ILE A 1550 -34.30 17.26 -11.88
N ASN A 1551 -33.39 17.73 -11.03
CA ASN A 1551 -33.40 17.28 -9.63
C ASN A 1551 -34.67 17.71 -8.92
N VAL A 1552 -35.16 18.91 -9.20
CA VAL A 1552 -36.41 19.35 -8.60
C VAL A 1552 -37.55 18.43 -9.00
N VAL A 1553 -37.62 18.07 -10.27
CA VAL A 1553 -38.70 17.19 -10.71
C VAL A 1553 -38.58 15.83 -10.05
N PHE A 1554 -37.36 15.32 -9.89
CA PHE A 1554 -37.18 14.06 -9.18
C PHE A 1554 -37.67 14.18 -7.75
N ILE A 1555 -37.38 15.29 -7.09
CA ILE A 1555 -37.82 15.49 -5.71
C ILE A 1555 -39.34 15.43 -5.64
N ILE A 1556 -40.01 16.13 -6.55
CA ILE A 1556 -41.47 16.15 -6.47
C ILE A 1556 -42.04 14.77 -6.77
N LEU A 1557 -41.42 14.01 -7.68
CA LEU A 1557 -41.90 12.66 -7.94
C LEU A 1557 -41.76 11.76 -6.71
N PHE A 1558 -40.62 11.83 -6.03
CA PHE A 1558 -40.44 11.00 -4.85
C PHE A 1558 -41.38 11.41 -3.73
N THR A 1559 -41.59 12.71 -3.55
CA THR A 1559 -42.57 13.15 -2.55
C THR A 1559 -43.96 12.66 -2.92
N GLY A 1560 -44.30 12.67 -4.21
CA GLY A 1560 -45.60 12.18 -4.62
C GLY A 1560 -45.81 10.72 -4.31
N GLU A 1561 -44.80 9.89 -4.59
CA GLU A 1561 -44.94 8.47 -4.29
C GLU A 1561 -45.02 8.24 -2.78
N CYS A 1562 -44.24 8.99 -1.99
CA CYS A 1562 -44.34 8.87 -0.54
C CYS A 1562 -45.73 9.25 -0.05
N VAL A 1563 -46.31 10.31 -0.60
CA VAL A 1563 -47.63 10.74 -0.16
C VAL A 1563 -48.69 9.72 -0.56
N LEU A 1564 -48.58 9.15 -1.75
CA LEU A 1564 -49.50 8.09 -2.14
C LEU A 1564 -49.41 6.92 -1.17
N LYS A 1565 -48.20 6.51 -0.82
CA LYS A 1565 -48.04 5.43 0.14
C LYS A 1565 -48.69 5.79 1.46
N LEU A 1566 -48.48 7.01 1.93
CA LEU A 1566 -49.06 7.44 3.20
C LEU A 1566 -50.58 7.32 3.19
N ILE A 1567 -51.23 7.91 2.18
CA ILE A 1567 -52.69 7.92 2.18
C ILE A 1567 -53.22 6.52 1.97
N SER A 1568 -52.48 5.68 1.25
CA SER A 1568 -52.96 4.32 0.98
C SER A 1568 -52.86 3.44 2.22
N LEU A 1569 -51.75 3.52 2.94
CA LEU A 1569 -51.52 2.65 4.09
C LEU A 1569 -52.02 3.23 5.40
N ARG A 1570 -52.46 4.49 5.43
CA ARG A 1570 -53.03 5.08 6.63
C ARG A 1570 -51.94 5.07 7.69
N HIS A 1571 -52.19 4.56 8.90
CA HIS A 1571 -51.21 4.58 9.98
C HIS A 1571 -50.31 3.36 9.99
N TYR A 1572 -50.59 2.35 9.17
CA TYR A 1572 -49.72 1.19 9.08
C TYR A 1572 -48.44 1.49 8.30
N TYR A 1573 -48.29 2.70 7.79
CA TYR A 1573 -47.12 3.05 6.99
C TYR A 1573 -45.85 2.97 7.82
N PHE A 1574 -45.90 3.42 9.06
CA PHE A 1574 -44.71 3.56 9.89
C PHE A 1574 -44.35 2.29 10.63
N THR A 1575 -45.01 1.17 10.34
CA THR A 1575 -44.65 -0.09 10.96
C THR A 1575 -43.47 -0.77 10.26
N VAL A 1576 -42.91 -0.15 9.22
CA VAL A 1576 -41.85 -0.75 8.43
C VAL A 1576 -40.64 0.17 8.44
N GLY A 1577 -39.48 -0.41 8.71
CA GLY A 1577 -38.27 0.38 8.84
C GLY A 1577 -37.86 1.05 7.54
N TRP A 1578 -38.00 0.33 6.43
CA TRP A 1578 -37.67 0.94 5.14
C TRP A 1578 -38.63 2.08 4.82
N ASN A 1579 -39.91 1.94 5.20
CA ASN A 1579 -40.86 3.01 4.99
C ASN A 1579 -40.47 4.27 5.77
N ILE A 1580 -40.12 4.11 7.05
CA ILE A 1580 -39.80 5.32 7.80
C ILE A 1580 -38.46 5.88 7.35
N PHE A 1581 -37.54 5.03 6.87
CA PHE A 1581 -36.31 5.55 6.28
C PHE A 1581 -36.60 6.37 5.04
N ASP A 1582 -37.50 5.90 4.18
CA ASP A 1582 -37.87 6.68 3.00
C ASP A 1582 -38.49 8.01 3.40
N PHE A 1583 -39.35 8.00 4.42
CA PHE A 1583 -39.97 9.24 4.87
C PHE A 1583 -38.90 10.23 5.35
N VAL A 1584 -37.95 9.75 6.14
CA VAL A 1584 -36.89 10.62 6.63
C VAL A 1584 -36.10 11.18 5.45
N VAL A 1585 -35.77 10.33 4.48
CA VAL A 1585 -34.96 10.78 3.34
C VAL A 1585 -35.71 11.84 2.56
N VAL A 1586 -37.01 11.66 2.37
CA VAL A 1586 -37.81 12.67 1.66
C VAL A 1586 -37.74 14.00 2.39
N ILE A 1587 -37.92 13.96 3.72
CA ILE A 1587 -37.96 15.21 4.47
C ILE A 1587 -36.62 15.92 4.38
N ILE A 1588 -35.52 15.18 4.61
CA ILE A 1588 -34.21 15.83 4.55
C ILE A 1588 -33.91 16.32 3.15
N SER A 1589 -34.40 15.62 2.12
CA SER A 1589 -34.17 16.09 0.76
C SER A 1589 -34.81 17.46 0.54
N ILE A 1590 -36.09 17.58 0.91
CA ILE A 1590 -36.79 18.86 0.73
C ILE A 1590 -36.08 19.95 1.52
N VAL A 1591 -35.77 19.66 2.79
CA VAL A 1591 -35.19 20.68 3.67
C VAL A 1591 -33.82 21.09 3.16
N GLY A 1592 -33.01 20.12 2.70
CA GLY A 1592 -31.70 20.46 2.20
C GLY A 1592 -31.75 21.28 0.93
N MET A 1593 -32.70 20.97 0.04
CA MET A 1593 -32.88 21.78 -1.15
C MET A 1593 -33.16 23.24 -0.76
N PHE A 1594 -34.14 23.45 0.12
CA PHE A 1594 -34.48 24.82 0.50
C PHE A 1594 -33.32 25.51 1.22
N LEU A 1595 -32.63 24.78 2.11
CA LEU A 1595 -31.52 25.38 2.84
C LEU A 1595 -30.38 25.77 1.91
N ALA A 1596 -30.07 24.92 0.94
CA ALA A 1596 -29.04 25.29 -0.03
C ALA A 1596 -29.46 26.52 -0.82
N ASP A 1597 -30.72 26.58 -1.23
CA ASP A 1597 -31.20 27.76 -1.94
C ASP A 1597 -31.00 29.02 -1.10
N LEU A 1598 -31.35 28.96 0.19
CA LEU A 1598 -31.19 30.12 1.05
C LEU A 1598 -29.71 30.47 1.23
N ILE A 1599 -28.87 29.47 1.48
CA ILE A 1599 -27.46 29.73 1.77
C ILE A 1599 -26.77 30.33 0.56
N GLU A 1600 -27.10 29.88 -0.65
CA GLU A 1600 -26.50 30.43 -1.85
C GLU A 1600 -27.10 31.76 -2.26
N THR A 1601 -28.16 32.20 -1.58
CA THR A 1601 -28.76 33.51 -1.91
C THR A 1601 -28.59 34.48 -0.74
N TYR A 1602 -29.31 34.24 0.35
CA TYR A 1602 -29.28 35.18 1.48
C TYR A 1602 -27.94 35.18 2.20
N PHE A 1603 -27.19 34.09 2.16
CA PHE A 1603 -25.88 34.00 2.79
C PHE A 1603 -24.78 33.89 1.74
N VAL A 1604 -23.55 33.77 2.23
CA VAL A 1604 -22.39 33.41 1.43
C VAL A 1604 -21.60 32.42 2.28
N SER A 1605 -21.41 31.20 1.78
CA SER A 1605 -20.66 30.17 2.47
C SER A 1605 -20.50 28.95 1.57
N PRO A 1606 -19.53 28.94 0.66
CA PRO A 1606 -19.42 27.81 -0.26
C PRO A 1606 -19.22 26.47 0.42
N THR A 1607 -18.44 26.42 1.51
CA THR A 1607 -18.21 25.16 2.19
C THR A 1607 -19.51 24.61 2.77
N LEU A 1608 -20.28 25.46 3.44
CA LEU A 1608 -21.55 25.02 4.00
C LEU A 1608 -22.54 24.64 2.90
N PHE A 1609 -22.51 25.36 1.78
CA PHE A 1609 -23.37 24.98 0.66
C PHE A 1609 -23.03 23.58 0.17
N ARG A 1610 -21.74 23.31 -0.04
CA ARG A 1610 -21.34 21.99 -0.50
C ARG A 1610 -21.71 20.91 0.50
N VAL A 1611 -21.53 21.18 1.79
CA VAL A 1611 -21.83 20.16 2.80
C VAL A 1611 -23.33 19.92 2.89
N ILE A 1612 -24.14 20.97 2.79
CA ILE A 1612 -25.58 20.79 2.84
C ILE A 1612 -26.09 20.07 1.60
N ARG A 1613 -25.42 20.23 0.46
CA ARG A 1613 -25.89 19.57 -0.74
C ARG A 1613 -25.71 18.05 -0.68
N LEU A 1614 -25.01 17.52 0.32
CA LEU A 1614 -24.83 16.09 0.47
C LEU A 1614 -26.08 15.36 0.93
N ALA A 1615 -27.19 16.06 1.14
CA ALA A 1615 -28.43 15.39 1.49
C ALA A 1615 -29.02 14.61 0.32
N ARG A 1616 -28.51 14.81 -0.89
CA ARG A 1616 -29.03 14.09 -2.05
C ARG A 1616 -28.60 12.63 -2.08
N ILE A 1617 -27.56 12.27 -1.35
CA ILE A 1617 -27.10 10.88 -1.34
C ILE A 1617 -28.16 9.97 -0.73
N GLY A 1618 -28.96 10.50 0.19
CA GLY A 1618 -30.01 9.70 0.80
C GLY A 1618 -31.03 9.19 -0.19
N ARG A 1619 -31.27 9.93 -1.28
CA ARG A 1619 -32.20 9.46 -2.29
C ARG A 1619 -31.71 8.18 -2.94
N ILE A 1620 -30.41 8.09 -3.25
CA ILE A 1620 -29.87 6.92 -3.92
C ILE A 1620 -29.47 5.82 -2.95
N LEU A 1621 -29.37 6.11 -1.66
CA LEU A 1621 -29.10 5.04 -0.71
C LEU A 1621 -30.27 4.05 -0.62
N ARG A 1622 -31.42 4.39 -1.18
CA ARG A 1622 -32.59 3.53 -1.12
C ARG A 1622 -32.49 2.32 -2.03
N LEU A 1623 -31.53 2.29 -2.96
CA LEU A 1623 -31.40 1.13 -3.85
C LEU A 1623 -31.17 -0.16 -3.08
N VAL A 1624 -30.61 -0.08 -1.88
CA VAL A 1624 -30.35 -1.27 -1.09
C VAL A 1624 -31.65 -1.97 -0.71
N LYS A 1625 -32.77 -1.25 -0.74
CA LYS A 1625 -34.01 -1.81 -0.23
C LYS A 1625 -34.43 -3.05 -0.99
N GLY A 1626 -34.32 -3.03 -2.31
CA GLY A 1626 -34.71 -4.15 -3.14
C GLY A 1626 -33.62 -5.17 -3.41
N ALA A 1627 -32.36 -4.83 -3.20
CA ALA A 1627 -31.24 -5.70 -3.53
C ALA A 1627 -30.99 -6.64 -2.35
N LYS A 1628 -31.48 -7.87 -2.47
CA LYS A 1628 -31.27 -8.85 -1.41
C LYS A 1628 -29.80 -9.21 -1.27
N GLY A 1629 -29.06 -9.23 -2.38
CA GLY A 1629 -27.69 -9.70 -2.32
C GLY A 1629 -26.81 -8.88 -1.42
N ILE A 1630 -26.92 -7.56 -1.49
CA ILE A 1630 -26.09 -6.67 -0.69
C ILE A 1630 -26.71 -6.35 0.67
N ARG A 1631 -28.02 -6.53 0.80
CA ARG A 1631 -28.66 -6.28 2.09
C ARG A 1631 -28.09 -7.20 3.16
N THR A 1632 -27.84 -8.47 2.82
CA THR A 1632 -27.30 -9.39 3.80
C THR A 1632 -25.85 -9.02 4.17
N LEU A 1633 -25.06 -8.57 3.21
CA LEU A 1633 -23.71 -8.13 3.54
C LEU A 1633 -23.73 -6.92 4.48
N LEU A 1634 -24.62 -5.96 4.22
CA LEU A 1634 -24.72 -4.82 5.12
C LEU A 1634 -25.24 -5.24 6.49
N PHE A 1635 -26.12 -6.25 6.54
CA PHE A 1635 -26.53 -6.80 7.83
C PHE A 1635 -25.34 -7.39 8.57
N ALA A 1636 -24.43 -8.05 7.85
CA ALA A 1636 -23.21 -8.54 8.46
C ALA A 1636 -22.40 -7.39 9.04
N LEU A 1637 -22.29 -6.29 8.31
CA LEU A 1637 -21.57 -5.13 8.82
C LEU A 1637 -22.21 -4.61 10.11
N MET A 1638 -23.54 -4.46 10.11
CA MET A 1638 -24.21 -3.96 11.29
C MET A 1638 -24.12 -4.93 12.45
N MET A 1639 -23.95 -6.23 12.18
CA MET A 1639 -23.73 -7.19 13.24
C MET A 1639 -22.32 -7.08 13.81
N SER A 1640 -21.34 -6.78 12.96
CA SER A 1640 -19.97 -6.69 13.43
C SER A 1640 -19.66 -5.34 14.07
N LEU A 1641 -20.52 -4.35 13.92
CA LEU A 1641 -20.24 -3.03 14.49
C LEU A 1641 -19.91 -3.05 15.98
N PRO A 1642 -20.63 -3.76 16.86
CA PRO A 1642 -20.32 -3.68 18.28
C PRO A 1642 -18.88 -4.05 18.64
N ALA A 1643 -18.33 -5.10 18.02
CA ALA A 1643 -16.96 -5.49 18.33
C ALA A 1643 -15.95 -4.53 17.72
N LEU A 1644 -16.21 -4.06 16.51
CA LEU A 1644 -15.34 -3.08 15.91
C LEU A 1644 -15.31 -1.81 16.72
N PHE A 1645 -16.39 -1.51 17.46
CA PHE A 1645 -16.38 -0.33 18.32
C PHE A 1645 -15.35 -0.47 19.44
N ASN A 1646 -15.33 -1.63 20.11
CA ASN A 1646 -14.33 -1.85 21.15
C ASN A 1646 -12.93 -1.80 20.58
N ILE A 1647 -12.72 -2.43 19.42
CA ILE A 1647 -11.39 -2.45 18.81
C ILE A 1647 -10.97 -1.04 18.45
N GLY A 1648 -11.87 -0.24 17.87
CA GLY A 1648 -11.55 1.13 17.53
C GLY A 1648 -11.29 2.00 18.75
N LEU A 1649 -12.02 1.77 19.84
CA LEU A 1649 -11.75 2.49 21.08
C LEU A 1649 -10.32 2.23 21.55
N LEU A 1650 -9.92 0.96 21.58
CA LEU A 1650 -8.56 0.62 22.00
C LEU A 1650 -7.54 1.24 21.06
N LEU A 1651 -7.80 1.17 19.75
CA LEU A 1651 -6.88 1.74 18.79
C LEU A 1651 -6.74 3.24 18.98
N PHE A 1652 -7.85 3.94 19.24
CA PHE A 1652 -7.78 5.38 19.45
C PHE A 1652 -6.99 5.71 20.71
N LEU A 1653 -7.14 4.92 21.78
CA LEU A 1653 -6.34 5.16 22.97
C LEU A 1653 -4.85 5.00 22.66
N VAL A 1654 -4.50 3.94 21.93
CA VAL A 1654 -3.10 3.72 21.58
C VAL A 1654 -2.58 4.89 20.75
N MET A 1655 -3.39 5.35 19.78
CA MET A 1655 -2.99 6.47 18.95
C MET A 1655 -2.79 7.73 19.78
N PHE A 1656 -3.67 7.95 20.76
CA PHE A 1656 -3.53 9.12 21.63
C PHE A 1656 -2.21 9.08 22.38
N ILE A 1657 -1.89 7.92 22.97
CA ILE A 1657 -0.65 7.81 23.73
C ILE A 1657 0.54 8.08 22.82
N TYR A 1658 0.54 7.47 21.64
CA TYR A 1658 1.66 7.66 20.72
C TYR A 1658 1.75 9.10 20.24
N ALA A 1659 0.61 9.76 20.04
CA ALA A 1659 0.63 11.17 19.64
C ALA A 1659 1.27 12.03 20.71
N ILE A 1660 0.93 11.80 21.98
CA ILE A 1660 1.54 12.58 23.05
C ILE A 1660 3.04 12.35 23.07
N PHE A 1661 3.47 11.09 22.92
CA PHE A 1661 4.91 10.80 22.91
C PHE A 1661 5.59 11.50 21.74
N GLY A 1662 4.95 11.49 20.57
CA GLY A 1662 5.53 12.17 19.42
C GLY A 1662 5.67 13.66 19.62
N MET A 1663 4.61 14.30 20.13
CA MET A 1663 4.73 15.73 20.45
C MET A 1663 5.88 15.98 21.40
N SER A 1664 6.05 15.10 22.40
CA SER A 1664 7.16 15.28 23.33
C SER A 1664 8.51 15.19 22.64
N ASN A 1665 8.68 14.22 21.73
CA ASN A 1665 10.00 13.92 21.21
C ASN A 1665 10.32 14.62 19.88
N PHE A 1666 9.53 14.34 18.83
CA PHE A 1666 9.90 14.73 17.47
C PHE A 1666 9.32 16.07 17.06
N ALA A 1667 9.12 17.00 17.99
CA ALA A 1667 8.48 18.26 17.64
C ALA A 1667 9.42 19.22 16.91
N TYR A 1668 10.73 19.07 17.06
CA TYR A 1668 11.69 20.00 16.49
C TYR A 1668 12.61 19.36 15.47
N VAL A 1669 12.27 18.16 14.99
CA VAL A 1669 13.09 17.55 13.95
C VAL A 1669 13.01 18.37 12.67
N LYS A 1670 14.03 18.21 11.83
CA LYS A 1670 14.13 18.99 10.61
C LYS A 1670 13.04 18.61 9.63
N LYS A 1671 12.53 19.61 8.91
CA LYS A 1671 11.49 19.40 7.91
C LYS A 1671 12.10 18.72 6.70
N GLU A 1672 11.80 17.44 6.51
CA GLU A 1672 12.30 16.67 5.38
C GLU A 1672 11.35 15.53 5.10
N ASP A 1673 11.44 15.00 3.88
CA ASP A 1673 10.69 13.80 3.50
C ASP A 1673 9.21 13.94 3.86
N GLY A 1674 8.72 13.07 4.74
CA GLY A 1674 7.32 13.11 5.11
C GLY A 1674 6.97 14.13 6.17
N ILE A 1675 7.96 14.82 6.72
CA ILE A 1675 7.73 15.87 7.70
C ILE A 1675 7.80 17.19 6.96
N ASN A 1676 6.66 17.88 6.88
CA ASN A 1676 6.61 19.16 6.19
C ASN A 1676 5.92 20.19 7.06
N ASP A 1677 5.61 21.36 6.49
CA ASP A 1677 4.99 22.42 7.27
C ASP A 1677 3.59 22.05 7.74
N MET A 1678 3.00 20.99 7.19
CA MET A 1678 1.60 20.69 7.41
C MET A 1678 1.37 19.31 8.01
N PHE A 1679 2.34 18.40 7.92
CA PHE A 1679 2.25 17.06 8.50
C PHE A 1679 3.50 16.84 9.34
N ASN A 1680 3.39 17.11 10.64
CA ASN A 1680 4.51 17.00 11.56
C ASN A 1680 3.95 16.62 12.92
N PHE A 1681 4.83 16.66 13.93
CA PHE A 1681 4.45 16.37 15.31
C PHE A 1681 4.52 17.62 16.17
N GLU A 1682 4.15 18.77 15.61
CA GLU A 1682 4.20 20.04 16.32
C GLU A 1682 2.91 20.36 17.04
N THR A 1683 1.90 19.52 16.94
CA THR A 1683 0.59 19.83 17.50
C THR A 1683 -0.19 18.53 17.59
N PHE A 1684 -1.22 18.52 18.44
CA PHE A 1684 -2.01 17.31 18.60
C PHE A 1684 -2.71 16.93 17.30
N GLY A 1685 -3.26 17.91 16.59
CA GLY A 1685 -3.92 17.61 15.33
C GLY A 1685 -2.97 17.04 14.29
N ASN A 1686 -1.79 17.66 14.14
CA ASN A 1686 -0.80 17.16 13.19
C ASN A 1686 -0.35 15.76 13.55
N SER A 1687 -0.08 15.51 14.84
CA SER A 1687 0.35 14.19 15.26
C SER A 1687 -0.72 13.15 15.00
N MET A 1688 -1.98 13.48 15.28
CA MET A 1688 -3.06 12.53 15.03
C MET A 1688 -3.21 12.25 13.55
N ILE A 1689 -3.05 13.28 12.70
CA ILE A 1689 -3.12 13.06 11.26
C ILE A 1689 -2.03 12.09 10.82
N CYS A 1690 -0.79 12.32 11.28
CA CYS A 1690 0.31 11.44 10.90
C CYS A 1690 0.08 10.02 11.38
N LEU A 1691 -0.39 9.87 12.62
CA LEU A 1691 -0.57 8.53 13.18
C LEU A 1691 -1.69 7.79 12.47
N PHE A 1692 -2.77 8.48 12.14
CA PHE A 1692 -3.82 7.83 11.35
C PHE A 1692 -3.28 7.42 10.00
N GLN A 1693 -2.45 8.26 9.38
CA GLN A 1693 -1.87 7.91 8.10
C GLN A 1693 -1.09 6.61 8.19
N ILE A 1694 -0.23 6.48 9.19
CA ILE A 1694 0.64 5.29 9.29
C ILE A 1694 -0.01 4.14 10.04
N THR A 1695 -1.25 4.29 10.50
CA THR A 1695 -1.96 3.14 11.03
C THR A 1695 -2.13 2.06 9.96
N THR A 1696 -2.23 2.47 8.70
CA THR A 1696 -2.29 1.55 7.58
C THR A 1696 -0.92 1.24 7.00
N SER A 1697 0.15 1.73 7.63
CA SER A 1697 1.52 1.45 7.20
C SER A 1697 1.84 2.18 5.89
N ALA A 1698 1.36 3.41 5.78
CA ALA A 1698 1.54 4.21 4.58
C ALA A 1698 2.45 5.38 4.90
N GLY A 1699 3.63 5.41 4.28
CA GLY A 1699 4.56 6.50 4.45
C GLY A 1699 5.33 6.50 5.74
N TRP A 1700 5.28 5.40 6.51
CA TRP A 1700 6.03 5.37 7.77
C TRP A 1700 7.52 5.48 7.51
N ASP A 1701 8.00 5.01 6.37
CA ASP A 1701 9.40 5.21 6.01
C ASP A 1701 9.72 6.70 5.86
N GLY A 1702 8.84 7.43 5.20
CA GLY A 1702 9.07 8.85 5.02
C GLY A 1702 9.02 9.62 6.32
N LEU A 1703 8.11 9.22 7.22
CA LEU A 1703 8.05 9.86 8.52
C LEU A 1703 9.28 9.52 9.37
N LEU A 1704 9.81 8.30 9.24
CA LEU A 1704 10.97 7.90 10.02
C LEU A 1704 12.26 8.53 9.51
N ALA A 1705 12.36 8.79 8.22
CA ALA A 1705 13.62 9.25 7.64
C ALA A 1705 14.19 10.49 8.33
N PRO A 1706 13.42 11.55 8.58
CA PRO A 1706 14.02 12.72 9.26
C PRO A 1706 14.49 12.43 10.67
N ILE A 1707 13.90 11.44 11.33
CA ILE A 1707 14.26 11.16 12.71
C ILE A 1707 15.54 10.36 12.82
N LEU A 1708 16.06 9.84 11.71
CA LEU A 1708 17.32 9.11 11.74
C LEU A 1708 18.52 10.04 11.65
N ASN A 1709 18.32 11.34 11.45
CA ASN A 1709 19.43 12.29 11.50
C ASN A 1709 19.87 12.49 12.94
N SER A 1710 21.18 12.41 13.17
CA SER A 1710 21.71 12.53 14.53
C SER A 1710 23.01 13.29 14.63
N LYS A 1711 23.71 13.57 13.55
CA LYS A 1711 24.96 14.30 13.59
C LYS A 1711 25.07 15.19 12.36
N PRO A 1712 25.88 16.23 12.40
CA PRO A 1712 26.04 17.10 11.24
C PRO A 1712 26.78 16.37 10.12
N PRO A 1713 26.58 16.77 8.86
CA PRO A 1713 25.74 17.87 8.39
C PRO A 1713 24.29 17.46 8.17
N ASP A 1714 23.89 16.28 8.64
CA ASP A 1714 22.49 15.89 8.54
C ASP A 1714 21.59 16.81 9.35
N CYS A 1715 22.00 17.15 10.56
CA CYS A 1715 21.20 17.99 11.45
C CYS A 1715 22.10 19.05 12.07
N ASP A 1716 21.48 19.96 12.81
CA ASP A 1716 22.19 21.04 13.50
C ASP A 1716 21.92 20.94 15.00
N PRO A 1717 22.84 20.36 15.78
CA PRO A 1717 22.56 20.17 17.21
C PRO A 1717 22.34 21.45 17.98
N LYS A 1718 22.88 22.59 17.53
CA LYS A 1718 22.79 23.85 18.26
C LYS A 1718 21.90 24.85 17.54
N LYS A 1719 20.89 24.37 16.82
CA LYS A 1719 19.94 25.27 16.18
C LYS A 1719 19.11 25.98 17.23
N VAL A 1720 18.75 27.23 16.94
CA VAL A 1720 17.96 28.06 17.86
C VAL A 1720 16.60 28.28 17.23
N HIS A 1721 15.55 27.90 17.97
CA HIS A 1721 14.19 28.02 17.47
C HIS A 1721 13.57 29.29 18.04
N PRO A 1722 13.18 30.27 17.22
CA PRO A 1722 12.59 31.49 17.78
C PRO A 1722 11.35 31.17 18.59
N GLY A 1723 11.23 31.84 19.74
CA GLY A 1723 10.07 31.67 20.59
C GLY A 1723 10.07 30.44 21.46
N SER A 1724 11.21 29.76 21.60
CA SER A 1724 11.30 28.60 22.47
C SER A 1724 12.73 28.43 22.94
N SER A 1725 12.88 27.71 24.04
CA SER A 1725 14.19 27.46 24.65
C SER A 1725 14.83 26.16 24.17
N VAL A 1726 14.11 25.35 23.40
CA VAL A 1726 14.68 24.11 22.89
C VAL A 1726 15.75 24.43 21.86
N GLU A 1727 16.77 23.58 21.79
CA GLU A 1727 17.90 23.79 20.90
C GLU A 1727 18.18 22.53 20.11
N GLY A 1728 18.57 22.70 18.86
CA GLY A 1728 18.88 21.57 17.99
C GLY A 1728 17.67 21.06 17.26
N ASP A 1729 17.92 20.51 16.07
CA ASP A 1729 16.87 19.89 15.27
C ASP A 1729 17.23 18.46 14.88
N CYS A 1730 18.09 17.82 15.66
CA CYS A 1730 18.46 16.43 15.40
C CYS A 1730 17.37 15.50 15.91
N GLY A 1731 17.40 14.27 15.40
CA GLY A 1731 16.51 13.23 15.87
C GLY A 1731 17.24 12.20 16.71
N ASN A 1732 16.45 11.31 17.32
CA ASN A 1732 17.00 10.22 18.11
C ASN A 1732 16.77 8.91 17.36
N PRO A 1733 17.80 8.33 16.74
CA PRO A 1733 17.56 7.14 15.92
C PRO A 1733 16.91 5.99 16.70
N SER A 1734 17.36 5.73 17.91
CA SER A 1734 16.85 4.57 18.65
C SER A 1734 15.40 4.77 19.04
N VAL A 1735 15.08 5.93 19.62
CA VAL A 1735 13.71 6.19 20.03
C VAL A 1735 12.79 6.21 18.82
N GLY A 1736 13.24 6.81 17.72
CA GLY A 1736 12.42 6.83 16.52
C GLY A 1736 12.15 5.45 15.97
N ILE A 1737 13.19 4.62 15.90
CA ILE A 1737 13.02 3.26 15.37
C ILE A 1737 12.04 2.49 16.25
N PHE A 1738 12.24 2.53 17.57
CA PHE A 1738 11.33 1.81 18.45
C PHE A 1738 9.91 2.32 18.30
N TYR A 1739 9.74 3.64 18.30
CA TYR A 1739 8.42 4.24 18.17
C TYR A 1739 7.69 3.71 16.95
N PHE A 1740 8.32 3.83 15.78
CA PHE A 1740 7.61 3.50 14.55
C PHE A 1740 7.40 2.00 14.40
N VAL A 1741 8.43 1.20 14.72
CA VAL A 1741 8.30 -0.24 14.58
C VAL A 1741 7.21 -0.78 15.49
N SER A 1742 7.22 -0.36 16.77
CA SER A 1742 6.21 -0.83 17.70
C SER A 1742 4.82 -0.40 17.25
N TYR A 1743 4.66 0.86 16.83
CA TYR A 1743 3.40 1.33 16.35
C TYR A 1743 2.91 0.48 15.18
N ILE A 1744 3.68 0.38 14.09
CA ILE A 1744 3.24 -0.37 12.87
C ILE A 1744 3.05 -1.84 13.26
N ILE A 1745 3.60 -2.31 14.38
CA ILE A 1745 3.40 -3.71 14.88
C ILE A 1745 2.03 -3.79 15.58
N ILE A 1746 1.80 -2.94 16.59
CA ILE A 1746 0.50 -2.87 17.29
C ILE A 1746 -0.57 -2.66 16.23
N SER A 1747 -0.23 -1.93 15.16
CA SER A 1747 -1.16 -1.66 14.03
C SER A 1747 -1.56 -2.98 13.39
N PHE A 1748 -0.62 -3.85 13.00
CA PHE A 1748 -0.92 -5.11 12.29
C PHE A 1748 -1.72 -6.10 13.16
N LEU A 1749 -1.63 -6.01 14.49
CA LEU A 1749 -2.28 -6.98 15.42
C LEU A 1749 -3.71 -6.55 15.75
N VAL A 1750 -4.17 -5.41 15.22
CA VAL A 1750 -5.52 -4.86 15.52
C VAL A 1750 -6.27 -4.52 14.23
N VAL A 1751 -5.68 -3.75 13.33
CA VAL A 1751 -6.28 -3.33 12.04
C VAL A 1751 -6.44 -4.51 11.12
N VAL A 1752 -5.62 -5.56 11.29
CA VAL A 1752 -5.58 -6.70 10.33
C VAL A 1752 -5.97 -8.02 11.00
N ASN A 1753 -5.27 -8.47 12.04
CA ASN A 1753 -5.54 -9.81 12.63
C ASN A 1753 -6.86 -9.79 13.41
N MET A 1754 -7.23 -8.67 14.02
CA MET A 1754 -8.45 -8.59 14.88
C MET A 1754 -9.66 -8.15 14.05
N TYR A 1755 -9.57 -7.07 13.25
CA TYR A 1755 -10.63 -6.63 12.33
C TYR A 1755 -11.02 -7.79 11.41
N ILE A 1756 -10.05 -8.46 10.79
CA ILE A 1756 -10.39 -9.66 9.96
C ILE A 1756 -11.12 -10.67 10.82
N ALA A 1757 -10.52 -11.07 11.95
CA ALA A 1757 -11.12 -12.10 12.83
C ALA A 1757 -12.60 -11.77 13.09
N VAL A 1758 -12.91 -10.50 13.39
CA VAL A 1758 -14.32 -10.16 13.76
C VAL A 1758 -15.20 -10.29 12.52
N ILE A 1759 -14.84 -9.66 11.40
CA ILE A 1759 -15.65 -9.61 10.14
C ILE A 1759 -15.83 -11.03 9.62
N LEU A 1760 -14.82 -11.87 9.59
CA LEU A 1760 -14.99 -13.28 9.17
C LEU A 1760 -15.86 -14.00 10.15
N GLU A 1761 -15.81 -13.64 11.43
CA GLU A 1761 -16.71 -14.29 12.43
C GLU A 1761 -18.16 -13.97 12.09
N ASN A 1762 -18.51 -12.73 11.72
CA ASN A 1762 -19.95 -12.39 11.55
C ASN A 1762 -20.46 -12.74 10.14
N PHE A 1763 -19.57 -12.87 9.15
CA PHE A 1763 -19.97 -13.25 7.78
C PHE A 1763 -20.50 -14.68 7.78
N SER A 1764 -19.96 -15.56 8.64
CA SER A 1764 -20.37 -16.99 8.73
C SER A 1764 -21.76 -17.08 9.38
N VAL A 1765 -22.24 -16.03 10.04
CA VAL A 1765 -23.57 -15.98 10.71
C VAL A 1765 -24.58 -15.47 9.70
N ALA A 1766 -24.38 -14.26 9.17
CA ALA A 1766 -25.26 -13.67 8.14
C ALA A 1766 -25.55 -14.72 7.09
N THR A 1767 -24.59 -15.60 6.78
CA THR A 1767 -24.74 -16.63 5.72
C THR A 1767 -25.23 -17.92 6.36
N GLU A 1768 -26.48 -17.94 6.83
CA GLU A 1768 -27.10 -19.16 7.43
C GLU A 1768 -28.58 -19.16 7.08
N GLY B 20 9.48 24.71 15.57
CA GLY B 20 9.86 25.79 14.61
C GLY B 20 9.68 27.18 15.18
N CYS B 21 9.37 28.14 14.30
CA CYS B 21 9.21 29.53 14.70
C CYS B 21 7.80 29.74 15.25
N VAL B 22 7.73 30.30 16.46
CA VAL B 22 6.46 30.63 17.10
C VAL B 22 6.51 32.09 17.48
N GLU B 23 5.47 32.85 17.12
CA GLU B 23 5.43 34.29 17.37
C GLU B 23 4.91 34.53 18.79
N VAL B 24 5.82 34.46 19.75
CA VAL B 24 5.50 34.75 21.13
C VAL B 24 5.50 36.26 21.34
N ASP B 25 4.57 36.74 22.16
CA ASP B 25 4.50 38.15 22.47
C ASP B 25 5.48 38.51 23.59
N SER B 26 5.66 39.81 23.80
CA SER B 26 6.59 40.30 24.81
C SER B 26 5.87 40.61 26.11
N GLU B 27 6.64 40.70 27.18
CA GLU B 27 6.12 41.16 28.46
C GLU B 27 5.99 42.68 28.46
N THR B 28 5.14 43.17 29.35
CA THR B 28 4.80 44.59 29.41
C THR B 28 5.16 45.19 30.77
N GLU B 29 6.22 44.71 31.38
CA GLU B 29 6.51 45.09 32.76
C GLU B 29 7.98 44.82 33.06
N ALA B 30 8.77 45.90 33.18
CA ALA B 30 10.16 45.82 33.58
C ALA B 30 10.31 46.45 34.96
N VAL B 31 11.23 45.92 35.75
CA VAL B 31 11.44 46.38 37.12
C VAL B 31 12.67 47.27 37.16
N TYR B 32 12.51 48.46 37.70
CA TYR B 32 13.56 49.47 37.70
C TYR B 32 14.86 48.90 38.22
N GLY B 33 15.95 49.17 37.50
CA GLY B 33 17.28 48.81 37.93
C GLY B 33 17.75 47.45 37.45
N MET B 34 16.89 46.65 36.85
CA MET B 34 17.23 45.32 36.37
C MET B 34 17.14 45.27 34.85
N THR B 35 17.42 44.10 34.29
CA THR B 35 17.48 43.89 32.85
C THR B 35 16.11 43.51 32.31
N PHE B 36 15.90 43.76 31.02
CA PHE B 36 14.65 43.40 30.36
C PHE B 36 14.91 43.13 28.88
N LYS B 37 14.24 42.11 28.35
CA LYS B 37 14.35 41.72 26.95
C LYS B 37 13.01 41.96 26.27
N ILE B 38 13.01 42.75 25.20
CA ILE B 38 11.81 43.06 24.45
C ILE B 38 11.75 42.12 23.25
N LEU B 39 10.68 41.34 23.16
CA LEU B 39 10.55 40.31 22.13
C LEU B 39 9.91 40.90 20.88
N CYS B 40 10.42 40.50 19.71
CA CYS B 40 9.82 40.86 18.42
C CYS B 40 10.14 39.71 17.47
N ILE B 41 9.26 38.71 17.43
CA ILE B 41 9.42 37.55 16.57
C ILE B 41 8.42 37.66 15.44
N SER B 42 8.90 37.56 14.20
CA SER B 42 8.04 37.61 13.02
C SER B 42 8.48 36.52 12.05
N CYS B 43 7.73 35.42 12.02
CA CYS B 43 8.07 34.27 11.19
C CYS B 43 7.50 34.42 9.79
N LYS B 44 8.06 33.66 8.85
CA LYS B 44 7.59 33.66 7.49
C LYS B 44 6.42 32.70 7.32
N ARG B 45 5.63 32.93 6.28
CA ARG B 45 4.52 32.03 5.99
C ARG B 45 5.02 30.63 5.63
N ARG B 46 6.09 30.55 4.84
CA ARG B 46 6.70 29.29 4.48
C ARG B 46 8.18 29.33 4.84
N SER B 47 8.62 28.36 5.64
CA SER B 47 9.94 28.41 6.24
C SER B 47 11.05 27.95 5.30
N GLU B 48 10.73 27.41 4.13
CA GLU B 48 11.74 26.97 3.19
C GLU B 48 12.19 28.07 2.25
N THR B 49 11.60 29.25 2.35
CA THR B 49 11.95 30.36 1.48
C THR B 49 13.25 31.02 1.95
N ASN B 50 13.79 31.87 1.10
CA ASN B 50 14.97 32.67 1.43
C ASN B 50 14.59 34.14 1.51
N ALA B 51 15.27 34.87 2.38
CA ALA B 51 14.92 36.26 2.63
C ALA B 51 16.15 37.00 3.15
N GLU B 52 16.03 38.32 3.20
CA GLU B 52 17.08 39.19 3.70
C GLU B 52 16.42 40.31 4.50
N THR B 53 16.42 40.16 5.82
CA THR B 53 15.64 41.01 6.71
C THR B 53 16.54 42.02 7.42
N PHE B 54 15.98 43.18 7.72
CA PHE B 54 16.56 44.12 8.66
C PHE B 54 15.42 44.85 9.35
N THR B 55 15.71 45.44 10.50
CA THR B 55 14.69 46.00 11.36
C THR B 55 15.10 47.36 11.92
N GLU B 56 14.09 48.17 12.22
CA GLU B 56 14.29 49.46 12.86
C GLU B 56 13.32 49.56 14.03
N TRP B 57 13.83 49.93 15.19
CA TRP B 57 13.03 50.08 16.40
C TRP B 57 12.79 51.55 16.66
N THR B 58 11.55 51.88 17.00
CA THR B 58 11.18 53.24 17.39
C THR B 58 10.52 53.20 18.76
N PHE B 59 10.47 54.35 19.42
CA PHE B 59 10.08 54.42 20.81
C PHE B 59 9.36 55.75 21.06
N ARG B 60 8.18 55.67 21.67
CA ARG B 60 7.40 56.86 22.03
C ARG B 60 7.26 56.88 23.55
N GLN B 61 8.12 57.64 24.22
CA GLN B 61 8.15 57.61 25.67
C GLN B 61 6.81 58.02 26.25
N LYS B 62 6.41 57.35 27.33
CA LYS B 62 5.24 57.78 28.09
C LYS B 62 5.44 59.21 28.54
N GLY B 63 4.65 60.13 28.00
CA GLY B 63 4.86 61.55 28.17
C GLY B 63 5.32 62.28 26.93
N THR B 64 5.34 61.61 25.78
CA THR B 64 5.71 62.21 24.51
C THR B 64 4.64 61.86 23.49
N GLU B 65 4.70 62.49 22.32
CA GLU B 65 3.69 62.33 21.29
C GLU B 65 4.26 61.85 19.96
N GLU B 66 5.57 61.86 19.79
CA GLU B 66 6.22 61.50 18.54
C GLU B 66 7.05 60.24 18.74
N PHE B 67 6.96 59.33 17.76
CA PHE B 67 7.80 58.14 17.73
C PHE B 67 9.19 58.51 17.22
N VAL B 68 10.21 57.95 17.87
CA VAL B 68 11.60 58.30 17.60
C VAL B 68 12.35 57.01 17.27
N LYS B 69 13.29 57.11 16.34
CA LYS B 69 14.10 55.94 15.97
C LYS B 69 15.29 55.82 16.91
N ILE B 70 15.50 54.62 17.44
CA ILE B 70 16.52 54.40 18.45
C ILE B 70 17.65 53.53 17.91
N LEU B 71 17.33 52.55 17.06
CA LEU B 71 18.37 51.67 16.55
C LEU B 71 17.93 51.03 15.23
N ARG B 72 18.91 50.50 14.52
CA ARG B 72 18.71 49.81 13.26
C ARG B 72 19.73 48.69 13.17
N TYR B 73 19.28 47.50 12.79
CA TYR B 73 20.14 46.32 12.75
C TYR B 73 20.04 45.67 11.39
N GLU B 74 21.14 45.74 10.64
CA GLU B 74 21.21 45.17 9.30
C GLU B 74 22.58 44.56 9.11
N ASN B 75 22.62 43.37 8.50
CA ASN B 75 23.89 42.74 8.14
C ASN B 75 24.77 42.50 9.36
N GLU B 76 24.15 42.03 10.45
CA GLU B 76 24.85 41.59 11.65
C GLU B 76 25.54 42.74 12.39
N VAL B 77 25.22 43.99 12.07
CA VAL B 77 25.80 45.14 12.77
C VAL B 77 24.67 46.01 13.29
N LEU B 78 24.68 46.26 14.60
CA LEU B 78 23.68 47.10 15.24
C LEU B 78 24.17 48.54 15.28
N GLN B 79 23.34 49.46 14.81
CA GLN B 79 23.67 50.88 14.75
C GLN B 79 22.72 51.61 15.68
N LEU B 80 23.08 51.72 16.96
CA LEU B 80 22.22 52.41 17.97
C LEU B 80 22.34 53.93 17.76
N GLU B 81 21.28 54.59 17.29
CA GLU B 81 21.26 56.02 17.04
C GLU B 81 21.48 56.78 18.35
N GLU B 82 22.23 57.87 18.27
CA GLU B 82 22.59 58.62 19.47
C GLU B 82 21.34 58.91 20.28
N ASP B 83 21.39 58.61 21.57
CA ASP B 83 20.23 58.74 22.44
C ASP B 83 20.65 58.48 23.87
N GLU B 84 20.89 59.56 24.63
CA GLU B 84 21.25 59.44 26.03
C GLU B 84 20.46 58.33 26.74
N ARG B 85 19.17 58.21 26.46
CA ARG B 85 18.33 57.27 27.20
C ARG B 85 18.81 55.84 27.03
N PHE B 86 19.11 55.43 25.80
CA PHE B 86 19.45 54.05 25.49
C PHE B 86 20.94 53.86 25.25
N GLU B 87 21.75 54.89 25.46
CA GLU B 87 23.17 54.78 25.19
C GLU B 87 23.79 53.75 26.13
N GLY B 88 24.38 52.70 25.56
CA GLY B 88 25.02 51.68 26.35
C GLY B 88 24.09 50.80 27.13
N ARG B 89 22.77 50.95 26.96
CA ARG B 89 21.79 50.17 27.68
C ARG B 89 20.99 49.24 26.79
N VAL B 90 21.41 48.98 25.55
CA VAL B 90 20.72 48.07 24.65
C VAL B 90 21.75 47.22 23.93
N VAL B 91 21.39 45.95 23.73
CA VAL B 91 22.23 44.98 23.02
C VAL B 91 21.31 44.06 22.22
N TRP B 92 21.79 43.62 21.06
CA TRP B 92 21.00 42.73 20.23
C TRP B 92 20.71 41.44 20.99
N ASN B 93 19.51 40.90 20.80
CA ASN B 93 19.14 39.66 21.44
C ASN B 93 18.29 38.79 20.52
N GLY B 94 18.34 39.04 19.22
CA GLY B 94 17.55 38.28 18.27
C GLY B 94 18.36 37.23 17.55
N SER B 95 17.92 36.85 16.35
CA SER B 95 18.59 35.82 15.59
C SER B 95 19.97 36.29 15.15
N ARG B 96 20.92 35.36 15.14
CA ARG B 96 22.32 35.70 14.98
C ARG B 96 22.94 34.91 13.84
N GLY B 97 23.93 35.51 13.19
CA GLY B 97 24.73 34.83 12.18
C GLY B 97 24.04 34.60 10.86
N THR B 98 23.01 35.35 10.53
CA THR B 98 22.29 35.16 9.27
C THR B 98 21.67 36.48 8.83
N LYS B 99 21.33 36.54 7.54
CA LYS B 99 20.60 37.67 6.99
C LYS B 99 19.09 37.45 6.99
N ASP B 100 18.63 36.27 7.38
CA ASP B 100 17.20 35.94 7.45
C ASP B 100 16.80 35.96 8.92
N LEU B 101 16.45 37.15 9.41
CA LEU B 101 16.10 37.33 10.81
C LEU B 101 14.63 37.02 11.02
N GLN B 102 14.33 36.04 11.86
CA GLN B 102 12.97 35.76 12.29
C GLN B 102 12.72 36.13 13.74
N ASP B 103 13.77 36.35 14.52
CA ASP B 103 13.68 36.85 15.88
C ASP B 103 14.50 38.13 15.95
N LEU B 104 13.87 39.22 16.39
CA LEU B 104 14.49 40.52 16.30
C LEU B 104 14.44 41.25 17.63
N SER B 105 14.71 40.55 18.72
CA SER B 105 14.55 41.06 20.07
C SER B 105 15.79 41.82 20.51
N ILE B 106 15.57 42.90 21.25
CA ILE B 106 16.65 43.65 21.88
C ILE B 106 16.58 43.42 23.38
N PHE B 107 17.59 43.92 24.08
CA PHE B 107 17.80 43.60 25.48
C PHE B 107 18.27 44.85 26.21
N ILE B 108 17.48 45.33 27.16
CA ILE B 108 17.87 46.47 27.97
C ILE B 108 18.64 45.95 29.17
N THR B 109 19.90 46.37 29.29
CA THR B 109 20.79 45.86 30.31
C THR B 109 20.65 46.57 31.64
N ASN B 110 19.86 47.63 31.72
CA ASN B 110 19.71 48.39 32.95
C ASN B 110 18.47 49.28 32.78
N VAL B 111 17.33 48.78 33.21
CA VAL B 111 16.07 49.50 33.04
C VAL B 111 16.10 50.78 33.88
N THR B 112 15.42 51.81 33.39
CA THR B 112 15.20 53.04 34.11
C THR B 112 13.74 53.45 33.91
N TYR B 113 13.41 54.67 34.33
CA TYR B 113 12.07 55.19 34.11
C TYR B 113 11.92 55.85 32.75
N ASN B 114 13.02 55.99 32.01
CA ASN B 114 12.99 56.51 30.65
C ASN B 114 12.72 55.42 29.62
N HIS B 115 12.37 54.21 30.07
CA HIS B 115 12.13 53.08 29.18
C HIS B 115 10.69 52.60 29.25
N SER B 116 9.77 53.44 29.71
CA SER B 116 8.36 53.11 29.73
C SER B 116 7.67 53.88 28.62
N GLY B 117 7.05 53.15 27.69
CA GLY B 117 6.41 53.79 26.56
C GLY B 117 6.06 52.75 25.52
N ASP B 118 5.76 53.23 24.33
CA ASP B 118 5.36 52.37 23.23
C ASP B 118 6.55 52.14 22.31
N TYR B 119 6.88 50.87 22.08
CA TYR B 119 7.93 50.47 21.17
C TYR B 119 7.32 49.94 19.89
N GLU B 120 7.99 50.16 18.77
CA GLU B 120 7.58 49.60 17.49
C GLU B 120 8.78 48.96 16.83
N CYS B 121 8.57 47.77 16.26
CA CYS B 121 9.62 46.94 15.69
C CYS B 121 9.28 46.74 14.22
N HIS B 122 9.75 47.64 13.37
CA HIS B 122 9.55 47.49 11.93
C HIS B 122 10.47 46.42 11.38
N VAL B 123 9.93 45.50 10.58
CA VAL B 123 10.69 44.46 9.91
C VAL B 123 10.56 44.66 8.42
N TYR B 124 11.69 44.71 7.72
CA TYR B 124 11.72 44.89 6.27
C TYR B 124 12.36 43.64 5.68
N ARG B 125 11.52 42.76 5.14
CA ARG B 125 11.95 41.48 4.63
C ARG B 125 11.86 41.47 3.11
N LEU B 126 12.84 40.83 2.46
CA LEU B 126 12.94 40.79 1.01
C LEU B 126 13.04 39.33 0.58
N LEU B 127 11.92 38.76 0.15
CA LEU B 127 11.91 37.36 -0.27
C LEU B 127 12.56 37.21 -1.63
N PHE B 128 13.31 36.13 -1.80
CA PHE B 128 13.99 35.82 -3.07
C PHE B 128 13.32 34.58 -3.65
N PHE B 129 12.66 34.75 -4.78
CA PHE B 129 11.94 33.69 -5.47
C PHE B 129 12.58 33.45 -6.84
N GLU B 130 11.95 32.58 -7.62
CA GLU B 130 12.45 32.25 -8.95
C GLU B 130 11.96 33.30 -9.93
N ASN B 131 12.88 34.16 -10.38
CA ASN B 131 12.55 35.26 -11.28
C ASN B 131 11.48 36.15 -10.67
N TYR B 132 11.71 36.55 -9.43
CA TYR B 132 10.72 37.30 -8.66
C TYR B 132 11.31 37.73 -7.33
N GLU B 133 11.11 39.00 -6.98
CA GLU B 133 11.58 39.55 -5.70
C GLU B 133 10.42 40.25 -5.04
N HIS B 134 10.17 39.92 -3.77
CA HIS B 134 9.08 40.53 -3.01
C HIS B 134 9.67 41.27 -1.82
N ASN B 135 9.27 42.54 -1.67
CA ASN B 135 9.72 43.40 -0.58
C ASN B 135 8.50 43.72 0.28
N THR B 136 8.36 43.04 1.41
CA THR B 136 7.24 43.21 2.31
C THR B 136 7.70 43.95 3.57
N SER B 137 6.80 44.07 4.55
CA SER B 137 7.10 44.80 5.77
C SER B 137 6.10 44.42 6.86
N VAL B 138 6.58 44.40 8.09
CA VAL B 138 5.79 44.07 9.26
C VAL B 138 6.06 45.11 10.33
N VAL B 139 5.06 45.41 11.15
CA VAL B 139 5.21 46.32 12.28
C VAL B 139 4.59 45.66 13.50
N LYS B 140 5.36 45.62 14.59
CA LYS B 140 4.90 45.02 15.84
C LYS B 140 5.05 46.05 16.95
N LYS B 141 4.00 46.26 17.72
CA LYS B 141 3.97 47.27 18.76
C LYS B 141 4.02 46.61 20.13
N ILE B 142 4.90 47.11 20.99
CA ILE B 142 5.10 46.57 22.34
C ILE B 142 4.97 47.71 23.33
N HIS B 143 4.06 47.58 24.27
CA HIS B 143 3.87 48.58 25.32
C HIS B 143 4.55 48.10 26.59
N ILE B 144 5.43 48.94 27.13
CA ILE B 144 6.25 48.60 28.28
C ILE B 144 5.95 49.57 29.39
N GLU B 145 5.65 49.05 30.57
CA GLU B 145 5.51 49.85 31.78
C GLU B 145 6.57 49.39 32.76
N VAL B 146 7.28 50.34 33.36
CA VAL B 146 8.38 50.04 34.27
C VAL B 146 7.90 50.23 35.70
N VAL B 147 8.17 49.23 36.54
CA VAL B 147 7.71 49.22 37.92
C VAL B 147 8.93 49.09 38.83
N ASP B 148 8.70 49.18 40.13
CA ASP B 148 9.78 49.05 41.09
C ASP B 148 9.80 47.70 41.79
N LYS B 149 8.67 47.00 41.83
CA LYS B 149 8.62 45.64 42.35
C LYS B 149 7.80 44.78 41.39
N ALA B 150 8.31 43.58 41.12
CA ALA B 150 7.69 42.69 40.14
C ALA B 150 6.34 42.22 40.68
N ASN B 151 5.27 42.65 40.02
CA ASN B 151 3.94 42.23 40.40
C ASN B 151 3.74 40.75 40.12
N ARG B 152 3.01 40.07 41.00
CA ARG B 152 2.69 38.67 40.80
C ARG B 152 1.51 38.53 39.85
N ASP B 153 1.60 37.54 38.97
CA ASP B 153 0.59 37.36 37.94
C ASP B 153 -0.77 37.09 38.59
N MET B 154 -1.80 37.79 38.11
CA MET B 154 -3.14 37.54 38.59
C MET B 154 -3.56 36.11 38.30
N ALA B 155 -3.17 35.59 37.13
CA ALA B 155 -3.48 34.21 36.82
C ALA B 155 -2.84 33.27 37.83
N SER B 156 -1.58 33.51 38.17
CA SER B 156 -0.92 32.66 39.16
C SER B 156 -1.63 32.72 40.50
N ILE B 157 -2.00 33.94 40.94
CA ILE B 157 -2.63 34.08 42.25
C ILE B 157 -3.97 33.35 42.26
N VAL B 158 -4.79 33.59 41.25
CA VAL B 158 -6.11 32.96 41.21
C VAL B 158 -5.98 31.45 41.12
N SER B 159 -5.04 30.96 40.32
CA SER B 159 -4.90 29.52 40.15
C SER B 159 -4.44 28.87 41.46
N GLU B 160 -3.52 29.49 42.18
CA GLU B 160 -3.11 28.93 43.46
C GLU B 160 -4.29 28.91 44.44
N ILE B 161 -5.05 30.00 44.49
CA ILE B 161 -6.20 30.03 45.40
C ILE B 161 -7.18 28.93 45.06
N MET B 162 -7.49 28.78 43.77
CA MET B 162 -8.46 27.76 43.36
C MET B 162 -7.92 26.37 43.64
N MET B 163 -6.64 26.14 43.45
CA MET B 163 -6.07 24.83 43.74
C MET B 163 -6.26 24.47 45.22
N TYR B 164 -5.88 25.38 46.11
CA TYR B 164 -6.05 25.10 47.54
C TYR B 164 -7.52 24.91 47.89
N VAL B 165 -8.40 25.75 47.34
CA VAL B 165 -9.82 25.64 47.66
C VAL B 165 -10.36 24.28 47.23
N LEU B 166 -10.02 23.86 46.01
CA LEU B 166 -10.53 22.58 45.51
C LEU B 166 -9.97 21.41 46.32
N ILE B 167 -8.68 21.46 46.67
CA ILE B 167 -8.11 20.38 47.47
C ILE B 167 -8.85 20.27 48.79
N VAL B 168 -9.07 21.41 49.46
CA VAL B 168 -9.76 21.39 50.74
C VAL B 168 -11.17 20.86 50.58
N VAL B 169 -11.87 21.31 49.53
CA VAL B 169 -13.26 20.88 49.34
C VAL B 169 -13.34 19.37 49.13
N LEU B 170 -12.47 18.84 48.27
CA LEU B 170 -12.50 17.40 48.02
C LEU B 170 -12.20 16.64 49.29
N THR B 171 -11.21 17.09 50.07
CA THR B 171 -10.88 16.39 51.29
C THR B 171 -12.05 16.40 52.28
N ILE B 172 -12.72 17.54 52.43
CA ILE B 172 -13.82 17.59 53.39
C ILE B 172 -14.94 16.68 52.92
N TRP B 173 -15.25 16.68 51.62
CA TRP B 173 -16.30 15.82 51.12
C TRP B 173 -15.97 14.36 51.40
N LEU B 174 -14.74 13.96 51.12
CA LEU B 174 -14.36 12.56 51.34
C LEU B 174 -14.46 12.20 52.82
N VAL B 175 -13.98 13.06 53.70
CA VAL B 175 -14.00 12.73 55.13
C VAL B 175 -15.42 12.70 55.65
N ALA B 176 -16.29 13.59 55.18
CA ALA B 176 -17.67 13.56 55.60
C ALA B 176 -18.35 12.26 55.16
N GLU B 177 -18.15 11.86 53.91
CA GLU B 177 -18.70 10.60 53.45
C GLU B 177 -18.14 9.45 54.27
N MET B 178 -16.85 9.49 54.57
CA MET B 178 -16.23 8.48 55.40
C MET B 178 -16.94 8.36 56.74
N ILE B 179 -17.16 9.49 57.42
CA ILE B 179 -17.73 9.46 58.76
C ILE B 179 -19.17 8.95 58.71
N TYR B 180 -19.95 9.42 57.74
CA TYR B 180 -21.33 8.95 57.63
C TYR B 180 -21.38 7.44 57.38
N CYS B 181 -20.58 6.96 56.43
CA CYS B 181 -20.57 5.54 56.12
C CYS B 181 -20.10 4.71 57.31
N TYR B 182 -19.10 5.20 58.05
CA TYR B 182 -18.63 4.45 59.21
C TYR B 182 -19.72 4.37 60.27
N LYS B 183 -20.40 5.48 60.55
CA LYS B 183 -21.47 5.42 61.53
C LYS B 183 -22.52 4.41 61.11
N LYS B 184 -22.90 4.42 59.83
CA LYS B 184 -23.89 3.47 59.36
C LYS B 184 -23.41 2.02 59.51
N ILE B 185 -22.18 1.76 59.08
CA ILE B 185 -21.66 0.39 59.09
C ILE B 185 -21.54 -0.13 60.52
N ALA B 186 -21.00 0.68 61.42
CA ALA B 186 -20.88 0.25 62.80
C ALA B 186 -22.25 0.07 63.44
N ALA B 187 -23.21 0.93 63.11
CA ALA B 187 -24.56 0.76 63.64
C ALA B 187 -25.14 -0.58 63.20
N ALA B 188 -25.03 -0.90 61.92
CA ALA B 188 -25.56 -2.17 61.44
C ALA B 188 -24.82 -3.35 62.08
N THR B 189 -23.50 -3.24 62.20
CA THR B 189 -22.72 -4.33 62.79
C THR B 189 -23.12 -4.58 64.23
N GLU B 190 -23.32 -3.53 65.01
CA GLU B 190 -23.79 -3.71 66.38
C GLU B 190 -25.22 -4.23 66.41
N THR B 191 -26.06 -3.82 65.46
CA THR B 191 -27.42 -4.32 65.42
C THR B 191 -27.44 -5.83 65.20
N ALA B 192 -26.60 -6.33 64.28
CA ALA B 192 -26.51 -7.76 64.04
C ALA B 192 -25.68 -8.44 65.12
N MET C 30 12.75 8.57 -35.15
CA MET C 30 11.72 9.21 -36.01
C MET C 30 11.51 8.40 -37.28
N GLU C 31 10.25 8.27 -37.69
CA GLU C 31 9.89 7.54 -38.91
C GLU C 31 9.35 8.52 -39.94
N VAL C 32 9.82 8.37 -41.18
CA VAL C 32 9.44 9.25 -42.29
C VAL C 32 8.96 8.37 -43.43
N THR C 33 7.82 8.73 -44.01
CA THR C 33 7.17 7.94 -45.06
C THR C 33 7.19 8.73 -46.36
N VAL C 34 7.99 8.25 -47.32
CA VAL C 34 8.15 8.93 -48.61
C VAL C 34 8.10 7.90 -49.73
N PRO C 35 7.70 8.30 -50.95
CA PRO C 35 7.80 7.38 -52.08
C PRO C 35 9.22 7.35 -52.65
N ALA C 36 9.69 6.14 -52.94
CA ALA C 36 11.04 6.01 -53.50
C ALA C 36 11.14 6.67 -54.87
N THR C 37 10.13 6.48 -55.71
CA THR C 37 10.12 7.04 -57.06
C THR C 37 8.75 7.67 -57.33
N LEU C 38 8.76 8.91 -57.80
CA LEU C 38 7.55 9.63 -58.16
C LEU C 38 7.59 9.96 -59.64
N ASN C 39 6.54 9.58 -60.37
CA ASN C 39 6.43 9.79 -61.80
C ASN C 39 5.28 10.73 -62.07
N VAL C 40 5.56 11.83 -62.77
CA VAL C 40 4.56 12.84 -63.11
C VAL C 40 4.72 13.23 -64.57
N LEU C 41 3.60 13.58 -65.19
CA LEU C 41 3.58 14.02 -66.58
C LEU C 41 4.14 15.43 -66.70
N ASN C 42 4.62 15.75 -67.90
CA ASN C 42 5.17 17.08 -68.14
C ASN C 42 4.04 18.12 -68.12
N GLY C 43 4.31 19.24 -67.46
CA GLY C 43 3.33 20.30 -67.34
C GLY C 43 2.29 20.10 -66.26
N SER C 44 2.36 19.03 -65.49
CA SER C 44 1.42 18.76 -64.42
C SER C 44 2.00 19.20 -63.09
N ASP C 45 1.12 19.34 -62.10
CA ASP C 45 1.51 19.74 -60.76
C ASP C 45 1.85 18.51 -59.93
N ALA C 46 3.03 18.52 -59.32
CA ALA C 46 3.54 17.37 -58.57
C ALA C 46 3.56 17.69 -57.09
N ARG C 47 3.04 16.78 -56.28
CA ARG C 47 3.04 16.89 -54.82
C ARG C 47 4.00 15.84 -54.27
N LEU C 48 5.01 16.29 -53.51
CA LEU C 48 5.99 15.40 -52.94
C LEU C 48 5.52 14.93 -51.58
N PRO C 49 5.23 13.63 -51.38
CA PRO C 49 4.77 13.18 -50.06
C PRO C 49 5.92 12.95 -49.10
N CYS C 50 6.06 13.85 -48.13
CA CYS C 50 6.95 13.67 -46.99
C CYS C 50 6.11 13.77 -45.74
N THR C 51 6.19 12.76 -44.86
CA THR C 51 5.41 12.72 -43.64
C THR C 51 6.24 12.08 -42.54
N PHE C 52 5.83 12.33 -41.29
CA PHE C 52 6.51 11.77 -40.14
C PHE C 52 5.48 11.50 -39.05
N ASN C 53 5.87 10.67 -38.09
CA ASN C 53 5.00 10.28 -36.98
C ASN C 53 5.74 10.37 -35.67
N SER C 54 6.31 11.54 -35.39
CA SER C 54 6.92 11.77 -34.08
C SER C 54 5.86 11.74 -32.99
N CYS C 55 6.22 11.17 -31.85
CA CYS C 55 5.26 11.02 -30.77
C CYS C 55 4.83 12.37 -30.21
N TYR C 56 5.76 13.31 -30.10
CA TYR C 56 5.50 14.57 -29.42
C TYR C 56 4.74 15.53 -30.32
N THR C 57 4.11 16.53 -29.70
CA THR C 57 3.40 17.54 -30.46
C THR C 57 4.40 18.41 -31.22
N VAL C 58 3.94 18.99 -32.33
CA VAL C 58 4.80 19.75 -33.20
C VAL C 58 4.85 21.20 -32.75
N ASN C 59 5.67 21.48 -31.75
CA ASN C 59 5.86 22.85 -31.29
C ASN C 59 6.40 23.69 -32.44
N HIS C 60 5.58 24.61 -32.98
CA HIS C 60 5.99 25.44 -34.13
C HIS C 60 7.18 26.32 -33.74
N LYS C 61 7.44 26.55 -32.44
CA LYS C 61 8.53 27.41 -32.03
C LYS C 61 9.88 26.71 -32.09
N GLN C 62 9.90 25.38 -32.25
CA GLN C 62 11.13 24.62 -32.26
C GLN C 62 11.29 23.72 -33.48
N PHE C 63 10.22 23.44 -34.21
CA PHE C 63 10.30 22.56 -35.37
C PHE C 63 11.32 23.08 -36.38
N SER C 64 12.06 22.17 -36.99
CA SER C 64 13.13 22.51 -37.96
C SER C 64 12.91 21.69 -39.24
N LEU C 65 12.99 22.33 -40.42
CA LEU C 65 12.86 21.70 -41.71
C LEU C 65 14.10 22.01 -42.56
N ASN C 66 14.42 21.11 -43.47
CA ASN C 66 15.61 21.28 -44.31
C ASN C 66 15.39 20.52 -45.62
N TRP C 67 14.47 21.01 -46.43
CA TRP C 67 14.24 20.46 -47.76
C TRP C 67 15.44 20.77 -48.65
N THR C 68 15.85 19.80 -49.46
CA THR C 68 16.98 19.98 -50.36
C THR C 68 16.74 19.21 -51.65
N TYR C 69 17.42 19.64 -52.72
CA TYR C 69 17.32 19.00 -54.02
C TYR C 69 18.71 18.70 -54.57
N GLN C 70 18.82 17.55 -55.22
CA GLN C 70 20.04 17.14 -55.89
C GLN C 70 19.67 16.43 -57.19
N GLU C 71 20.32 16.83 -58.29
CA GLU C 71 20.07 16.16 -59.56
C GLU C 71 20.44 14.68 -59.51
N CYS C 72 21.28 14.29 -58.56
CA CYS C 72 21.69 12.90 -58.42
C CYS C 72 22.05 12.65 -56.96
N ASN C 73 22.14 11.38 -56.59
CA ASN C 73 22.48 11.03 -55.21
C ASN C 73 23.85 11.57 -54.84
N ASN C 74 24.82 11.48 -55.75
CA ASN C 74 26.16 11.98 -55.49
C ASN C 74 26.29 13.48 -55.75
N CYS C 75 25.22 14.12 -56.25
CA CYS C 75 25.22 15.56 -56.56
C CYS C 75 25.03 16.35 -55.27
N SER C 76 25.33 17.65 -55.29
CA SER C 76 25.16 18.51 -54.13
C SER C 76 23.69 18.85 -53.93
N GLU C 77 23.36 19.28 -52.70
CA GLU C 77 21.99 19.53 -52.29
C GLU C 77 21.75 21.02 -52.13
N GLU C 78 20.61 21.49 -52.62
CA GLU C 78 20.29 22.91 -52.69
C GLU C 78 19.09 23.22 -51.79
N MET C 79 19.28 24.16 -50.86
CA MET C 79 18.21 24.59 -49.93
C MET C 79 17.20 25.43 -50.72
N PHE C 80 15.91 25.08 -50.67
CA PHE C 80 14.89 25.77 -51.45
C PHE C 80 13.57 25.95 -50.69
N LEU C 81 13.45 25.36 -49.50
CA LEU C 81 12.21 25.44 -48.72
C LEU C 81 12.52 25.04 -47.29
N GLN C 82 12.39 25.97 -46.35
CA GLN C 82 12.72 25.72 -44.95
C GLN C 82 11.51 25.99 -44.08
N PHE C 83 11.68 25.72 -42.79
CA PHE C 83 10.71 26.08 -41.77
C PHE C 83 11.45 26.26 -40.46
N ARG C 84 11.68 27.51 -40.06
CA ARG C 84 12.29 27.83 -38.78
C ARG C 84 11.26 28.27 -37.75
N MET C 85 10.51 29.31 -38.05
CA MET C 85 9.35 29.67 -37.24
C MET C 85 8.13 29.80 -38.14
N LYS C 86 8.35 30.09 -39.42
CA LYS C 86 7.29 30.17 -40.40
C LYS C 86 7.80 29.60 -41.72
N ILE C 87 6.86 29.14 -42.55
CA ILE C 87 7.19 28.54 -43.88
C ILE C 87 7.96 29.61 -44.68
N ILE C 88 9.23 29.33 -45.01
CA ILE C 88 10.08 30.24 -45.77
C ILE C 88 10.56 29.51 -47.00
N ASN C 89 10.35 30.13 -48.17
CA ASN C 89 10.79 29.59 -49.46
C ASN C 89 11.89 30.49 -50.00
N LEU C 90 13.03 29.89 -50.33
CA LEU C 90 14.18 30.67 -50.78
C LEU C 90 14.05 31.11 -52.23
N LYS C 91 13.08 30.56 -52.97
CA LYS C 91 12.80 30.99 -54.35
C LYS C 91 14.08 30.99 -55.18
N LEU C 92 14.70 29.82 -55.28
CA LEU C 92 15.85 29.66 -56.14
C LEU C 92 15.46 29.87 -57.60
N GLU C 93 16.42 30.31 -58.41
CA GLU C 93 16.13 30.64 -59.80
C GLU C 93 15.64 29.42 -60.56
N ARG C 94 16.25 28.26 -60.32
CA ARG C 94 15.90 27.06 -61.07
C ARG C 94 14.47 26.61 -60.84
N PHE C 95 13.87 26.95 -59.70
CA PHE C 95 12.47 26.65 -59.43
C PHE C 95 11.55 27.84 -59.67
N GLN C 96 12.08 29.05 -59.76
CA GLN C 96 11.26 30.26 -59.98
C GLN C 96 10.32 30.39 -58.78
N ASP C 97 9.06 30.72 -58.99
CA ASP C 97 8.08 30.86 -57.92
C ASP C 97 7.07 29.72 -57.91
N ARG C 98 7.46 28.55 -58.43
CA ARG C 98 6.56 27.42 -58.58
C ARG C 98 6.60 26.46 -57.41
N VAL C 99 7.44 26.71 -56.41
CA VAL C 99 7.60 25.83 -55.26
C VAL C 99 6.87 26.45 -54.08
N GLU C 100 5.95 25.70 -53.48
CA GLU C 100 5.20 26.15 -52.32
C GLU C 100 5.02 24.99 -51.36
N PHE C 101 4.42 25.27 -50.21
CA PHE C 101 4.14 24.28 -49.18
C PHE C 101 2.67 23.90 -49.20
N SER C 102 2.40 22.59 -49.14
CA SER C 102 1.04 22.06 -49.26
C SER C 102 0.52 21.38 -48.01
N GLY C 103 1.38 21.02 -47.06
CA GLY C 103 0.97 20.29 -45.88
C GLY C 103 0.87 21.18 -44.66
N ASN C 104 1.14 20.62 -43.48
CA ASN C 104 1.18 21.43 -42.23
C ASN C 104 1.84 20.59 -41.15
N PRO C 105 2.87 21.08 -40.44
CA PRO C 105 3.43 20.36 -39.29
C PRO C 105 2.40 20.02 -38.24
N SER C 106 1.55 21.01 -37.92
CA SER C 106 0.50 20.82 -36.91
C SER C 106 -0.11 19.44 -37.17
N LYS C 107 -0.05 18.97 -38.42
CA LYS C 107 -0.68 17.68 -38.78
C LYS C 107 0.32 16.81 -39.52
N TYR C 108 1.54 16.79 -39.05
CA TYR C 108 2.53 15.78 -39.49
C TYR C 108 2.52 15.55 -40.98
N ASP C 109 2.18 16.54 -41.79
CA ASP C 109 2.47 16.43 -43.21
C ASP C 109 3.33 17.60 -43.63
N VAL C 110 4.46 17.29 -44.27
CA VAL C 110 5.44 18.31 -44.61
C VAL C 110 5.66 18.27 -46.12
N SER C 111 4.62 17.86 -46.85
CA SER C 111 4.72 17.67 -48.29
C SER C 111 5.12 18.97 -48.99
N VAL C 112 5.47 18.85 -50.27
CA VAL C 112 5.84 19.98 -51.11
C VAL C 112 5.03 19.90 -52.39
N MET C 113 4.62 21.07 -52.90
CA MET C 113 3.75 21.18 -54.05
C MET C 113 4.45 22.00 -55.13
N LEU C 114 4.48 21.48 -56.35
CA LEU C 114 5.20 22.13 -57.45
C LEU C 114 4.28 22.21 -58.67
N ARG C 115 4.39 23.31 -59.43
CA ARG C 115 3.55 23.50 -60.60
C ARG C 115 4.29 23.12 -61.87
N ASN C 116 3.51 22.77 -62.90
CA ASN C 116 3.98 22.57 -64.27
C ASN C 116 5.43 22.13 -64.33
N VAL C 117 5.69 20.87 -63.96
CA VAL C 117 7.04 20.35 -63.91
C VAL C 117 7.65 20.34 -65.30
N GLN C 118 8.89 20.83 -65.40
CA GLN C 118 9.64 20.86 -66.63
C GLN C 118 10.58 19.65 -66.70
N PRO C 119 11.31 19.42 -67.80
CA PRO C 119 12.19 18.25 -67.92
C PRO C 119 13.50 18.38 -67.13
N GLU C 120 13.63 19.37 -66.24
CA GLU C 120 14.88 19.63 -65.53
C GLU C 120 14.71 19.43 -64.03
N ASP C 121 13.49 19.65 -63.52
CA ASP C 121 13.20 19.34 -62.12
C ASP C 121 13.43 17.88 -61.80
N GLU C 122 13.38 17.01 -62.81
CA GLU C 122 13.70 15.60 -62.61
C GLU C 122 15.00 15.45 -61.82
N GLY C 123 14.95 14.66 -60.76
CA GLY C 123 16.11 14.51 -59.89
C GLY C 123 15.74 13.80 -58.60
N ILE C 124 16.26 14.34 -57.50
CA ILE C 124 16.06 13.77 -56.18
C ILE C 124 15.71 14.89 -55.22
N TYR C 125 14.68 14.68 -54.41
CA TYR C 125 14.22 15.65 -53.42
C TYR C 125 14.38 15.04 -52.03
N ASN C 126 14.75 15.88 -51.06
CA ASN C 126 15.16 15.41 -49.74
C ASN C 126 14.57 16.33 -48.68
N CYS C 127 13.77 15.75 -47.78
CA CYS C 127 13.28 16.45 -46.59
C CYS C 127 14.08 15.98 -45.38
N TYR C 128 14.56 16.93 -44.59
CA TYR C 128 15.24 16.68 -43.32
C TYR C 128 14.43 17.33 -42.21
N ILE C 129 14.10 16.53 -41.19
CA ILE C 129 13.16 16.94 -40.14
C ILE C 129 13.83 16.78 -38.80
N MET C 130 13.44 17.61 -37.83
CA MET C 130 14.01 17.57 -36.46
C MET C 130 12.92 18.19 -35.57
N ASN C 131 12.12 17.38 -34.90
CA ASN C 131 11.02 17.87 -34.08
C ASN C 131 11.33 17.66 -32.60
N PRO C 132 11.77 18.70 -31.88
CA PRO C 132 12.06 18.52 -30.46
C PRO C 132 10.79 18.29 -29.67
N PRO C 133 10.88 17.69 -28.49
CA PRO C 133 12.10 17.29 -27.76
C PRO C 133 12.70 16.00 -28.26
N ASP C 134 12.17 15.45 -29.37
CA ASP C 134 12.76 14.24 -30.00
C ASP C 134 14.21 14.55 -30.37
N ARG C 135 15.05 13.54 -30.57
CA ARG C 135 16.45 13.69 -30.91
C ARG C 135 16.80 13.08 -32.26
N HIS C 136 16.24 11.93 -32.59
CA HIS C 136 16.53 11.32 -33.88
C HIS C 136 16.11 12.24 -35.00
N ARG C 137 16.93 12.31 -36.05
CA ARG C 137 16.71 13.20 -37.18
C ARG C 137 16.20 12.39 -38.35
N GLY C 138 15.08 12.83 -38.94
CA GLY C 138 14.48 12.11 -40.03
C GLY C 138 15.18 12.37 -41.35
N HIS C 139 14.76 11.61 -42.37
CA HIS C 139 15.30 11.77 -43.71
C HIS C 139 14.34 11.14 -44.71
N GLY C 140 13.59 11.98 -45.43
CA GLY C 140 12.71 11.50 -46.48
C GLY C 140 13.20 11.91 -47.86
N LYS C 141 13.51 10.93 -48.70
CA LYS C 141 14.06 11.17 -50.03
C LYS C 141 13.05 10.76 -51.08
N ILE C 142 12.77 11.66 -52.02
CA ILE C 142 11.82 11.44 -53.08
C ILE C 142 12.52 11.65 -54.43
N HIS C 143 12.34 10.69 -55.33
CA HIS C 143 12.88 10.76 -56.69
C HIS C 143 11.75 11.16 -57.63
N LEU C 144 11.85 12.35 -58.20
CA LEU C 144 10.82 12.88 -59.08
C LEU C 144 11.20 12.61 -60.53
N GLN C 145 10.27 12.04 -61.28
CA GLN C 145 10.49 11.69 -62.67
C GLN C 145 9.43 12.36 -63.54
N VAL C 146 9.87 12.93 -64.66
CA VAL C 146 9.00 13.68 -65.56
C VAL C 146 8.68 12.78 -66.76
N LEU C 147 7.39 12.59 -67.01
CA LEU C 147 6.95 11.76 -68.11
C LEU C 147 6.55 12.62 -69.30
N MET C 148 6.49 11.99 -70.47
CA MET C 148 6.14 12.69 -71.71
C MET C 148 4.81 13.42 -71.57
#